data_3FOJ
# 
_entry.id   3FOJ 
# 
_audit_conform.dict_name       mmcif_pdbx.dic 
_audit_conform.dict_version    5.399 
_audit_conform.dict_location   http://mmcif.pdb.org/dictionaries/ascii/mmcif_pdbx.dic 
# 
loop_
_database_2.database_id 
_database_2.database_code 
_database_2.pdbx_database_accession 
_database_2.pdbx_DOI 
PDB   3FOJ         pdb_00003foj 10.2210/pdb3foj/pdb 
RCSB  RCSB050845   ?            ?                   
WWPDB D_1000050845 ?            ?                   
# 
loop_
_pdbx_audit_revision_history.ordinal 
_pdbx_audit_revision_history.data_content_type 
_pdbx_audit_revision_history.major_revision 
_pdbx_audit_revision_history.minor_revision 
_pdbx_audit_revision_history.revision_date 
1 'Structure model' 1 0 2009-01-20 
2 'Structure model' 1 1 2011-07-13 
3 'Structure model' 1 2 2024-11-27 
# 
_pdbx_audit_revision_details.ordinal             1 
_pdbx_audit_revision_details.revision_ordinal    1 
_pdbx_audit_revision_details.data_content_type   'Structure model' 
_pdbx_audit_revision_details.provider            repository 
_pdbx_audit_revision_details.type                'Initial release' 
_pdbx_audit_revision_details.description         ? 
_pdbx_audit_revision_details.details             ? 
# 
loop_
_pdbx_audit_revision_group.ordinal 
_pdbx_audit_revision_group.revision_ordinal 
_pdbx_audit_revision_group.data_content_type 
_pdbx_audit_revision_group.group 
1 2 'Structure model' 'Version format compliance' 
2 3 'Structure model' 'Data collection'           
3 3 'Structure model' 'Database references'       
4 3 'Structure model' 'Derived calculations'      
5 3 'Structure model' 'Structure summary'         
# 
loop_
_pdbx_audit_revision_category.ordinal 
_pdbx_audit_revision_category.revision_ordinal 
_pdbx_audit_revision_category.data_content_type 
_pdbx_audit_revision_category.category 
1 3 'Structure model' chem_comp_atom            
2 3 'Structure model' chem_comp_bond            
3 3 'Structure model' database_2                
4 3 'Structure model' pdbx_entry_details        
5 3 'Structure model' pdbx_modification_feature 
6 3 'Structure model' struct_conn               
7 3 'Structure model' struct_site               
# 
loop_
_pdbx_audit_revision_item.ordinal 
_pdbx_audit_revision_item.revision_ordinal 
_pdbx_audit_revision_item.data_content_type 
_pdbx_audit_revision_item.item 
1 3 'Structure model' '_database_2.pdbx_DOI'                
2 3 'Structure model' '_database_2.pdbx_database_accession' 
3 3 'Structure model' '_struct_conn.pdbx_leaving_atom_flag' 
4 3 'Structure model' '_struct_site.pdbx_auth_asym_id'      
5 3 'Structure model' '_struct_site.pdbx_auth_comp_id'      
6 3 'Structure model' '_struct_site.pdbx_auth_seq_id'       
# 
_pdbx_database_status.status_code                     REL 
_pdbx_database_status.entry_id                        3FOJ 
_pdbx_database_status.recvd_initial_deposition_date   2008-12-30 
_pdbx_database_status.deposit_site                    RCSB 
_pdbx_database_status.process_site                    RCSB 
_pdbx_database_status.status_code_sf                  REL 
_pdbx_database_status.status_code_mr                  ? 
_pdbx_database_status.SG_entry                        Y 
_pdbx_database_status.pdb_format_compatible           Y 
_pdbx_database_status.status_code_cs                  ? 
_pdbx_database_status.status_code_nmr_data            ? 
_pdbx_database_status.methods_development_category    ? 
# 
_pdbx_database_related.db_name        TargetDB 
_pdbx_database_related.db_id          SyR101A 
_pdbx_database_related.details        . 
_pdbx_database_related.content_type   unspecified 
# 
loop_
_audit_author.name 
_audit_author.pdbx_ordinal 
'Seetharaman, J.'                                 1  
'Abashidze, M.'                                   2  
'Wang, H.'                                        3  
'Janjua, H.'                                      4  
'Foote, E.L.'                                     5  
'Xiao, R.'                                        6  
'Everett, J.K.'                                   7  
'Acton, T.B.'                                     8  
'Rost, B.'                                        9  
'Montelione, G.T.'                                10 
'Hunt, J.F.'                                      11 
'Tong, L.'                                        12 
'Northeast Structural Genomics Consortium (NESG)' 13 
# 
_citation.id                        primary 
_citation.title                     
'Crystal Structure of SSP1007 From Staphylococcus saprophyticus subsp. saprophyticus. Northeast Structural Genomics Target SyR101A.' 
_citation.journal_abbrev            'To be Published' 
_citation.journal_volume            ? 
_citation.page_first                ? 
_citation.page_last                 ? 
_citation.year                      ? 
_citation.journal_id_ASTM           ? 
_citation.country                   ? 
_citation.journal_id_ISSN           ? 
_citation.journal_id_CSD            0353 
_citation.book_publisher            ? 
_citation.pdbx_database_id_PubMed   ? 
_citation.pdbx_database_id_DOI      ? 
# 
loop_
_citation_author.citation_id 
_citation_author.name 
_citation_author.ordinal 
_citation_author.identifier_ORCID 
primary 'Seetharaman, J.'  1  ? 
primary 'Abashidze, M.'    2  ? 
primary 'Wang, H.'         3  ? 
primary 'Janjua, H.'       4  ? 
primary 'Foote, E.L.'      5  ? 
primary 'Xiao, R.'         6  ? 
primary 'Everett, J.K.'    7  ? 
primary 'Acton, T.B.'      8  ? 
primary 'Rost, B.'         9  ? 
primary 'Montelione, G.T.' 10 ? 
primary 'Hunt, J.F.'       11 ? 
primary 'Tong, L.'         12 ? 
# 
loop_
_entity.id 
_entity.type 
_entity.src_method 
_entity.pdbx_description 
_entity.formula_weight 
_entity.pdbx_number_of_molecules 
_entity.pdbx_ec 
_entity.pdbx_mutation 
_entity.pdbx_fragment 
_entity.details 
1 polymer     man 'uncharacterized protein' 11172.685 1   ? ? ? ? 
2 non-polymer syn 'SODIUM ION'              22.990    1   ? ? ? ? 
3 water       nat water                     18.015    123 ? ? ? ? 
# 
_entity_poly.entity_id                      1 
_entity_poly.type                           'polypeptide(L)' 
_entity_poly.nstd_linkage                   no 
_entity_poly.nstd_monomer                   yes 
_entity_poly.pdbx_seq_one_letter_code       
;(MSE)ESITVTELKEKILDANPVNIVDVRTDQETA(MSE)GIIPGAETIP(MSE)NSIPDNLNYFNDNETYYIICKAGGR
SAQVVQYLEQNGVNAVNVEGG(MSE)DEFGDEGLEH
;
_entity_poly.pdbx_seq_one_letter_code_can   
;MESITVTELKEKILDANPVNIVDVRTDQETAMGIIPGAETIPMNSIPDNLNYFNDNETYYIICKAGGRSAQVVQYLEQNG
VNAVNVEGGMDEFGDEGLEH
;
_entity_poly.pdbx_strand_id                 A 
_entity_poly.pdbx_target_identifier         SyR101A 
# 
loop_
_pdbx_entity_nonpoly.entity_id 
_pdbx_entity_nonpoly.name 
_pdbx_entity_nonpoly.comp_id 
2 'SODIUM ION' NA  
3 water        HOH 
# 
loop_
_entity_poly_seq.entity_id 
_entity_poly_seq.num 
_entity_poly_seq.mon_id 
_entity_poly_seq.hetero 
1 1   MSE n 
1 2   GLU n 
1 3   SER n 
1 4   ILE n 
1 5   THR n 
1 6   VAL n 
1 7   THR n 
1 8   GLU n 
1 9   LEU n 
1 10  LYS n 
1 11  GLU n 
1 12  LYS n 
1 13  ILE n 
1 14  LEU n 
1 15  ASP n 
1 16  ALA n 
1 17  ASN n 
1 18  PRO n 
1 19  VAL n 
1 20  ASN n 
1 21  ILE n 
1 22  VAL n 
1 23  ASP n 
1 24  VAL n 
1 25  ARG n 
1 26  THR n 
1 27  ASP n 
1 28  GLN n 
1 29  GLU n 
1 30  THR n 
1 31  ALA n 
1 32  MSE n 
1 33  GLY n 
1 34  ILE n 
1 35  ILE n 
1 36  PRO n 
1 37  GLY n 
1 38  ALA n 
1 39  GLU n 
1 40  THR n 
1 41  ILE n 
1 42  PRO n 
1 43  MSE n 
1 44  ASN n 
1 45  SER n 
1 46  ILE n 
1 47  PRO n 
1 48  ASP n 
1 49  ASN n 
1 50  LEU n 
1 51  ASN n 
1 52  TYR n 
1 53  PHE n 
1 54  ASN n 
1 55  ASP n 
1 56  ASN n 
1 57  GLU n 
1 58  THR n 
1 59  TYR n 
1 60  TYR n 
1 61  ILE n 
1 62  ILE n 
1 63  CYS n 
1 64  LYS n 
1 65  ALA n 
1 66  GLY n 
1 67  GLY n 
1 68  ARG n 
1 69  SER n 
1 70  ALA n 
1 71  GLN n 
1 72  VAL n 
1 73  VAL n 
1 74  GLN n 
1 75  TYR n 
1 76  LEU n 
1 77  GLU n 
1 78  GLN n 
1 79  ASN n 
1 80  GLY n 
1 81  VAL n 
1 82  ASN n 
1 83  ALA n 
1 84  VAL n 
1 85  ASN n 
1 86  VAL n 
1 87  GLU n 
1 88  GLY n 
1 89  GLY n 
1 90  MSE n 
1 91  ASP n 
1 92  GLU n 
1 93  PHE n 
1 94  GLY n 
1 95  ASP n 
1 96  GLU n 
1 97  GLY n 
1 98  LEU n 
1 99  GLU n 
1 100 HIS n 
# 
_entity_src_gen.entity_id                          1 
_entity_src_gen.pdbx_src_id                        1 
_entity_src_gen.pdbx_alt_source_flag               sample 
_entity_src_gen.pdbx_seq_type                      ? 
_entity_src_gen.pdbx_beg_seq_num                   ? 
_entity_src_gen.pdbx_end_seq_num                   ? 
_entity_src_gen.gene_src_common_name               ? 
_entity_src_gen.gene_src_genus                     ? 
_entity_src_gen.pdbx_gene_src_gene                 SSP1007 
_entity_src_gen.gene_src_species                   ? 
_entity_src_gen.gene_src_strain                    ? 
_entity_src_gen.gene_src_tissue                    ? 
_entity_src_gen.gene_src_tissue_fraction           ? 
_entity_src_gen.gene_src_details                   ? 
_entity_src_gen.pdbx_gene_src_fragment             ? 
_entity_src_gen.pdbx_gene_src_scientific_name      'Staphylococcus saprophyticus subsp. saprophyticus ATCC 15305' 
_entity_src_gen.pdbx_gene_src_ncbi_taxonomy_id     342451 
_entity_src_gen.pdbx_gene_src_variant              ? 
_entity_src_gen.pdbx_gene_src_cell_line            ? 
_entity_src_gen.pdbx_gene_src_atcc                 ? 
_entity_src_gen.pdbx_gene_src_organ                ? 
_entity_src_gen.pdbx_gene_src_organelle            ? 
_entity_src_gen.pdbx_gene_src_cell                 ? 
_entity_src_gen.pdbx_gene_src_cellular_location    ? 
_entity_src_gen.host_org_common_name               ? 
_entity_src_gen.pdbx_host_org_scientific_name      'Escherichia coli' 
_entity_src_gen.pdbx_host_org_ncbi_taxonomy_id     562 
_entity_src_gen.host_org_genus                     ? 
_entity_src_gen.pdbx_host_org_gene                 ? 
_entity_src_gen.pdbx_host_org_organ                ? 
_entity_src_gen.host_org_species                   ? 
_entity_src_gen.pdbx_host_org_tissue               ? 
_entity_src_gen.pdbx_host_org_tissue_fraction      ? 
_entity_src_gen.pdbx_host_org_strain               ? 
_entity_src_gen.pdbx_host_org_variant              ? 
_entity_src_gen.pdbx_host_org_cell_line            ? 
_entity_src_gen.pdbx_host_org_atcc                 ? 
_entity_src_gen.pdbx_host_org_culture_collection   ? 
_entity_src_gen.pdbx_host_org_cell                 ? 
_entity_src_gen.pdbx_host_org_organelle            ? 
_entity_src_gen.pdbx_host_org_cellular_location    ? 
_entity_src_gen.pdbx_host_org_vector_type          ? 
_entity_src_gen.pdbx_host_org_vector               ? 
_entity_src_gen.host_org_details                   ? 
_entity_src_gen.expression_system_id               ? 
_entity_src_gen.plasmid_name                       ? 
_entity_src_gen.plasmid_details                    ? 
_entity_src_gen.pdbx_description                   ? 
# 
loop_
_chem_comp.id 
_chem_comp.type 
_chem_comp.mon_nstd_flag 
_chem_comp.name 
_chem_comp.pdbx_synonyms 
_chem_comp.formula 
_chem_comp.formula_weight 
ALA 'L-peptide linking' y ALANINE          ? 'C3 H7 N O2'     89.093  
ARG 'L-peptide linking' y ARGININE         ? 'C6 H15 N4 O2 1' 175.209 
ASN 'L-peptide linking' y ASPARAGINE       ? 'C4 H8 N2 O3'    132.118 
ASP 'L-peptide linking' y 'ASPARTIC ACID'  ? 'C4 H7 N O4'     133.103 
CYS 'L-peptide linking' y CYSTEINE         ? 'C3 H7 N O2 S'   121.158 
GLN 'L-peptide linking' y GLUTAMINE        ? 'C5 H10 N2 O3'   146.144 
GLU 'L-peptide linking' y 'GLUTAMIC ACID'  ? 'C5 H9 N O4'     147.129 
GLY 'peptide linking'   y GLYCINE          ? 'C2 H5 N O2'     75.067  
HIS 'L-peptide linking' y HISTIDINE        ? 'C6 H10 N3 O2 1' 156.162 
HOH non-polymer         . WATER            ? 'H2 O'           18.015  
ILE 'L-peptide linking' y ISOLEUCINE       ? 'C6 H13 N O2'    131.173 
LEU 'L-peptide linking' y LEUCINE          ? 'C6 H13 N O2'    131.173 
LYS 'L-peptide linking' y LYSINE           ? 'C6 H15 N2 O2 1' 147.195 
MSE 'L-peptide linking' n SELENOMETHIONINE ? 'C5 H11 N O2 Se' 196.106 
NA  non-polymer         . 'SODIUM ION'     ? 'Na 1'           22.990  
PHE 'L-peptide linking' y PHENYLALANINE    ? 'C9 H11 N O2'    165.189 
PRO 'L-peptide linking' y PROLINE          ? 'C5 H9 N O2'     115.130 
SER 'L-peptide linking' y SERINE           ? 'C3 H7 N O3'     105.093 
THR 'L-peptide linking' y THREONINE        ? 'C4 H9 N O3'     119.119 
TYR 'L-peptide linking' y TYROSINE         ? 'C9 H11 N O3'    181.189 
VAL 'L-peptide linking' y VALINE           ? 'C5 H11 N O2'    117.146 
# 
loop_
_pdbx_poly_seq_scheme.asym_id 
_pdbx_poly_seq_scheme.entity_id 
_pdbx_poly_seq_scheme.seq_id 
_pdbx_poly_seq_scheme.mon_id 
_pdbx_poly_seq_scheme.ndb_seq_num 
_pdbx_poly_seq_scheme.pdb_seq_num 
_pdbx_poly_seq_scheme.auth_seq_num 
_pdbx_poly_seq_scheme.pdb_mon_id 
_pdbx_poly_seq_scheme.auth_mon_id 
_pdbx_poly_seq_scheme.pdb_strand_id 
_pdbx_poly_seq_scheme.pdb_ins_code 
_pdbx_poly_seq_scheme.hetero 
A 1 1   MSE 1   1   1   MSE MSE A . n 
A 1 2   GLU 2   2   2   GLU GLU A . n 
A 1 3   SER 3   3   3   SER SER A . n 
A 1 4   ILE 4   4   4   ILE ILE A . n 
A 1 5   THR 5   5   5   THR THR A . n 
A 1 6   VAL 6   6   6   VAL VAL A . n 
A 1 7   THR 7   7   7   THR THR A . n 
A 1 8   GLU 8   8   8   GLU GLU A . n 
A 1 9   LEU 9   9   9   LEU LEU A . n 
A 1 10  LYS 10  10  10  LYS LYS A . n 
A 1 11  GLU 11  11  11  GLU GLU A . n 
A 1 12  LYS 12  12  12  LYS LYS A . n 
A 1 13  ILE 13  13  13  ILE ILE A . n 
A 1 14  LEU 14  14  14  LEU LEU A . n 
A 1 15  ASP 15  15  15  ASP ASP A . n 
A 1 16  ALA 16  16  16  ALA ALA A . n 
A 1 17  ASN 17  17  17  ASN ASN A . n 
A 1 18  PRO 18  18  18  PRO PRO A . n 
A 1 19  VAL 19  19  19  VAL VAL A . n 
A 1 20  ASN 20  20  20  ASN ASN A . n 
A 1 21  ILE 21  21  21  ILE ILE A . n 
A 1 22  VAL 22  22  22  VAL VAL A . n 
A 1 23  ASP 23  23  23  ASP ASP A . n 
A 1 24  VAL 24  24  24  VAL VAL A . n 
A 1 25  ARG 25  25  25  ARG ARG A . n 
A 1 26  THR 26  26  26  THR THR A . n 
A 1 27  ASP 27  27  27  ASP ASP A . n 
A 1 28  GLN 28  28  28  GLN GLN A . n 
A 1 29  GLU 29  29  29  GLU GLU A . n 
A 1 30  THR 30  30  30  THR THR A . n 
A 1 31  ALA 31  31  31  ALA ALA A . n 
A 1 32  MSE 32  32  32  MSE MSE A . n 
A 1 33  GLY 33  33  33  GLY GLY A . n 
A 1 34  ILE 34  34  34  ILE ILE A . n 
A 1 35  ILE 35  35  35  ILE ILE A . n 
A 1 36  PRO 36  36  36  PRO PRO A . n 
A 1 37  GLY 37  37  37  GLY GLY A . n 
A 1 38  ALA 38  38  38  ALA ALA A . n 
A 1 39  GLU 39  39  39  GLU GLU A . n 
A 1 40  THR 40  40  40  THR THR A . n 
A 1 41  ILE 41  41  41  ILE ILE A . n 
A 1 42  PRO 42  42  42  PRO PRO A . n 
A 1 43  MSE 43  43  43  MSE MSE A . n 
A 1 44  ASN 44  44  44  ASN ASN A . n 
A 1 45  SER 45  45  45  SER SER A . n 
A 1 46  ILE 46  46  46  ILE ILE A . n 
A 1 47  PRO 47  47  47  PRO PRO A . n 
A 1 48  ASP 48  48  48  ASP ASP A . n 
A 1 49  ASN 49  49  49  ASN ASN A . n 
A 1 50  LEU 50  50  50  LEU LEU A . n 
A 1 51  ASN 51  51  51  ASN ASN A . n 
A 1 52  TYR 52  52  52  TYR TYR A . n 
A 1 53  PHE 53  53  53  PHE PHE A . n 
A 1 54  ASN 54  54  54  ASN ASN A . n 
A 1 55  ASP 55  55  55  ASP ASP A . n 
A 1 56  ASN 56  56  56  ASN ASN A . n 
A 1 57  GLU 57  57  57  GLU GLU A . n 
A 1 58  THR 58  58  58  THR THR A . n 
A 1 59  TYR 59  59  59  TYR TYR A . n 
A 1 60  TYR 60  60  60  TYR TYR A . n 
A 1 61  ILE 61  61  61  ILE ILE A . n 
A 1 62  ILE 62  62  62  ILE ILE A . n 
A 1 63  CYS 63  63  63  CYS CYS A . n 
A 1 64  LYS 64  64  64  LYS LYS A . n 
A 1 65  ALA 65  65  65  ALA ALA A . n 
A 1 66  GLY 66  66  66  GLY GLY A . n 
A 1 67  GLY 67  67  67  GLY GLY A . n 
A 1 68  ARG 68  68  68  ARG ARG A . n 
A 1 69  SER 69  69  69  SER SER A . n 
A 1 70  ALA 70  70  70  ALA ALA A . n 
A 1 71  GLN 71  71  71  GLN GLN A . n 
A 1 72  VAL 72  72  72  VAL VAL A . n 
A 1 73  VAL 73  73  73  VAL VAL A . n 
A 1 74  GLN 74  74  74  GLN GLN A . n 
A 1 75  TYR 75  75  75  TYR TYR A . n 
A 1 76  LEU 76  76  76  LEU LEU A . n 
A 1 77  GLU 77  77  77  GLU GLU A . n 
A 1 78  GLN 78  78  78  GLN GLN A . n 
A 1 79  ASN 79  79  79  ASN ASN A . n 
A 1 80  GLY 80  80  80  GLY GLY A . n 
A 1 81  VAL 81  81  81  VAL VAL A . n 
A 1 82  ASN 82  82  82  ASN ASN A . n 
A 1 83  ALA 83  83  83  ALA ALA A . n 
A 1 84  VAL 84  84  84  VAL VAL A . n 
A 1 85  ASN 85  85  85  ASN ASN A . n 
A 1 86  VAL 86  86  86  VAL VAL A . n 
A 1 87  GLU 87  87  87  GLU GLU A . n 
A 1 88  GLY 88  88  88  GLY GLY A . n 
A 1 89  GLY 89  89  89  GLY GLY A . n 
A 1 90  MSE 90  90  90  MSE MSE A . n 
A 1 91  ASP 91  91  91  ASP ASP A . n 
A 1 92  GLU 92  92  92  GLU GLU A . n 
A 1 93  PHE 93  93  93  PHE PHE A . n 
A 1 94  GLY 94  94  94  GLY GLY A . n 
A 1 95  ASP 95  95  95  ASP ASP A . n 
A 1 96  GLU 96  96  96  GLU GLU A . n 
A 1 97  GLY 97  97  97  GLY GLY A . n 
A 1 98  LEU 98  98  98  LEU LEU A . n 
A 1 99  GLU 99  99  99  GLU GLU A . n 
A 1 100 HIS 100 100 100 HIS HIS A . n 
# 
loop_
_pdbx_nonpoly_scheme.asym_id 
_pdbx_nonpoly_scheme.entity_id 
_pdbx_nonpoly_scheme.mon_id 
_pdbx_nonpoly_scheme.ndb_seq_num 
_pdbx_nonpoly_scheme.pdb_seq_num 
_pdbx_nonpoly_scheme.auth_seq_num 
_pdbx_nonpoly_scheme.pdb_mon_id 
_pdbx_nonpoly_scheme.auth_mon_id 
_pdbx_nonpoly_scheme.pdb_strand_id 
_pdbx_nonpoly_scheme.pdb_ins_code 
B 2 NA  1   101 1   NA  NA  A . 
C 3 HOH 1   102 102 HOH TIP A . 
C 3 HOH 2   103 103 HOH TIP A . 
C 3 HOH 3   104 104 HOH TIP A . 
C 3 HOH 4   105 105 HOH TIP A . 
C 3 HOH 5   106 106 HOH TIP A . 
C 3 HOH 6   107 107 HOH TIP A . 
C 3 HOH 7   108 108 HOH TIP A . 
C 3 HOH 8   109 109 HOH TIP A . 
C 3 HOH 9   110 110 HOH TIP A . 
C 3 HOH 10  111 111 HOH TIP A . 
C 3 HOH 11  112 112 HOH TIP A . 
C 3 HOH 12  113 113 HOH TIP A . 
C 3 HOH 13  114 114 HOH TIP A . 
C 3 HOH 14  115 115 HOH TIP A . 
C 3 HOH 15  116 116 HOH TIP A . 
C 3 HOH 16  117 117 HOH TIP A . 
C 3 HOH 17  118 118 HOH TIP A . 
C 3 HOH 18  119 119 HOH TIP A . 
C 3 HOH 19  120 120 HOH TIP A . 
C 3 HOH 20  121 121 HOH TIP A . 
C 3 HOH 21  122 122 HOH TIP A . 
C 3 HOH 22  123 123 HOH TIP A . 
C 3 HOH 23  124 124 HOH TIP A . 
C 3 HOH 24  125 2   HOH TIP A . 
C 3 HOH 25  126 3   HOH TIP A . 
C 3 HOH 26  127 4   HOH TIP A . 
C 3 HOH 27  128 5   HOH TIP A . 
C 3 HOH 28  129 6   HOH TIP A . 
C 3 HOH 29  130 7   HOH TIP A . 
C 3 HOH 30  131 8   HOH TIP A . 
C 3 HOH 31  132 9   HOH TIP A . 
C 3 HOH 32  133 10  HOH TIP A . 
C 3 HOH 33  134 11  HOH TIP A . 
C 3 HOH 34  135 12  HOH TIP A . 
C 3 HOH 35  136 13  HOH TIP A . 
C 3 HOH 36  137 14  HOH TIP A . 
C 3 HOH 37  138 15  HOH TIP A . 
C 3 HOH 38  139 16  HOH TIP A . 
C 3 HOH 39  140 17  HOH TIP A . 
C 3 HOH 40  141 18  HOH TIP A . 
C 3 HOH 41  142 19  HOH TIP A . 
C 3 HOH 42  143 20  HOH TIP A . 
C 3 HOH 43  144 21  HOH TIP A . 
C 3 HOH 44  145 22  HOH TIP A . 
C 3 HOH 45  146 23  HOH TIP A . 
C 3 HOH 46  147 24  HOH TIP A . 
C 3 HOH 47  148 25  HOH TIP A . 
C 3 HOH 48  149 26  HOH TIP A . 
C 3 HOH 49  150 27  HOH TIP A . 
C 3 HOH 50  151 28  HOH TIP A . 
C 3 HOH 51  152 29  HOH TIP A . 
C 3 HOH 52  153 30  HOH TIP A . 
C 3 HOH 53  154 31  HOH TIP A . 
C 3 HOH 54  155 32  HOH TIP A . 
C 3 HOH 55  156 33  HOH TIP A . 
C 3 HOH 56  157 34  HOH TIP A . 
C 3 HOH 57  158 35  HOH TIP A . 
C 3 HOH 58  159 36  HOH TIP A . 
C 3 HOH 59  160 37  HOH TIP A . 
C 3 HOH 60  161 38  HOH TIP A . 
C 3 HOH 61  162 39  HOH TIP A . 
C 3 HOH 62  163 40  HOH TIP A . 
C 3 HOH 63  164 41  HOH TIP A . 
C 3 HOH 64  165 42  HOH TIP A . 
C 3 HOH 65  166 43  HOH TIP A . 
C 3 HOH 66  167 44  HOH TIP A . 
C 3 HOH 67  168 45  HOH TIP A . 
C 3 HOH 68  169 46  HOH TIP A . 
C 3 HOH 69  170 47  HOH TIP A . 
C 3 HOH 70  171 48  HOH TIP A . 
C 3 HOH 71  172 49  HOH TIP A . 
C 3 HOH 72  173 50  HOH TIP A . 
C 3 HOH 73  174 51  HOH TIP A . 
C 3 HOH 74  175 52  HOH TIP A . 
C 3 HOH 75  176 53  HOH TIP A . 
C 3 HOH 76  177 54  HOH TIP A . 
C 3 HOH 77  178 55  HOH TIP A . 
C 3 HOH 78  179 56  HOH TIP A . 
C 3 HOH 79  180 57  HOH TIP A . 
C 3 HOH 80  181 58  HOH TIP A . 
C 3 HOH 81  182 59  HOH TIP A . 
C 3 HOH 82  183 60  HOH TIP A . 
C 3 HOH 83  184 61  HOH TIP A . 
C 3 HOH 84  185 62  HOH TIP A . 
C 3 HOH 85  186 63  HOH TIP A . 
C 3 HOH 86  187 64  HOH TIP A . 
C 3 HOH 87  188 65  HOH TIP A . 
C 3 HOH 88  189 66  HOH TIP A . 
C 3 HOH 89  190 67  HOH TIP A . 
C 3 HOH 90  191 68  HOH TIP A . 
C 3 HOH 91  192 69  HOH TIP A . 
C 3 HOH 92  193 70  HOH TIP A . 
C 3 HOH 93  194 71  HOH TIP A . 
C 3 HOH 94  195 72  HOH TIP A . 
C 3 HOH 95  196 73  HOH TIP A . 
C 3 HOH 96  197 74  HOH TIP A . 
C 3 HOH 97  198 75  HOH TIP A . 
C 3 HOH 98  199 76  HOH TIP A . 
C 3 HOH 99  200 77  HOH TIP A . 
C 3 HOH 100 201 78  HOH TIP A . 
C 3 HOH 101 202 79  HOH TIP A . 
C 3 HOH 102 203 80  HOH TIP A . 
C 3 HOH 103 204 81  HOH TIP A . 
C 3 HOH 104 205 82  HOH TIP A . 
C 3 HOH 105 206 83  HOH TIP A . 
C 3 HOH 106 207 84  HOH TIP A . 
C 3 HOH 107 208 85  HOH TIP A . 
C 3 HOH 108 209 86  HOH TIP A . 
C 3 HOH 109 210 87  HOH TIP A . 
C 3 HOH 110 211 88  HOH TIP A . 
C 3 HOH 111 212 89  HOH TIP A . 
C 3 HOH 112 213 90  HOH TIP A . 
C 3 HOH 113 214 91  HOH TIP A . 
C 3 HOH 114 215 92  HOH TIP A . 
C 3 HOH 115 216 93  HOH TIP A . 
C 3 HOH 116 217 94  HOH TIP A . 
C 3 HOH 117 218 95  HOH TIP A . 
C 3 HOH 118 219 96  HOH TIP A . 
C 3 HOH 119 220 97  HOH TIP A . 
C 3 HOH 120 221 98  HOH TIP A . 
C 3 HOH 121 222 99  HOH TIP A . 
C 3 HOH 122 223 100 HOH TIP A . 
C 3 HOH 123 224 101 HOH TIP A . 
# 
loop_
_software.name 
_software.classification 
_software.version 
_software.citation_id 
_software.pdbx_ordinal 
ADSC     'data collection' Quantum ? 1 
SHELXS   phasing           .       ? 2 
CNS      refinement        1.2     ? 3 
HKL-2000 'data reduction'  .       ? 4 
HKL-2000 'data scaling'    .       ? 5 
# 
_cell.entry_id           3FOJ 
_cell.length_a           30.692 
_cell.length_b           42.130 
_cell.length_c           58.855 
_cell.angle_alpha        90.00 
_cell.angle_beta         90.00 
_cell.angle_gamma        90.00 
_cell.Z_PDB              4 
_cell.pdbx_unique_axis   ? 
_cell.length_a_esd       ? 
_cell.length_b_esd       ? 
_cell.length_c_esd       ? 
_cell.angle_alpha_esd    ? 
_cell.angle_beta_esd     ? 
_cell.angle_gamma_esd    ? 
# 
_symmetry.entry_id                         3FOJ 
_symmetry.space_group_name_H-M             'P 21 21 21' 
_symmetry.pdbx_full_space_group_name_H-M   ? 
_symmetry.cell_setting                     ? 
_symmetry.Int_Tables_number                19 
_symmetry.space_group_name_Hall            ? 
# 
_exptl.entry_id          3FOJ 
_exptl.method            'X-RAY DIFFRACTION' 
_exptl.crystals_number   1 
# 
_exptl_crystal.id                    1 
_exptl_crystal.density_meas          ? 
_exptl_crystal.density_Matthews      1.70 
_exptl_crystal.density_percent_sol   27.77 
_exptl_crystal.description           ? 
_exptl_crystal.F_000                 ? 
_exptl_crystal.preparation           ? 
# 
_exptl_crystal_grow.crystal_id      1 
_exptl_crystal_grow.method          'VAPOR DIFFUSION, SITTING DROP' 
_exptl_crystal_grow.temp            293 
_exptl_crystal_grow.temp_details    ? 
_exptl_crystal_grow.pH              5 
_exptl_crystal_grow.pdbx_details    
'150mM MgSO4, 100 MM Na3 Citrate, 20%  PEG3350, VAPOR DIFFUSION, SITTING DROP, temperature 293K' 
_exptl_crystal_grow.pdbx_pH_range   ? 
# 
_diffrn.id                     1 
_diffrn.ambient_temp           100 
_diffrn.ambient_temp_details   ? 
_diffrn.crystal_id             1 
# 
_diffrn_detector.diffrn_id              1 
_diffrn_detector.detector               CCD 
_diffrn_detector.type                   'ADSC QUANTUM 4' 
_diffrn_detector.pdbx_collection_date   2008-11-28 
_diffrn_detector.details                ? 
# 
_diffrn_radiation.diffrn_id                        1 
_diffrn_radiation.wavelength_id                    1 
_diffrn_radiation.pdbx_monochromatic_or_laue_m_l   M 
_diffrn_radiation.monochromator                    ? 
_diffrn_radiation.pdbx_diffrn_protocol             'SINGLE WAVELENGTH' 
_diffrn_radiation.pdbx_scattering_type             x-ray 
# 
_diffrn_radiation_wavelength.id           1 
_diffrn_radiation_wavelength.wavelength   0.979 
_diffrn_radiation_wavelength.wt           1.0 
# 
_diffrn_source.diffrn_id                   1 
_diffrn_source.source                      SYNCHROTRON 
_diffrn_source.type                        'NSLS BEAMLINE X4A' 
_diffrn_source.pdbx_synchrotron_site       NSLS 
_diffrn_source.pdbx_synchrotron_beamline   X4A 
_diffrn_source.pdbx_wavelength             ? 
_diffrn_source.pdbx_wavelength_list        0.979 
# 
_reflns.entry_id                     3FOJ 
_reflns.observed_criterion_sigma_I   0 
_reflns.observed_criterion_sigma_F   0 
_reflns.d_resolution_low             50 
_reflns.d_resolution_high            1.6 
_reflns.number_obs                   19428 
_reflns.number_all                   ? 
_reflns.percent_possible_obs         99.7 
_reflns.pdbx_Rmerge_I_obs            0.076 
_reflns.pdbx_Rsym_value              ? 
_reflns.pdbx_netI_over_sigmaI        17.2 
_reflns.B_iso_Wilson_estimate        18.4 
_reflns.pdbx_redundancy              6.1 
_reflns.R_free_details               ? 
_reflns.limit_h_max                  ? 
_reflns.limit_h_min                  ? 
_reflns.limit_k_max                  ? 
_reflns.limit_k_min                  ? 
_reflns.limit_l_max                  ? 
_reflns.limit_l_min                  ? 
_reflns.observed_criterion_F_max     ? 
_reflns.observed_criterion_F_min     ? 
_reflns.pdbx_chi_squared             ? 
_reflns.pdbx_scaling_rejects         ? 
_reflns.pdbx_diffrn_id               1 
_reflns.pdbx_ordinal                 1 
# 
_reflns_shell.d_res_high             1.60 
_reflns_shell.d_res_low              1.66 
_reflns_shell.percent_possible_all   99.4 
_reflns_shell.Rmerge_I_obs           ? 
_reflns_shell.pdbx_Rsym_value        0.36 
_reflns_shell.meanI_over_sigI_obs    16.0 
_reflns_shell.pdbx_redundancy        6.0 
_reflns_shell.percent_possible_obs   ? 
_reflns_shell.number_unique_all      1907 
_reflns_shell.number_measured_all    ? 
_reflns_shell.number_measured_obs    ? 
_reflns_shell.number_unique_obs      ? 
_reflns_shell.pdbx_chi_squared       ? 
_reflns_shell.pdbx_diffrn_id         ? 
_reflns_shell.pdbx_ordinal           1 
# 
_refine.entry_id                                 3FOJ 
_refine.ls_number_reflns_obs                     18913 
_refine.ls_number_reflns_all                     ? 
_refine.pdbx_ls_sigma_I                          ? 
_refine.pdbx_ls_sigma_F                          0.0 
_refine.pdbx_data_cutoff_high_absF               119624.42 
_refine.pdbx_data_cutoff_low_absF                0.000000 
_refine.pdbx_data_cutoff_high_rms_absF           ? 
_refine.ls_d_res_low                             27.21 
_refine.ls_d_res_high                            1.60 
_refine.ls_percent_reflns_obs                    97.0 
_refine.ls_R_factor_obs                          0.194 
_refine.ls_R_factor_all                          ? 
_refine.ls_R_factor_R_work                       0.194 
_refine.ls_R_factor_R_free                       0.235 
_refine.ls_R_factor_R_free_error                 0.008 
_refine.ls_R_factor_R_free_error_details         ? 
_refine.ls_percent_reflns_R_free                 5.0 
_refine.ls_number_reflns_R_free                  951 
_refine.ls_number_parameters                     ? 
_refine.ls_number_restraints                     ? 
_refine.occupancy_min                            ? 
_refine.occupancy_max                            ? 
_refine.correlation_coeff_Fo_to_Fc               ? 
_refine.correlation_coeff_Fo_to_Fc_free          ? 
_refine.B_iso_mean                               18.1 
_refine.aniso_B[1][1]                            1.53 
_refine.aniso_B[2][2]                            -0.05 
_refine.aniso_B[3][3]                            -1.48 
_refine.aniso_B[1][2]                            0.00 
_refine.aniso_B[1][3]                            0.00 
_refine.aniso_B[2][3]                            0.00 
_refine.solvent_model_details                    'FLAT MODEL' 
_refine.solvent_model_param_ksol                 0.4 
_refine.solvent_model_param_bsol                 42.7996 
_refine.pdbx_solvent_vdw_probe_radii             ? 
_refine.pdbx_solvent_ion_probe_radii             ? 
_refine.pdbx_solvent_shrinkage_radii             ? 
_refine.pdbx_ls_cross_valid_method               THROUGHOUT 
_refine.details                                  'BULK SOLVENT MODEL USED' 
_refine.pdbx_starting_model                      ? 
_refine.pdbx_method_to_determine_struct          SAD 
_refine.pdbx_isotropic_thermal_model             RESTRAINED 
_refine.pdbx_stereochemistry_target_values       'Engh & Huber' 
_refine.pdbx_stereochem_target_val_spec_case     ? 
_refine.pdbx_R_Free_selection_details            RANDOM 
_refine.pdbx_overall_ESU_R                       ? 
_refine.pdbx_overall_ESU_R_Free                  ? 
_refine.overall_SU_ML                            ? 
_refine.overall_SU_B                             ? 
_refine.ls_redundancy_reflns_obs                 ? 
_refine.B_iso_min                                ? 
_refine.B_iso_max                                ? 
_refine.overall_SU_R_Cruickshank_DPI             ? 
_refine.overall_SU_R_free                        ? 
_refine.ls_wR_factor_R_free                      ? 
_refine.ls_wR_factor_R_work                      ? 
_refine.overall_FOM_free_R_set                   ? 
_refine.overall_FOM_work_R_set                   ? 
_refine.pdbx_overall_phase_error                 ? 
_refine.pdbx_refine_id                           'X-RAY DIFFRACTION' 
_refine.pdbx_diffrn_id                           1 
_refine.pdbx_TLS_residual_ADP_flag               ? 
_refine.pdbx_overall_SU_R_free_Cruickshank_DPI   ? 
_refine.pdbx_overall_SU_R_Blow_DPI               ? 
_refine.pdbx_overall_SU_R_free_Blow_DPI          ? 
# 
_refine_analyze.entry_id                        3FOJ 
_refine_analyze.Luzzati_coordinate_error_obs    0.17 
_refine_analyze.Luzzati_sigma_a_obs             0.07 
_refine_analyze.Luzzati_d_res_low_obs           5.00 
_refine_analyze.Luzzati_coordinate_error_free   0.20 
_refine_analyze.Luzzati_sigma_a_free            0.02 
_refine_analyze.Luzzati_d_res_low_free          ? 
_refine_analyze.number_disordered_residues      ? 
_refine_analyze.occupancy_sum_hydrogen          ? 
_refine_analyze.occupancy_sum_non_hydrogen      ? 
_refine_analyze.pdbx_Luzzati_d_res_high_obs     ? 
_refine_analyze.pdbx_refine_id                  'X-RAY DIFFRACTION' 
# 
_refine_hist.pdbx_refine_id                   'X-RAY DIFFRACTION' 
_refine_hist.cycle_id                         LAST 
_refine_hist.pdbx_number_atoms_protein        768 
_refine_hist.pdbx_number_atoms_nucleic_acid   0 
_refine_hist.pdbx_number_atoms_ligand         1 
_refine_hist.number_atoms_solvent             123 
_refine_hist.number_atoms_total               892 
_refine_hist.d_res_high                       1.60 
_refine_hist.d_res_low                        27.21 
# 
loop_
_refine_ls_restr.type 
_refine_ls_restr.dev_ideal 
_refine_ls_restr.dev_ideal_target 
_refine_ls_restr.weight 
_refine_ls_restr.number 
_refine_ls_restr.pdbx_refine_id 
_refine_ls_restr.pdbx_restraint_function 
c_bond_d           0.004 ?    ? ? 'X-RAY DIFFRACTION' ? 
c_angle_deg        1.2   ?    ? ? 'X-RAY DIFFRACTION' ? 
c_dihedral_angle_d 23.1  ?    ? ? 'X-RAY DIFFRACTION' ? 
c_improper_angle_d 0.75  ?    ? ? 'X-RAY DIFFRACTION' ? 
c_mcbond_it        1.13  1.50 ? ? 'X-RAY DIFFRACTION' ? 
c_mcangle_it       1.72  2.00 ? ? 'X-RAY DIFFRACTION' ? 
c_scbond_it        2.57  2.00 ? ? 'X-RAY DIFFRACTION' ? 
c_scangle_it       3.55  2.50 ? ? 'X-RAY DIFFRACTION' ? 
# 
_refine_ls_shell.pdbx_total_number_of_bins_used   6 
_refine_ls_shell.d_res_high                       1.60 
_refine_ls_shell.d_res_low                        1.69 
_refine_ls_shell.number_reflns_R_work             0 
_refine_ls_shell.R_factor_R_work                  0.243 
_refine_ls_shell.percent_reflns_obs               0.99 
_refine_ls_shell.R_factor_R_free                  ? 
_refine_ls_shell.R_factor_R_free_error            ? 
_refine_ls_shell.percent_reflns_R_free            ? 
_refine_ls_shell.number_reflns_R_free             ? 
_refine_ls_shell.number_reflns_all                ? 
_refine_ls_shell.R_factor_all                     ? 
_refine_ls_shell.number_reflns_obs                ? 
_refine_ls_shell.redundancy_reflns_obs            ? 
_refine_ls_shell.pdbx_refine_id                   'X-RAY DIFFRACTION' 
# 
loop_
_pdbx_xplor_file.serial_no 
_pdbx_xplor_file.param_file 
_pdbx_xplor_file.topol_file 
_pdbx_xplor_file.pdbx_refine_id 
1 protein_rep.param protein.top 'X-RAY DIFFRACTION' 
2 water_rep.param   water.top   'X-RAY DIFFRACTION' 
3 ion.param         ion.top     'X-RAY DIFFRACTION' 
# 
_struct.entry_id                  3FOJ 
_struct.title                     
'Crystal Structure of SSP1007 From Staphylococcus saprophyticus subsp. saprophyticus. Northeast Structural Genomics Target SyR101A.' 
_struct.pdbx_model_details        ? 
_struct.pdbx_CASP_flag            ? 
_struct.pdbx_model_type_details   ? 
# 
_struct_keywords.entry_id        3FOJ 
_struct_keywords.pdbx_keywords   'structural genomics, unknown function' 
_struct_keywords.text            
;protein SSP1007, Structural Genomics, PSI-2, Protein Structure Initiative, Northeast Structural Genomics Consortium, NESG, unknown function
;
# 
loop_
_struct_asym.id 
_struct_asym.pdbx_blank_PDB_chainid_flag 
_struct_asym.pdbx_modified 
_struct_asym.entity_id 
_struct_asym.details 
A N N 1 ? 
B N N 2 ? 
C N N 3 ? 
# 
_struct_ref.id                         1 
_struct_ref.db_name                    UNP 
_struct_ref.db_code                    Q49YI7_STAS1 
_struct_ref.pdbx_db_accession          Q49YI7 
_struct_ref.entity_id                  1 
_struct_ref.pdbx_seq_one_letter_code   
;MESITVTELKEKILDANPVNIVDVRTDQETAMGIIPGAETIPMNSIPDNLNYFNDNETYYIICKAGGRSAQVVQYLEQNG
VNAVNVEGGMDEFGDEG
;
_struct_ref.pdbx_align_begin           1 
_struct_ref.pdbx_db_isoform            ? 
# 
_struct_ref_seq.align_id                      1 
_struct_ref_seq.ref_id                        1 
_struct_ref_seq.pdbx_PDB_id_code              3FOJ 
_struct_ref_seq.pdbx_strand_id                A 
_struct_ref_seq.seq_align_beg                 1 
_struct_ref_seq.pdbx_seq_align_beg_ins_code   ? 
_struct_ref_seq.seq_align_end                 97 
_struct_ref_seq.pdbx_seq_align_end_ins_code   ? 
_struct_ref_seq.pdbx_db_accession             Q49YI7 
_struct_ref_seq.db_align_beg                  1 
_struct_ref_seq.pdbx_db_align_beg_ins_code    ? 
_struct_ref_seq.db_align_end                  97 
_struct_ref_seq.pdbx_db_align_end_ins_code    ? 
_struct_ref_seq.pdbx_auth_seq_align_beg       1 
_struct_ref_seq.pdbx_auth_seq_align_end       97 
# 
loop_
_struct_ref_seq_dif.align_id 
_struct_ref_seq_dif.pdbx_pdb_id_code 
_struct_ref_seq_dif.mon_id 
_struct_ref_seq_dif.pdbx_pdb_strand_id 
_struct_ref_seq_dif.seq_num 
_struct_ref_seq_dif.pdbx_pdb_ins_code 
_struct_ref_seq_dif.pdbx_seq_db_name 
_struct_ref_seq_dif.pdbx_seq_db_accession_code 
_struct_ref_seq_dif.db_mon_id 
_struct_ref_seq_dif.pdbx_seq_db_seq_num 
_struct_ref_seq_dif.details 
_struct_ref_seq_dif.pdbx_auth_seq_num 
_struct_ref_seq_dif.pdbx_ordinal 
1 3FOJ LEU A 98  ? UNP Q49YI7 ? ? 'expression tag' 98  1 
1 3FOJ GLU A 99  ? UNP Q49YI7 ? ? 'expression tag' 99  2 
1 3FOJ HIS A 100 ? UNP Q49YI7 ? ? 'expression tag' 100 3 
# 
_pdbx_struct_assembly.id                   1 
_pdbx_struct_assembly.details              author_and_software_defined_assembly 
_pdbx_struct_assembly.method_details       PISA 
_pdbx_struct_assembly.oligomeric_details   monomeric 
_pdbx_struct_assembly.oligomeric_count     1 
# 
_pdbx_struct_assembly_gen.assembly_id       1 
_pdbx_struct_assembly_gen.oper_expression   1 
_pdbx_struct_assembly_gen.asym_id_list      A,B,C 
# 
_pdbx_struct_oper_list.id                   1 
_pdbx_struct_oper_list.type                 'identity operation' 
_pdbx_struct_oper_list.name                 1_555 
_pdbx_struct_oper_list.symmetry_operation   x,y,z 
_pdbx_struct_oper_list.matrix[1][1]         1.0000000000 
_pdbx_struct_oper_list.matrix[1][2]         0.0000000000 
_pdbx_struct_oper_list.matrix[1][3]         0.0000000000 
_pdbx_struct_oper_list.vector[1]            0.0000000000 
_pdbx_struct_oper_list.matrix[2][1]         0.0000000000 
_pdbx_struct_oper_list.matrix[2][2]         1.0000000000 
_pdbx_struct_oper_list.matrix[2][3]         0.0000000000 
_pdbx_struct_oper_list.vector[2]            0.0000000000 
_pdbx_struct_oper_list.matrix[3][1]         0.0000000000 
_pdbx_struct_oper_list.matrix[3][2]         0.0000000000 
_pdbx_struct_oper_list.matrix[3][3]         1.0000000000 
_pdbx_struct_oper_list.vector[3]            0.0000000000 
# 
_struct_biol.id        1 
_struct_biol.details   monomer 
# 
loop_
_struct_conf.conf_type_id 
_struct_conf.id 
_struct_conf.pdbx_PDB_helix_id 
_struct_conf.beg_label_comp_id 
_struct_conf.beg_label_asym_id 
_struct_conf.beg_label_seq_id 
_struct_conf.pdbx_beg_PDB_ins_code 
_struct_conf.end_label_comp_id 
_struct_conf.end_label_asym_id 
_struct_conf.end_label_seq_id 
_struct_conf.pdbx_end_PDB_ins_code 
_struct_conf.beg_auth_comp_id 
_struct_conf.beg_auth_asym_id 
_struct_conf.beg_auth_seq_id 
_struct_conf.end_auth_comp_id 
_struct_conf.end_auth_asym_id 
_struct_conf.end_auth_seq_id 
_struct_conf.pdbx_PDB_helix_class 
_struct_conf.details 
_struct_conf.pdbx_PDB_helix_length 
HELX_P HELX_P1 1 THR A 5  ? LYS A 12 ? THR A 5  LYS A 12 1 ? 8  
HELX_P HELX_P2 2 ILE A 13 ? ASP A 15 ? ILE A 13 ASP A 15 5 ? 3  
HELX_P HELX_P3 3 THR A 26 ? ALA A 31 ? THR A 26 ALA A 31 1 ? 6  
HELX_P HELX_P4 4 PRO A 42 ? PHE A 53 ? PRO A 42 PHE A 53 5 ? 12 
HELX_P HELX_P5 5 GLY A 66 ? GLN A 78 ? GLY A 66 GLN A 78 1 ? 13 
HELX_P HELX_P6 6 GLY A 88 ? GLY A 94 ? GLY A 88 GLY A 94 1 ? 7  
# 
_struct_conf_type.id          HELX_P 
_struct_conf_type.criteria    ? 
_struct_conf_type.reference   ? 
# 
loop_
_struct_conn.id 
_struct_conn.conn_type_id 
_struct_conn.pdbx_leaving_atom_flag 
_struct_conn.pdbx_PDB_id 
_struct_conn.ptnr1_label_asym_id 
_struct_conn.ptnr1_label_comp_id 
_struct_conn.ptnr1_label_seq_id 
_struct_conn.ptnr1_label_atom_id 
_struct_conn.pdbx_ptnr1_label_alt_id 
_struct_conn.pdbx_ptnr1_PDB_ins_code 
_struct_conn.pdbx_ptnr1_standard_comp_id 
_struct_conn.ptnr1_symmetry 
_struct_conn.ptnr2_label_asym_id 
_struct_conn.ptnr2_label_comp_id 
_struct_conn.ptnr2_label_seq_id 
_struct_conn.ptnr2_label_atom_id 
_struct_conn.pdbx_ptnr2_label_alt_id 
_struct_conn.pdbx_ptnr2_PDB_ins_code 
_struct_conn.ptnr1_auth_asym_id 
_struct_conn.ptnr1_auth_comp_id 
_struct_conn.ptnr1_auth_seq_id 
_struct_conn.ptnr2_auth_asym_id 
_struct_conn.ptnr2_auth_comp_id 
_struct_conn.ptnr2_auth_seq_id 
_struct_conn.ptnr2_symmetry 
_struct_conn.pdbx_ptnr3_label_atom_id 
_struct_conn.pdbx_ptnr3_label_seq_id 
_struct_conn.pdbx_ptnr3_label_comp_id 
_struct_conn.pdbx_ptnr3_label_asym_id 
_struct_conn.pdbx_ptnr3_label_alt_id 
_struct_conn.pdbx_ptnr3_PDB_ins_code 
_struct_conn.details 
_struct_conn.pdbx_dist_value 
_struct_conn.pdbx_value_order 
_struct_conn.pdbx_role 
covale1 covale both ? A MSE 1  C   ? ? ? 1_555 A GLU 2  N  ? ? A MSE 1   A GLU 2   1_555 ? ? ? ? ? ? ? 1.329 ? ? 
covale2 covale both ? A ALA 31 C   ? ? ? 1_555 A MSE 32 N  ? ? A ALA 31  A MSE 32  1_555 ? ? ? ? ? ? ? 1.330 ? ? 
covale3 covale both ? A MSE 32 C   ? ? ? 1_555 A GLY 33 N  ? ? A MSE 32  A GLY 33  1_555 ? ? ? ? ? ? ? 1.330 ? ? 
covale4 covale both ? A PRO 42 C   ? ? ? 1_555 A MSE 43 N  ? ? A PRO 42  A MSE 43  1_555 ? ? ? ? ? ? ? 1.329 ? ? 
covale5 covale both ? A MSE 43 C   ? ? ? 1_555 A ASN 44 N  ? ? A MSE 43  A ASN 44  1_555 ? ? ? ? ? ? ? 1.329 ? ? 
covale6 covale both ? A GLY 89 C   ? ? ? 1_555 A MSE 90 N  ? ? A GLY 89  A MSE 90  1_555 ? ? ? ? ? ? ? 1.331 ? ? 
covale7 covale both ? A MSE 90 C   ? ? ? 1_555 A ASP 91 N  ? ? A MSE 90  A ASP 91  1_555 ? ? ? ? ? ? ? 1.331 ? ? 
metalc1 metalc ?    ? A THR 40 O   ? ? ? 1_555 B NA  .  NA ? ? A THR 40  A NA  101 1_555 ? ? ? ? ? ? ? 2.464 ? ? 
metalc2 metalc ?    ? A THR 40 OG1 ? ? ? 1_555 B NA  .  NA ? ? A THR 40  A NA  101 1_555 ? ? ? ? ? ? ? 2.652 ? ? 
metalc3 metalc ?    ? B NA  .  NA  ? ? ? 1_555 C HOH .  O  ? ? A NA  101 A HOH 143 1_555 ? ? ? ? ? ? ? 2.685 ? ? 
metalc4 metalc ?    ? B NA  .  NA  ? ? ? 1_555 C HOH .  O  ? ? A NA  101 A HOH 146 1_555 ? ? ? ? ? ? ? 2.879 ? ? 
# 
loop_
_struct_conn_type.id 
_struct_conn_type.criteria 
_struct_conn_type.reference 
covale ? ? 
metalc ? ? 
# 
loop_
_pdbx_struct_conn_angle.id 
_pdbx_struct_conn_angle.ptnr1_label_atom_id 
_pdbx_struct_conn_angle.ptnr1_label_alt_id 
_pdbx_struct_conn_angle.ptnr1_label_asym_id 
_pdbx_struct_conn_angle.ptnr1_label_comp_id 
_pdbx_struct_conn_angle.ptnr1_label_seq_id 
_pdbx_struct_conn_angle.ptnr1_auth_atom_id 
_pdbx_struct_conn_angle.ptnr1_auth_asym_id 
_pdbx_struct_conn_angle.ptnr1_auth_comp_id 
_pdbx_struct_conn_angle.ptnr1_auth_seq_id 
_pdbx_struct_conn_angle.ptnr1_PDB_ins_code 
_pdbx_struct_conn_angle.ptnr1_symmetry 
_pdbx_struct_conn_angle.ptnr2_label_atom_id 
_pdbx_struct_conn_angle.ptnr2_label_alt_id 
_pdbx_struct_conn_angle.ptnr2_label_asym_id 
_pdbx_struct_conn_angle.ptnr2_label_comp_id 
_pdbx_struct_conn_angle.ptnr2_label_seq_id 
_pdbx_struct_conn_angle.ptnr2_auth_atom_id 
_pdbx_struct_conn_angle.ptnr2_auth_asym_id 
_pdbx_struct_conn_angle.ptnr2_auth_comp_id 
_pdbx_struct_conn_angle.ptnr2_auth_seq_id 
_pdbx_struct_conn_angle.ptnr2_PDB_ins_code 
_pdbx_struct_conn_angle.ptnr2_symmetry 
_pdbx_struct_conn_angle.ptnr3_label_atom_id 
_pdbx_struct_conn_angle.ptnr3_label_alt_id 
_pdbx_struct_conn_angle.ptnr3_label_asym_id 
_pdbx_struct_conn_angle.ptnr3_label_comp_id 
_pdbx_struct_conn_angle.ptnr3_label_seq_id 
_pdbx_struct_conn_angle.ptnr3_auth_atom_id 
_pdbx_struct_conn_angle.ptnr3_auth_asym_id 
_pdbx_struct_conn_angle.ptnr3_auth_comp_id 
_pdbx_struct_conn_angle.ptnr3_auth_seq_id 
_pdbx_struct_conn_angle.ptnr3_PDB_ins_code 
_pdbx_struct_conn_angle.ptnr3_symmetry 
_pdbx_struct_conn_angle.value 
_pdbx_struct_conn_angle.value_esd 
1 O   ? A THR 40 ? A THR 40  ? 1_555 NA ? B NA . ? A NA 101 ? 1_555 OG1 ? A THR 40 ? A THR 40  ? 1_555 69.1  ? 
2 O   ? A THR 40 ? A THR 40  ? 1_555 NA ? B NA . ? A NA 101 ? 1_555 O   ? C HOH .  ? A HOH 143 ? 1_555 74.8  ? 
3 OG1 ? A THR 40 ? A THR 40  ? 1_555 NA ? B NA . ? A NA 101 ? 1_555 O   ? C HOH .  ? A HOH 143 ? 1_555 134.5 ? 
4 O   ? A THR 40 ? A THR 40  ? 1_555 NA ? B NA . ? A NA 101 ? 1_555 O   ? C HOH .  ? A HOH 146 ? 1_555 97.6  ? 
5 OG1 ? A THR 40 ? A THR 40  ? 1_555 NA ? B NA . ? A NA 101 ? 1_555 O   ? C HOH .  ? A HOH 146 ? 1_555 77.3  ? 
6 O   ? C HOH .  ? A HOH 143 ? 1_555 NA ? B NA . ? A NA 101 ? 1_555 O   ? C HOH .  ? A HOH 146 ? 1_555 80.9  ? 
# 
loop_
_pdbx_modification_feature.ordinal 
_pdbx_modification_feature.label_comp_id 
_pdbx_modification_feature.label_asym_id 
_pdbx_modification_feature.label_seq_id 
_pdbx_modification_feature.label_alt_id 
_pdbx_modification_feature.modified_residue_label_comp_id 
_pdbx_modification_feature.modified_residue_label_asym_id 
_pdbx_modification_feature.modified_residue_label_seq_id 
_pdbx_modification_feature.modified_residue_label_alt_id 
_pdbx_modification_feature.auth_comp_id 
_pdbx_modification_feature.auth_asym_id 
_pdbx_modification_feature.auth_seq_id 
_pdbx_modification_feature.PDB_ins_code 
_pdbx_modification_feature.symmetry 
_pdbx_modification_feature.modified_residue_auth_comp_id 
_pdbx_modification_feature.modified_residue_auth_asym_id 
_pdbx_modification_feature.modified_residue_auth_seq_id 
_pdbx_modification_feature.modified_residue_PDB_ins_code 
_pdbx_modification_feature.modified_residue_symmetry 
_pdbx_modification_feature.comp_id_linking_atom 
_pdbx_modification_feature.modified_residue_id_linking_atom 
_pdbx_modification_feature.modified_residue_id 
_pdbx_modification_feature.ref_pcm_id 
_pdbx_modification_feature.ref_comp_id 
_pdbx_modification_feature.type 
_pdbx_modification_feature.category 
1 MSE A 1  ? . . . . MSE A 1  ? 1_555 . . . . . . . MET 1 MSE Selenomethionine 'Named protein modification' 
2 MSE A 32 ? . . . . MSE A 32 ? 1_555 . . . . . . . MET 1 MSE Selenomethionine 'Named protein modification' 
3 MSE A 43 ? . . . . MSE A 43 ? 1_555 . . . . . . . MET 1 MSE Selenomethionine 'Named protein modification' 
4 MSE A 90 ? . . . . MSE A 90 ? 1_555 . . . . . . . MET 1 MSE Selenomethionine 'Named protein modification' 
# 
_struct_sheet.id               A 
_struct_sheet.type             ? 
_struct_sheet.number_strands   5 
_struct_sheet.details          ? 
# 
loop_
_struct_sheet_order.sheet_id 
_struct_sheet_order.range_id_1 
_struct_sheet_order.range_id_2 
_struct_sheet_order.offset 
_struct_sheet_order.sense 
A 1 2 ? parallel 
A 2 3 ? parallel 
A 3 4 ? parallel 
A 4 5 ? parallel 
# 
loop_
_struct_sheet_range.sheet_id 
_struct_sheet_range.id 
_struct_sheet_range.beg_label_comp_id 
_struct_sheet_range.beg_label_asym_id 
_struct_sheet_range.beg_label_seq_id 
_struct_sheet_range.pdbx_beg_PDB_ins_code 
_struct_sheet_range.end_label_comp_id 
_struct_sheet_range.end_label_asym_id 
_struct_sheet_range.end_label_seq_id 
_struct_sheet_range.pdbx_end_PDB_ins_code 
_struct_sheet_range.beg_auth_comp_id 
_struct_sheet_range.beg_auth_asym_id 
_struct_sheet_range.beg_auth_seq_id 
_struct_sheet_range.end_auth_comp_id 
_struct_sheet_range.end_auth_asym_id 
_struct_sheet_range.end_auth_seq_id 
A 1 SER A 3  ? ILE A 4  ? SER A 3  ILE A 4  
A 2 ASN A 82 ? VAL A 86 ? ASN A 82 VAL A 86 
A 3 THR A 58 ? ILE A 62 ? THR A 58 ILE A 62 
A 4 ASN A 20 ? ASP A 23 ? ASN A 20 ASP A 23 
A 5 GLU A 39 ? THR A 40 ? GLU A 39 THR A 40 
# 
loop_
_pdbx_struct_sheet_hbond.sheet_id 
_pdbx_struct_sheet_hbond.range_id_1 
_pdbx_struct_sheet_hbond.range_id_2 
_pdbx_struct_sheet_hbond.range_1_label_atom_id 
_pdbx_struct_sheet_hbond.range_1_label_comp_id 
_pdbx_struct_sheet_hbond.range_1_label_asym_id 
_pdbx_struct_sheet_hbond.range_1_label_seq_id 
_pdbx_struct_sheet_hbond.range_1_PDB_ins_code 
_pdbx_struct_sheet_hbond.range_1_auth_atom_id 
_pdbx_struct_sheet_hbond.range_1_auth_comp_id 
_pdbx_struct_sheet_hbond.range_1_auth_asym_id 
_pdbx_struct_sheet_hbond.range_1_auth_seq_id 
_pdbx_struct_sheet_hbond.range_2_label_atom_id 
_pdbx_struct_sheet_hbond.range_2_label_comp_id 
_pdbx_struct_sheet_hbond.range_2_label_asym_id 
_pdbx_struct_sheet_hbond.range_2_label_seq_id 
_pdbx_struct_sheet_hbond.range_2_PDB_ins_code 
_pdbx_struct_sheet_hbond.range_2_auth_atom_id 
_pdbx_struct_sheet_hbond.range_2_auth_comp_id 
_pdbx_struct_sheet_hbond.range_2_auth_asym_id 
_pdbx_struct_sheet_hbond.range_2_auth_seq_id 
A 1 2 N ILE A 4  ? N ILE A 4  O ASN A 85 ? O ASN A 85 
A 2 3 O VAL A 84 ? O VAL A 84 N ILE A 61 ? N ILE A 61 
A 3 4 O TYR A 60 ? O TYR A 60 N ASN A 20 ? N ASN A 20 
A 4 5 N ASP A 23 ? N ASP A 23 O GLU A 39 ? O GLU A 39 
# 
_struct_site.id                   AC1 
_struct_site.pdbx_evidence_code   Software 
_struct_site.pdbx_auth_asym_id    A 
_struct_site.pdbx_auth_comp_id    NA 
_struct_site.pdbx_auth_seq_id     101 
_struct_site.pdbx_auth_ins_code   ? 
_struct_site.pdbx_num_residues    7 
_struct_site.details              'BINDING SITE FOR RESIDUE NA A 101' 
# 
loop_
_struct_site_gen.id 
_struct_site_gen.site_id 
_struct_site_gen.pdbx_num_res 
_struct_site_gen.label_comp_id 
_struct_site_gen.label_asym_id 
_struct_site_gen.label_seq_id 
_struct_site_gen.pdbx_auth_ins_code 
_struct_site_gen.auth_comp_id 
_struct_site_gen.auth_asym_id 
_struct_site_gen.auth_seq_id 
_struct_site_gen.label_atom_id 
_struct_site_gen.label_alt_id 
_struct_site_gen.symmetry 
_struct_site_gen.details 
1 AC1 7 THR A 40 ? THR A 40  . ? 1_555 ? 
2 AC1 7 GLU A 96 ? GLU A 96  . ? 4_566 ? 
3 AC1 7 HOH C .  ? HOH A 118 . ? 4_566 ? 
4 AC1 7 HOH C .  ? HOH A 126 . ? 4_566 ? 
5 AC1 7 HOH C .  ? HOH A 143 . ? 1_555 ? 
6 AC1 7 HOH C .  ? HOH A 146 . ? 1_555 ? 
7 AC1 7 HOH C .  ? HOH A 160 . ? 3_655 ? 
# 
_pdbx_entry_details.entry_id                   3FOJ 
_pdbx_entry_details.compound_details           ? 
_pdbx_entry_details.source_details             ? 
_pdbx_entry_details.nonpolymer_details         ? 
_pdbx_entry_details.sequence_details           ? 
_pdbx_entry_details.has_ligand_of_interest     ? 
_pdbx_entry_details.has_protein_modification   Y 
# 
_pdbx_SG_project.id                    1 
_pdbx_SG_project.project_name          'PSI, Protein Structure Initiative' 
_pdbx_SG_project.full_name_of_center   'Northeast Structural Genomics Consortium' 
_pdbx_SG_project.initial_of_center     NESG 
# 
loop_
_pdbx_struct_mod_residue.id 
_pdbx_struct_mod_residue.label_asym_id 
_pdbx_struct_mod_residue.label_comp_id 
_pdbx_struct_mod_residue.label_seq_id 
_pdbx_struct_mod_residue.auth_asym_id 
_pdbx_struct_mod_residue.auth_comp_id 
_pdbx_struct_mod_residue.auth_seq_id 
_pdbx_struct_mod_residue.PDB_ins_code 
_pdbx_struct_mod_residue.parent_comp_id 
_pdbx_struct_mod_residue.details 
1 A MSE 1  A MSE 1  ? MET SELENOMETHIONINE 
2 A MSE 32 A MSE 32 ? MET SELENOMETHIONINE 
3 A MSE 43 A MSE 43 ? MET SELENOMETHIONINE 
4 A MSE 90 A MSE 90 ? MET SELENOMETHIONINE 
# 
loop_
_chem_comp_atom.comp_id 
_chem_comp_atom.atom_id 
_chem_comp_atom.type_symbol 
_chem_comp_atom.pdbx_aromatic_flag 
_chem_comp_atom.pdbx_stereo_config 
_chem_comp_atom.pdbx_ordinal 
ALA N    N  N N 1   
ALA CA   C  N S 2   
ALA C    C  N N 3   
ALA O    O  N N 4   
ALA CB   C  N N 5   
ALA OXT  O  N N 6   
ALA H    H  N N 7   
ALA H2   H  N N 8   
ALA HA   H  N N 9   
ALA HB1  H  N N 10  
ALA HB2  H  N N 11  
ALA HB3  H  N N 12  
ALA HXT  H  N N 13  
ARG N    N  N N 14  
ARG CA   C  N S 15  
ARG C    C  N N 16  
ARG O    O  N N 17  
ARG CB   C  N N 18  
ARG CG   C  N N 19  
ARG CD   C  N N 20  
ARG NE   N  N N 21  
ARG CZ   C  N N 22  
ARG NH1  N  N N 23  
ARG NH2  N  N N 24  
ARG OXT  O  N N 25  
ARG H    H  N N 26  
ARG H2   H  N N 27  
ARG HA   H  N N 28  
ARG HB2  H  N N 29  
ARG HB3  H  N N 30  
ARG HG2  H  N N 31  
ARG HG3  H  N N 32  
ARG HD2  H  N N 33  
ARG HD3  H  N N 34  
ARG HE   H  N N 35  
ARG HH11 H  N N 36  
ARG HH12 H  N N 37  
ARG HH21 H  N N 38  
ARG HH22 H  N N 39  
ARG HXT  H  N N 40  
ASN N    N  N N 41  
ASN CA   C  N S 42  
ASN C    C  N N 43  
ASN O    O  N N 44  
ASN CB   C  N N 45  
ASN CG   C  N N 46  
ASN OD1  O  N N 47  
ASN ND2  N  N N 48  
ASN OXT  O  N N 49  
ASN H    H  N N 50  
ASN H2   H  N N 51  
ASN HA   H  N N 52  
ASN HB2  H  N N 53  
ASN HB3  H  N N 54  
ASN HD21 H  N N 55  
ASN HD22 H  N N 56  
ASN HXT  H  N N 57  
ASP N    N  N N 58  
ASP CA   C  N S 59  
ASP C    C  N N 60  
ASP O    O  N N 61  
ASP CB   C  N N 62  
ASP CG   C  N N 63  
ASP OD1  O  N N 64  
ASP OD2  O  N N 65  
ASP OXT  O  N N 66  
ASP H    H  N N 67  
ASP H2   H  N N 68  
ASP HA   H  N N 69  
ASP HB2  H  N N 70  
ASP HB3  H  N N 71  
ASP HD2  H  N N 72  
ASP HXT  H  N N 73  
CYS N    N  N N 74  
CYS CA   C  N R 75  
CYS C    C  N N 76  
CYS O    O  N N 77  
CYS CB   C  N N 78  
CYS SG   S  N N 79  
CYS OXT  O  N N 80  
CYS H    H  N N 81  
CYS H2   H  N N 82  
CYS HA   H  N N 83  
CYS HB2  H  N N 84  
CYS HB3  H  N N 85  
CYS HG   H  N N 86  
CYS HXT  H  N N 87  
GLN N    N  N N 88  
GLN CA   C  N S 89  
GLN C    C  N N 90  
GLN O    O  N N 91  
GLN CB   C  N N 92  
GLN CG   C  N N 93  
GLN CD   C  N N 94  
GLN OE1  O  N N 95  
GLN NE2  N  N N 96  
GLN OXT  O  N N 97  
GLN H    H  N N 98  
GLN H2   H  N N 99  
GLN HA   H  N N 100 
GLN HB2  H  N N 101 
GLN HB3  H  N N 102 
GLN HG2  H  N N 103 
GLN HG3  H  N N 104 
GLN HE21 H  N N 105 
GLN HE22 H  N N 106 
GLN HXT  H  N N 107 
GLU N    N  N N 108 
GLU CA   C  N S 109 
GLU C    C  N N 110 
GLU O    O  N N 111 
GLU CB   C  N N 112 
GLU CG   C  N N 113 
GLU CD   C  N N 114 
GLU OE1  O  N N 115 
GLU OE2  O  N N 116 
GLU OXT  O  N N 117 
GLU H    H  N N 118 
GLU H2   H  N N 119 
GLU HA   H  N N 120 
GLU HB2  H  N N 121 
GLU HB3  H  N N 122 
GLU HG2  H  N N 123 
GLU HG3  H  N N 124 
GLU HE2  H  N N 125 
GLU HXT  H  N N 126 
GLY N    N  N N 127 
GLY CA   C  N N 128 
GLY C    C  N N 129 
GLY O    O  N N 130 
GLY OXT  O  N N 131 
GLY H    H  N N 132 
GLY H2   H  N N 133 
GLY HA2  H  N N 134 
GLY HA3  H  N N 135 
GLY HXT  H  N N 136 
HIS N    N  N N 137 
HIS CA   C  N S 138 
HIS C    C  N N 139 
HIS O    O  N N 140 
HIS CB   C  N N 141 
HIS CG   C  Y N 142 
HIS ND1  N  Y N 143 
HIS CD2  C  Y N 144 
HIS CE1  C  Y N 145 
HIS NE2  N  Y N 146 
HIS OXT  O  N N 147 
HIS H    H  N N 148 
HIS H2   H  N N 149 
HIS HA   H  N N 150 
HIS HB2  H  N N 151 
HIS HB3  H  N N 152 
HIS HD1  H  N N 153 
HIS HD2  H  N N 154 
HIS HE1  H  N N 155 
HIS HE2  H  N N 156 
HIS HXT  H  N N 157 
HOH O    O  N N 158 
HOH H1   H  N N 159 
HOH H2   H  N N 160 
ILE N    N  N N 161 
ILE CA   C  N S 162 
ILE C    C  N N 163 
ILE O    O  N N 164 
ILE CB   C  N S 165 
ILE CG1  C  N N 166 
ILE CG2  C  N N 167 
ILE CD1  C  N N 168 
ILE OXT  O  N N 169 
ILE H    H  N N 170 
ILE H2   H  N N 171 
ILE HA   H  N N 172 
ILE HB   H  N N 173 
ILE HG12 H  N N 174 
ILE HG13 H  N N 175 
ILE HG21 H  N N 176 
ILE HG22 H  N N 177 
ILE HG23 H  N N 178 
ILE HD11 H  N N 179 
ILE HD12 H  N N 180 
ILE HD13 H  N N 181 
ILE HXT  H  N N 182 
LEU N    N  N N 183 
LEU CA   C  N S 184 
LEU C    C  N N 185 
LEU O    O  N N 186 
LEU CB   C  N N 187 
LEU CG   C  N N 188 
LEU CD1  C  N N 189 
LEU CD2  C  N N 190 
LEU OXT  O  N N 191 
LEU H    H  N N 192 
LEU H2   H  N N 193 
LEU HA   H  N N 194 
LEU HB2  H  N N 195 
LEU HB3  H  N N 196 
LEU HG   H  N N 197 
LEU HD11 H  N N 198 
LEU HD12 H  N N 199 
LEU HD13 H  N N 200 
LEU HD21 H  N N 201 
LEU HD22 H  N N 202 
LEU HD23 H  N N 203 
LEU HXT  H  N N 204 
LYS N    N  N N 205 
LYS CA   C  N S 206 
LYS C    C  N N 207 
LYS O    O  N N 208 
LYS CB   C  N N 209 
LYS CG   C  N N 210 
LYS CD   C  N N 211 
LYS CE   C  N N 212 
LYS NZ   N  N N 213 
LYS OXT  O  N N 214 
LYS H    H  N N 215 
LYS H2   H  N N 216 
LYS HA   H  N N 217 
LYS HB2  H  N N 218 
LYS HB3  H  N N 219 
LYS HG2  H  N N 220 
LYS HG3  H  N N 221 
LYS HD2  H  N N 222 
LYS HD3  H  N N 223 
LYS HE2  H  N N 224 
LYS HE3  H  N N 225 
LYS HZ1  H  N N 226 
LYS HZ2  H  N N 227 
LYS HZ3  H  N N 228 
LYS HXT  H  N N 229 
MSE N    N  N N 230 
MSE CA   C  N S 231 
MSE C    C  N N 232 
MSE O    O  N N 233 
MSE OXT  O  N N 234 
MSE CB   C  N N 235 
MSE CG   C  N N 236 
MSE SE   SE N N 237 
MSE CE   C  N N 238 
MSE H    H  N N 239 
MSE H2   H  N N 240 
MSE HA   H  N N 241 
MSE HXT  H  N N 242 
MSE HB2  H  N N 243 
MSE HB3  H  N N 244 
MSE HG2  H  N N 245 
MSE HG3  H  N N 246 
MSE HE1  H  N N 247 
MSE HE2  H  N N 248 
MSE HE3  H  N N 249 
NA  NA   NA N N 250 
PHE N    N  N N 251 
PHE CA   C  N S 252 
PHE C    C  N N 253 
PHE O    O  N N 254 
PHE CB   C  N N 255 
PHE CG   C  Y N 256 
PHE CD1  C  Y N 257 
PHE CD2  C  Y N 258 
PHE CE1  C  Y N 259 
PHE CE2  C  Y N 260 
PHE CZ   C  Y N 261 
PHE OXT  O  N N 262 
PHE H    H  N N 263 
PHE H2   H  N N 264 
PHE HA   H  N N 265 
PHE HB2  H  N N 266 
PHE HB3  H  N N 267 
PHE HD1  H  N N 268 
PHE HD2  H  N N 269 
PHE HE1  H  N N 270 
PHE HE2  H  N N 271 
PHE HZ   H  N N 272 
PHE HXT  H  N N 273 
PRO N    N  N N 274 
PRO CA   C  N S 275 
PRO C    C  N N 276 
PRO O    O  N N 277 
PRO CB   C  N N 278 
PRO CG   C  N N 279 
PRO CD   C  N N 280 
PRO OXT  O  N N 281 
PRO H    H  N N 282 
PRO HA   H  N N 283 
PRO HB2  H  N N 284 
PRO HB3  H  N N 285 
PRO HG2  H  N N 286 
PRO HG3  H  N N 287 
PRO HD2  H  N N 288 
PRO HD3  H  N N 289 
PRO HXT  H  N N 290 
SER N    N  N N 291 
SER CA   C  N S 292 
SER C    C  N N 293 
SER O    O  N N 294 
SER CB   C  N N 295 
SER OG   O  N N 296 
SER OXT  O  N N 297 
SER H    H  N N 298 
SER H2   H  N N 299 
SER HA   H  N N 300 
SER HB2  H  N N 301 
SER HB3  H  N N 302 
SER HG   H  N N 303 
SER HXT  H  N N 304 
THR N    N  N N 305 
THR CA   C  N S 306 
THR C    C  N N 307 
THR O    O  N N 308 
THR CB   C  N R 309 
THR OG1  O  N N 310 
THR CG2  C  N N 311 
THR OXT  O  N N 312 
THR H    H  N N 313 
THR H2   H  N N 314 
THR HA   H  N N 315 
THR HB   H  N N 316 
THR HG1  H  N N 317 
THR HG21 H  N N 318 
THR HG22 H  N N 319 
THR HG23 H  N N 320 
THR HXT  H  N N 321 
TYR N    N  N N 322 
TYR CA   C  N S 323 
TYR C    C  N N 324 
TYR O    O  N N 325 
TYR CB   C  N N 326 
TYR CG   C  Y N 327 
TYR CD1  C  Y N 328 
TYR CD2  C  Y N 329 
TYR CE1  C  Y N 330 
TYR CE2  C  Y N 331 
TYR CZ   C  Y N 332 
TYR OH   O  N N 333 
TYR OXT  O  N N 334 
TYR H    H  N N 335 
TYR H2   H  N N 336 
TYR HA   H  N N 337 
TYR HB2  H  N N 338 
TYR HB3  H  N N 339 
TYR HD1  H  N N 340 
TYR HD2  H  N N 341 
TYR HE1  H  N N 342 
TYR HE2  H  N N 343 
TYR HH   H  N N 344 
TYR HXT  H  N N 345 
VAL N    N  N N 346 
VAL CA   C  N S 347 
VAL C    C  N N 348 
VAL O    O  N N 349 
VAL CB   C  N N 350 
VAL CG1  C  N N 351 
VAL CG2  C  N N 352 
VAL OXT  O  N N 353 
VAL H    H  N N 354 
VAL H2   H  N N 355 
VAL HA   H  N N 356 
VAL HB   H  N N 357 
VAL HG11 H  N N 358 
VAL HG12 H  N N 359 
VAL HG13 H  N N 360 
VAL HG21 H  N N 361 
VAL HG22 H  N N 362 
VAL HG23 H  N N 363 
VAL HXT  H  N N 364 
# 
loop_
_chem_comp_bond.comp_id 
_chem_comp_bond.atom_id_1 
_chem_comp_bond.atom_id_2 
_chem_comp_bond.value_order 
_chem_comp_bond.pdbx_aromatic_flag 
_chem_comp_bond.pdbx_stereo_config 
_chem_comp_bond.pdbx_ordinal 
ALA N   CA   sing N N 1   
ALA N   H    sing N N 2   
ALA N   H2   sing N N 3   
ALA CA  C    sing N N 4   
ALA CA  CB   sing N N 5   
ALA CA  HA   sing N N 6   
ALA C   O    doub N N 7   
ALA C   OXT  sing N N 8   
ALA CB  HB1  sing N N 9   
ALA CB  HB2  sing N N 10  
ALA CB  HB3  sing N N 11  
ALA OXT HXT  sing N N 12  
ARG N   CA   sing N N 13  
ARG N   H    sing N N 14  
ARG N   H2   sing N N 15  
ARG CA  C    sing N N 16  
ARG CA  CB   sing N N 17  
ARG CA  HA   sing N N 18  
ARG C   O    doub N N 19  
ARG C   OXT  sing N N 20  
ARG CB  CG   sing N N 21  
ARG CB  HB2  sing N N 22  
ARG CB  HB3  sing N N 23  
ARG CG  CD   sing N N 24  
ARG CG  HG2  sing N N 25  
ARG CG  HG3  sing N N 26  
ARG CD  NE   sing N N 27  
ARG CD  HD2  sing N N 28  
ARG CD  HD3  sing N N 29  
ARG NE  CZ   sing N N 30  
ARG NE  HE   sing N N 31  
ARG CZ  NH1  sing N N 32  
ARG CZ  NH2  doub N N 33  
ARG NH1 HH11 sing N N 34  
ARG NH1 HH12 sing N N 35  
ARG NH2 HH21 sing N N 36  
ARG NH2 HH22 sing N N 37  
ARG OXT HXT  sing N N 38  
ASN N   CA   sing N N 39  
ASN N   H    sing N N 40  
ASN N   H2   sing N N 41  
ASN CA  C    sing N N 42  
ASN CA  CB   sing N N 43  
ASN CA  HA   sing N N 44  
ASN C   O    doub N N 45  
ASN C   OXT  sing N N 46  
ASN CB  CG   sing N N 47  
ASN CB  HB2  sing N N 48  
ASN CB  HB3  sing N N 49  
ASN CG  OD1  doub N N 50  
ASN CG  ND2  sing N N 51  
ASN ND2 HD21 sing N N 52  
ASN ND2 HD22 sing N N 53  
ASN OXT HXT  sing N N 54  
ASP N   CA   sing N N 55  
ASP N   H    sing N N 56  
ASP N   H2   sing N N 57  
ASP CA  C    sing N N 58  
ASP CA  CB   sing N N 59  
ASP CA  HA   sing N N 60  
ASP C   O    doub N N 61  
ASP C   OXT  sing N N 62  
ASP CB  CG   sing N N 63  
ASP CB  HB2  sing N N 64  
ASP CB  HB3  sing N N 65  
ASP CG  OD1  doub N N 66  
ASP CG  OD2  sing N N 67  
ASP OD2 HD2  sing N N 68  
ASP OXT HXT  sing N N 69  
CYS N   CA   sing N N 70  
CYS N   H    sing N N 71  
CYS N   H2   sing N N 72  
CYS CA  C    sing N N 73  
CYS CA  CB   sing N N 74  
CYS CA  HA   sing N N 75  
CYS C   O    doub N N 76  
CYS C   OXT  sing N N 77  
CYS CB  SG   sing N N 78  
CYS CB  HB2  sing N N 79  
CYS CB  HB3  sing N N 80  
CYS SG  HG   sing N N 81  
CYS OXT HXT  sing N N 82  
GLN N   CA   sing N N 83  
GLN N   H    sing N N 84  
GLN N   H2   sing N N 85  
GLN CA  C    sing N N 86  
GLN CA  CB   sing N N 87  
GLN CA  HA   sing N N 88  
GLN C   O    doub N N 89  
GLN C   OXT  sing N N 90  
GLN CB  CG   sing N N 91  
GLN CB  HB2  sing N N 92  
GLN CB  HB3  sing N N 93  
GLN CG  CD   sing N N 94  
GLN CG  HG2  sing N N 95  
GLN CG  HG3  sing N N 96  
GLN CD  OE1  doub N N 97  
GLN CD  NE2  sing N N 98  
GLN NE2 HE21 sing N N 99  
GLN NE2 HE22 sing N N 100 
GLN OXT HXT  sing N N 101 
GLU N   CA   sing N N 102 
GLU N   H    sing N N 103 
GLU N   H2   sing N N 104 
GLU CA  C    sing N N 105 
GLU CA  CB   sing N N 106 
GLU CA  HA   sing N N 107 
GLU C   O    doub N N 108 
GLU C   OXT  sing N N 109 
GLU CB  CG   sing N N 110 
GLU CB  HB2  sing N N 111 
GLU CB  HB3  sing N N 112 
GLU CG  CD   sing N N 113 
GLU CG  HG2  sing N N 114 
GLU CG  HG3  sing N N 115 
GLU CD  OE1  doub N N 116 
GLU CD  OE2  sing N N 117 
GLU OE2 HE2  sing N N 118 
GLU OXT HXT  sing N N 119 
GLY N   CA   sing N N 120 
GLY N   H    sing N N 121 
GLY N   H2   sing N N 122 
GLY CA  C    sing N N 123 
GLY CA  HA2  sing N N 124 
GLY CA  HA3  sing N N 125 
GLY C   O    doub N N 126 
GLY C   OXT  sing N N 127 
GLY OXT HXT  sing N N 128 
HIS N   CA   sing N N 129 
HIS N   H    sing N N 130 
HIS N   H2   sing N N 131 
HIS CA  C    sing N N 132 
HIS CA  CB   sing N N 133 
HIS CA  HA   sing N N 134 
HIS C   O    doub N N 135 
HIS C   OXT  sing N N 136 
HIS CB  CG   sing N N 137 
HIS CB  HB2  sing N N 138 
HIS CB  HB3  sing N N 139 
HIS CG  ND1  sing Y N 140 
HIS CG  CD2  doub Y N 141 
HIS ND1 CE1  doub Y N 142 
HIS ND1 HD1  sing N N 143 
HIS CD2 NE2  sing Y N 144 
HIS CD2 HD2  sing N N 145 
HIS CE1 NE2  sing Y N 146 
HIS CE1 HE1  sing N N 147 
HIS NE2 HE2  sing N N 148 
HIS OXT HXT  sing N N 149 
HOH O   H1   sing N N 150 
HOH O   H2   sing N N 151 
ILE N   CA   sing N N 152 
ILE N   H    sing N N 153 
ILE N   H2   sing N N 154 
ILE CA  C    sing N N 155 
ILE CA  CB   sing N N 156 
ILE CA  HA   sing N N 157 
ILE C   O    doub N N 158 
ILE C   OXT  sing N N 159 
ILE CB  CG1  sing N N 160 
ILE CB  CG2  sing N N 161 
ILE CB  HB   sing N N 162 
ILE CG1 CD1  sing N N 163 
ILE CG1 HG12 sing N N 164 
ILE CG1 HG13 sing N N 165 
ILE CG2 HG21 sing N N 166 
ILE CG2 HG22 sing N N 167 
ILE CG2 HG23 sing N N 168 
ILE CD1 HD11 sing N N 169 
ILE CD1 HD12 sing N N 170 
ILE CD1 HD13 sing N N 171 
ILE OXT HXT  sing N N 172 
LEU N   CA   sing N N 173 
LEU N   H    sing N N 174 
LEU N   H2   sing N N 175 
LEU CA  C    sing N N 176 
LEU CA  CB   sing N N 177 
LEU CA  HA   sing N N 178 
LEU C   O    doub N N 179 
LEU C   OXT  sing N N 180 
LEU CB  CG   sing N N 181 
LEU CB  HB2  sing N N 182 
LEU CB  HB3  sing N N 183 
LEU CG  CD1  sing N N 184 
LEU CG  CD2  sing N N 185 
LEU CG  HG   sing N N 186 
LEU CD1 HD11 sing N N 187 
LEU CD1 HD12 sing N N 188 
LEU CD1 HD13 sing N N 189 
LEU CD2 HD21 sing N N 190 
LEU CD2 HD22 sing N N 191 
LEU CD2 HD23 sing N N 192 
LEU OXT HXT  sing N N 193 
LYS N   CA   sing N N 194 
LYS N   H    sing N N 195 
LYS N   H2   sing N N 196 
LYS CA  C    sing N N 197 
LYS CA  CB   sing N N 198 
LYS CA  HA   sing N N 199 
LYS C   O    doub N N 200 
LYS C   OXT  sing N N 201 
LYS CB  CG   sing N N 202 
LYS CB  HB2  sing N N 203 
LYS CB  HB3  sing N N 204 
LYS CG  CD   sing N N 205 
LYS CG  HG2  sing N N 206 
LYS CG  HG3  sing N N 207 
LYS CD  CE   sing N N 208 
LYS CD  HD2  sing N N 209 
LYS CD  HD3  sing N N 210 
LYS CE  NZ   sing N N 211 
LYS CE  HE2  sing N N 212 
LYS CE  HE3  sing N N 213 
LYS NZ  HZ1  sing N N 214 
LYS NZ  HZ2  sing N N 215 
LYS NZ  HZ3  sing N N 216 
LYS OXT HXT  sing N N 217 
MSE N   CA   sing N N 218 
MSE N   H    sing N N 219 
MSE N   H2   sing N N 220 
MSE CA  C    sing N N 221 
MSE CA  CB   sing N N 222 
MSE CA  HA   sing N N 223 
MSE C   O    doub N N 224 
MSE C   OXT  sing N N 225 
MSE OXT HXT  sing N N 226 
MSE CB  CG   sing N N 227 
MSE CB  HB2  sing N N 228 
MSE CB  HB3  sing N N 229 
MSE CG  SE   sing N N 230 
MSE CG  HG2  sing N N 231 
MSE CG  HG3  sing N N 232 
MSE SE  CE   sing N N 233 
MSE CE  HE1  sing N N 234 
MSE CE  HE2  sing N N 235 
MSE CE  HE3  sing N N 236 
PHE N   CA   sing N N 237 
PHE N   H    sing N N 238 
PHE N   H2   sing N N 239 
PHE CA  C    sing N N 240 
PHE CA  CB   sing N N 241 
PHE CA  HA   sing N N 242 
PHE C   O    doub N N 243 
PHE C   OXT  sing N N 244 
PHE CB  CG   sing N N 245 
PHE CB  HB2  sing N N 246 
PHE CB  HB3  sing N N 247 
PHE CG  CD1  doub Y N 248 
PHE CG  CD2  sing Y N 249 
PHE CD1 CE1  sing Y N 250 
PHE CD1 HD1  sing N N 251 
PHE CD2 CE2  doub Y N 252 
PHE CD2 HD2  sing N N 253 
PHE CE1 CZ   doub Y N 254 
PHE CE1 HE1  sing N N 255 
PHE CE2 CZ   sing Y N 256 
PHE CE2 HE2  sing N N 257 
PHE CZ  HZ   sing N N 258 
PHE OXT HXT  sing N N 259 
PRO N   CA   sing N N 260 
PRO N   CD   sing N N 261 
PRO N   H    sing N N 262 
PRO CA  C    sing N N 263 
PRO CA  CB   sing N N 264 
PRO CA  HA   sing N N 265 
PRO C   O    doub N N 266 
PRO C   OXT  sing N N 267 
PRO CB  CG   sing N N 268 
PRO CB  HB2  sing N N 269 
PRO CB  HB3  sing N N 270 
PRO CG  CD   sing N N 271 
PRO CG  HG2  sing N N 272 
PRO CG  HG3  sing N N 273 
PRO CD  HD2  sing N N 274 
PRO CD  HD3  sing N N 275 
PRO OXT HXT  sing N N 276 
SER N   CA   sing N N 277 
SER N   H    sing N N 278 
SER N   H2   sing N N 279 
SER CA  C    sing N N 280 
SER CA  CB   sing N N 281 
SER CA  HA   sing N N 282 
SER C   O    doub N N 283 
SER C   OXT  sing N N 284 
SER CB  OG   sing N N 285 
SER CB  HB2  sing N N 286 
SER CB  HB3  sing N N 287 
SER OG  HG   sing N N 288 
SER OXT HXT  sing N N 289 
THR N   CA   sing N N 290 
THR N   H    sing N N 291 
THR N   H2   sing N N 292 
THR CA  C    sing N N 293 
THR CA  CB   sing N N 294 
THR CA  HA   sing N N 295 
THR C   O    doub N N 296 
THR C   OXT  sing N N 297 
THR CB  OG1  sing N N 298 
THR CB  CG2  sing N N 299 
THR CB  HB   sing N N 300 
THR OG1 HG1  sing N N 301 
THR CG2 HG21 sing N N 302 
THR CG2 HG22 sing N N 303 
THR CG2 HG23 sing N N 304 
THR OXT HXT  sing N N 305 
TYR N   CA   sing N N 306 
TYR N   H    sing N N 307 
TYR N   H2   sing N N 308 
TYR CA  C    sing N N 309 
TYR CA  CB   sing N N 310 
TYR CA  HA   sing N N 311 
TYR C   O    doub N N 312 
TYR C   OXT  sing N N 313 
TYR CB  CG   sing N N 314 
TYR CB  HB2  sing N N 315 
TYR CB  HB3  sing N N 316 
TYR CG  CD1  doub Y N 317 
TYR CG  CD2  sing Y N 318 
TYR CD1 CE1  sing Y N 319 
TYR CD1 HD1  sing N N 320 
TYR CD2 CE2  doub Y N 321 
TYR CD2 HD2  sing N N 322 
TYR CE1 CZ   doub Y N 323 
TYR CE1 HE1  sing N N 324 
TYR CE2 CZ   sing Y N 325 
TYR CE2 HE2  sing N N 326 
TYR CZ  OH   sing N N 327 
TYR OH  HH   sing N N 328 
TYR OXT HXT  sing N N 329 
VAL N   CA   sing N N 330 
VAL N   H    sing N N 331 
VAL N   H2   sing N N 332 
VAL CA  C    sing N N 333 
VAL CA  CB   sing N N 334 
VAL CA  HA   sing N N 335 
VAL C   O    doub N N 336 
VAL C   OXT  sing N N 337 
VAL CB  CG1  sing N N 338 
VAL CB  CG2  sing N N 339 
VAL CB  HB   sing N N 340 
VAL CG1 HG11 sing N N 341 
VAL CG1 HG12 sing N N 342 
VAL CG1 HG13 sing N N 343 
VAL CG2 HG21 sing N N 344 
VAL CG2 HG22 sing N N 345 
VAL CG2 HG23 sing N N 346 
VAL OXT HXT  sing N N 347 
# 
_atom_sites.entry_id                    3FOJ 
_atom_sites.fract_transf_matrix[1][1]   -0.02291799 
_atom_sites.fract_transf_matrix[1][2]   0.01160946 
_atom_sites.fract_transf_matrix[1][3]   0.02003928 
_atom_sites.fract_transf_matrix[2][1]   -0.00669254 
_atom_sites.fract_transf_matrix[2][2]   -0.02217325 
_atom_sites.fract_transf_matrix[2][3]   0.00519180 
_atom_sites.fract_transf_matrix[3][1]   0.01108637 
_atom_sites.fract_transf_matrix[3][2]   -0.00033237 
_atom_sites.fract_transf_matrix[3][3]   0.01287152 
_atom_sites.fract_transf_vector[1]      0.257652 
_atom_sites.fract_transf_vector[2]      0.571929 
_atom_sites.fract_transf_vector[3]      0.335388 
# 
loop_
_atom_type.symbol 
C  
N  
NA 
O  
S  
SE 
# 
loop_
_atom_site.group_PDB 
_atom_site.id 
_atom_site.type_symbol 
_atom_site.label_atom_id 
_atom_site.label_alt_id 
_atom_site.label_comp_id 
_atom_site.label_asym_id 
_atom_site.label_entity_id 
_atom_site.label_seq_id 
_atom_site.pdbx_PDB_ins_code 
_atom_site.Cartn_x 
_atom_site.Cartn_y 
_atom_site.Cartn_z 
_atom_site.occupancy 
_atom_site.B_iso_or_equiv 
_atom_site.pdbx_formal_charge 
_atom_site.auth_seq_id 
_atom_site.auth_comp_id 
_atom_site.auth_asym_id 
_atom_site.auth_atom_id 
_atom_site.pdbx_PDB_model_num 
HETATM 1   N  N   . MSE A 1 1   ? -2.820  10.884  -10.920 1.00 20.86 ? 1   MSE A N   1 
HETATM 2   C  CA  . MSE A 1 1   ? -2.545  9.955   -9.788  1.00 20.72 ? 1   MSE A CA  1 
HETATM 3   C  C   . MSE A 1 1   ? -1.338  10.419  -8.990  1.00 18.83 ? 1   MSE A C   1 
HETATM 4   O  O   . MSE A 1 1   ? -0.377  10.946  -9.548  1.00 19.16 ? 1   MSE A O   1 
HETATM 5   C  CB  . MSE A 1 1   ? -2.286  8.539   -10.313 1.00 23.98 ? 1   MSE A CB  1 
HETATM 6   C  CG  . MSE A 1 1   ? -1.887  7.549   -9.232  1.00 26.90 ? 1   MSE A CG  1 
HETATM 7   SE SE  . MSE A 1 1   ? -1.462  5.808   -9.934  1.00 33.76 ? 1   MSE A SE  1 
HETATM 8   C  CE  . MSE A 1 1   ? 0.366   6.139   -10.454 1.00 31.43 ? 1   MSE A CE  1 
ATOM   9   N  N   . GLU A 1 2   ? -1.391  10.218  -7.678  1.00 15.88 ? 2   GLU A N   1 
ATOM   10  C  CA  . GLU A 1 2   ? -0.293  10.603  -6.806  1.00 15.04 ? 2   GLU A CA  1 
ATOM   11  C  C   . GLU A 1 2   ? 0.583   9.394   -6.527  1.00 13.93 ? 2   GLU A C   1 
ATOM   12  O  O   . GLU A 1 2   ? 0.097   8.262   -6.469  1.00 13.46 ? 2   GLU A O   1 
ATOM   13  C  CB  . GLU A 1 2   ? -0.819  11.136  -5.478  1.00 16.96 ? 2   GLU A CB  1 
ATOM   14  C  CG  . GLU A 1 2   ? -1.706  12.353  -5.601  1.00 17.83 ? 2   GLU A CG  1 
ATOM   15  C  CD  . GLU A 1 2   ? -2.218  12.807  -4.259  1.00 19.89 ? 2   GLU A CD  1 
ATOM   16  O  OE1 . GLU A 1 2   ? -1.381  13.076  -3.373  1.00 21.04 ? 2   GLU A OE1 1 
ATOM   17  O  OE2 . GLU A 1 2   ? -3.454  12.895  -4.089  1.00 20.24 ? 2   GLU A OE2 1 
ATOM   18  N  N   . SER A 1 3   ? 1.871   9.642   -6.340  1.00 13.34 ? 3   SER A N   1 
ATOM   19  C  CA  . SER A 1 3   ? 2.800   8.563   -6.057  1.00 14.48 ? 3   SER A CA  1 
ATOM   20  C  C   . SER A 1 3   ? 4.000   9.060   -5.272  1.00 15.45 ? 3   SER A C   1 
ATOM   21  O  O   . SER A 1 3   ? 4.322   10.247  -5.281  1.00 16.53 ? 3   SER A O   1 
ATOM   22  C  CB  . SER A 1 3   ? 3.286   7.919   -7.356  1.00 17.67 ? 3   SER A CB  1 
ATOM   23  O  OG  . SER A 1 3   ? 4.161   8.787   -8.054  1.00 21.87 ? 3   SER A OG  1 
ATOM   24  N  N   . ILE A 1 4   ? 4.650   8.136   -4.582  1.00 13.76 ? 4   ILE A N   1 
ATOM   25  C  CA  . ILE A 1 4   ? 5.842   8.449   -3.813  1.00 14.06 ? 4   ILE A CA  1 
ATOM   26  C  C   . ILE A 1 4   ? 6.789   7.276   -4.007  1.00 12.48 ? 4   ILE A C   1 
ATOM   27  O  O   . ILE A 1 4   ? 6.357   6.175   -4.351  1.00 13.89 ? 4   ILE A O   1 
ATOM   28  C  CB  . ILE A 1 4   ? 5.537   8.619   -2.313  1.00 16.55 ? 4   ILE A CB  1 
ATOM   29  C  CG1 . ILE A 1 4   ? 4.983   7.318   -1.732  1.00 18.45 ? 4   ILE A CG1 1 
ATOM   30  C  CG2 . ILE A 1 4   ? 4.561   9.769   -2.119  1.00 19.07 ? 4   ILE A CG2 1 
ATOM   31  C  CD1 . ILE A 1 4   ? 4.982   7.285   -0.212  1.00 19.09 ? 4   ILE A CD1 1 
ATOM   32  N  N   . THR A 1 5   ? 8.078   7.513   -3.799  1.00 11.69 ? 5   THR A N   1 
ATOM   33  C  CA  . THR A 1 5   ? 9.069   6.460   -3.963  1.00 11.93 ? 5   THR A CA  1 
ATOM   34  C  C   . THR A 1 5   ? 9.211   5.660   -2.674  1.00 11.33 ? 5   THR A C   1 
ATOM   35  O  O   . THR A 1 5   ? 8.718   6.067   -1.620  1.00 9.68  ? 5   THR A O   1 
ATOM   36  C  CB  . THR A 1 5   ? 10.441  7.043   -4.327  1.00 12.75 ? 5   THR A CB  1 
ATOM   37  O  OG1 . THR A 1 5   ? 10.905  7.865   -3.250  1.00 14.86 ? 5   THR A OG1 1 
ATOM   38  C  CG2 . THR A 1 5   ? 10.341  7.880   -5.603  1.00 14.60 ? 5   THR A CG2 1 
ATOM   39  N  N   . VAL A 1 6   ? 9.884   4.516   -2.757  1.00 12.86 ? 6   VAL A N   1 
ATOM   40  C  CA  . VAL A 1 6   ? 10.077  3.693   -1.572  1.00 14.13 ? 6   VAL A CA  1 
ATOM   41  C  C   . VAL A 1 6   ? 10.983  4.405   -0.584  1.00 14.61 ? 6   VAL A C   1 
ATOM   42  O  O   . VAL A 1 6   ? 10.840  4.240   0.625   1.00 13.68 ? 6   VAL A O   1 
ATOM   43  C  CB  . VAL A 1 6   ? 10.677  2.315   -1.920  1.00 16.19 ? 6   VAL A CB  1 
ATOM   44  C  CG1 . VAL A 1 6   ? 9.666   1.503   -2.707  1.00 17.25 ? 6   VAL A CG1 1 
ATOM   45  C  CG2 . VAL A 1 6   ? 11.961  2.481   -2.707  1.00 18.42 ? 6   VAL A CG2 1 
ATOM   46  N  N   . THR A 1 7   ? 11.908  5.209   -1.100  1.00 14.03 ? 7   THR A N   1 
ATOM   47  C  CA  . THR A 1 7   ? 12.810  5.957   -0.240  1.00 15.19 ? 7   THR A CA  1 
ATOM   48  C  C   . THR A 1 7   ? 11.996  6.971   0.556   1.00 14.75 ? 7   THR A C   1 
ATOM   49  O  O   . THR A 1 7   ? 12.221  7.158   1.754   1.00 13.84 ? 7   THR A O   1 
ATOM   50  C  CB  . THR A 1 7   ? 13.889  6.686   -1.068  1.00 15.62 ? 7   THR A CB  1 
ATOM   51  O  OG1 . THR A 1 7   ? 14.738  5.716   -1.692  1.00 19.28 ? 7   THR A OG1 1 
ATOM   52  C  CG2 . THR A 1 7   ? 14.729  7.594   -0.177  1.00 17.57 ? 7   THR A CG2 1 
ATOM   53  N  N   . GLU A 1 8   ? 11.040  7.613   -0.112  1.00 15.08 ? 8   GLU A N   1 
ATOM   54  C  CA  . GLU A 1 8   ? 10.178  8.592   0.545   1.00 15.13 ? 8   GLU A CA  1 
ATOM   55  C  C   . GLU A 1 8   ? 9.288   7.902   1.568   1.00 14.67 ? 8   GLU A C   1 
ATOM   56  O  O   . GLU A 1 8   ? 9.040   8.438   2.646   1.00 15.52 ? 8   GLU A O   1 
ATOM   57  C  CB  . GLU A 1 8   ? 9.274   9.295   -0.464  1.00 16.05 ? 8   GLU A CB  1 
ATOM   58  C  CG  . GLU A 1 8   ? 9.972   10.130  -1.503  1.00 21.01 ? 8   GLU A CG  1 
ATOM   59  C  CD  . GLU A 1 8   ? 8.977   10.910  -2.335  1.00 23.26 ? 8   GLU A CD  1 
ATOM   60  O  OE1 . GLU A 1 8   ? 8.427   11.907  -1.817  1.00 27.94 ? 8   GLU A OE1 1 
ATOM   61  O  OE2 . GLU A 1 8   ? 8.730   10.517  -3.494  1.00 21.74 ? 8   GLU A OE2 1 
ATOM   62  N  N   . LEU A 1 9   ? 8.797   6.717   1.223   1.00 13.79 ? 9   LEU A N   1 
ATOM   63  C  CA  . LEU A 1 9   ? 7.931   5.976   2.131   1.00 13.29 ? 9   LEU A CA  1 
ATOM   64  C  C   . LEU A 1 9   ? 8.668   5.587   3.406   1.00 13.37 ? 9   LEU A C   1 
ATOM   65  O  O   . LEU A 1 9   ? 8.116   5.700   4.499   1.00 13.13 ? 9   LEU A O   1 
ATOM   66  C  CB  . LEU A 1 9   ? 7.382   4.717   1.452   1.00 13.86 ? 9   LEU A CB  1 
ATOM   67  C  CG  . LEU A 1 9   ? 6.419   3.876   2.303   1.00 13.47 ? 9   LEU A CG  1 
ATOM   68  C  CD1 . LEU A 1 9   ? 5.211   4.709   2.716   1.00 14.99 ? 9   LEU A CD1 1 
ATOM   69  C  CD2 . LEU A 1 9   ? 5.981   2.655   1.514   1.00 15.98 ? 9   LEU A CD2 1 
ATOM   70  N  N   . LYS A 1 10  ? 9.911   5.133   3.275   1.00 13.68 ? 10  LYS A N   1 
ATOM   71  C  CA  . LYS A 1 10  ? 10.682  4.744   4.453   1.00 13.96 ? 10  LYS A CA  1 
ATOM   72  C  C   . LYS A 1 10  ? 10.959  5.937   5.363   1.00 15.31 ? 10  LYS A C   1 
ATOM   73  O  O   . LYS A 1 10  ? 10.902  5.815   6.586   1.00 15.62 ? 10  LYS A O   1 
ATOM   74  C  CB  . LYS A 1 10  ? 12.004  4.080   4.047   1.00 12.54 ? 10  LYS A CB  1 
ATOM   75  C  CG  . LYS A 1 10  ? 11.826  2.686   3.459   1.00 11.76 ? 10  LYS A CG  1 
ATOM   76  C  CD  . LYS A 1 10  ? 13.150  2.030   3.112   1.00 13.72 ? 10  LYS A CD  1 
ATOM   77  C  CE  . LYS A 1 10  ? 12.926  0.661   2.489   1.00 12.90 ? 10  LYS A CE  1 
ATOM   78  N  NZ  . LYS A 1 10  ? 14.180  0.037   1.989   1.00 13.63 ? 10  LYS A NZ  1 
ATOM   79  N  N   . GLU A 1 11  ? 11.254  7.091   4.773   1.00 16.27 ? 11  GLU A N   1 
ATOM   80  C  CA  . GLU A 1 11  ? 11.527  8.277   5.577   1.00 17.97 ? 11  GLU A CA  1 
ATOM   81  C  C   . GLU A 1 11  ? 10.291  8.715   6.352   1.00 17.15 ? 11  GLU A C   1 
ATOM   82  O  O   . GLU A 1 11  ? 10.396  9.448   7.333   1.00 16.87 ? 11  GLU A O   1 
ATOM   83  C  CB  . GLU A 1 11  ? 12.035  9.423   4.699   1.00 20.29 ? 11  GLU A CB  1 
ATOM   84  C  CG  . GLU A 1 11  ? 13.455  9.220   4.195   1.00 25.44 ? 11  GLU A CG  1 
ATOM   85  C  CD  . GLU A 1 11  ? 14.051  10.483  3.598   1.00 28.73 ? 11  GLU A CD  1 
ATOM   86  O  OE1 . GLU A 1 11  ? 14.080  11.515  4.301   1.00 32.21 ? 11  GLU A OE1 1 
ATOM   87  O  OE2 . GLU A 1 11  ? 14.495  10.440  2.434   1.00 32.09 ? 11  GLU A OE2 1 
ATOM   88  N  N   . LYS A 1 12  ? 9.121   8.259   5.910   1.00 17.92 ? 12  LYS A N   1 
ATOM   89  C  CA  . LYS A 1 12  ? 7.870   8.596   6.579   1.00 18.88 ? 12  LYS A CA  1 
ATOM   90  C  C   . LYS A 1 12  ? 7.839   7.991   7.980   1.00 19.35 ? 12  LYS A C   1 
ATOM   91  O  O   . LYS A 1 12  ? 7.098   8.448   8.846   1.00 18.65 ? 12  LYS A O   1 
ATOM   92  C  CB  . LYS A 1 12  ? 6.679   8.083   5.767   1.00 21.67 ? 12  LYS A CB  1 
ATOM   93  C  CG  . LYS A 1 12  ? 6.406   8.857   4.486   1.00 25.13 ? 12  LYS A CG  1 
ATOM   94  C  CD  . LYS A 1 12  ? 5.808   10.221  4.776   1.00 28.20 ? 12  LYS A CD  1 
ATOM   95  C  CE  . LYS A 1 12  ? 5.373   10.916  3.495   1.00 30.24 ? 12  LYS A CE  1 
ATOM   96  N  NZ  . LYS A 1 12  ? 4.670   12.199  3.773   1.00 30.76 ? 12  LYS A NZ  1 
ATOM   97  N  N   . ILE A 1 13  ? 8.644   6.953   8.194   1.00 19.28 ? 13  ILE A N   1 
ATOM   98  C  CA  . ILE A 1 13  ? 8.723   6.302   9.497   1.00 19.67 ? 13  ILE A CA  1 
ATOM   99  C  C   . ILE A 1 13  ? 9.211   7.306   10.537  1.00 19.18 ? 13  ILE A C   1 
ATOM   100 O  O   . ILE A 1 13  ? 8.869   7.216   11.717  1.00 18.57 ? 13  ILE A O   1 
ATOM   101 C  CB  . ILE A 1 13  ? 9.718   5.120   9.472   1.00 21.14 ? 13  ILE A CB  1 
ATOM   102 C  CG1 . ILE A 1 13  ? 9.260   4.070   8.461   1.00 22.89 ? 13  ILE A CG1 1 
ATOM   103 C  CG2 . ILE A 1 13  ? 9.837   4.506   10.859  1.00 20.89 ? 13  ILE A CG2 1 
ATOM   104 C  CD1 . ILE A 1 13  ? 10.230  2.919   8.313   1.00 25.15 ? 13  ILE A CD1 1 
ATOM   105 N  N   . LEU A 1 14  ? 10.015  8.265   10.085  1.00 18.75 ? 14  LEU A N   1 
ATOM   106 C  CA  . LEU A 1 14  ? 10.580  9.281   10.964  1.00 20.28 ? 14  LEU A CA  1 
ATOM   107 C  C   . LEU A 1 14  ? 9.642   10.451  11.255  1.00 22.43 ? 14  LEU A C   1 
ATOM   108 O  O   . LEU A 1 14  ? 10.024  11.400  11.943  1.00 22.67 ? 14  LEU A O   1 
ATOM   109 C  CB  . LEU A 1 14  ? 11.889  9.802   10.369  1.00 17.88 ? 14  LEU A CB  1 
ATOM   110 C  CG  . LEU A 1 14  ? 12.933  8.727   10.044  1.00 18.02 ? 14  LEU A CG  1 
ATOM   111 C  CD1 . LEU A 1 14  ? 14.188  9.381   9.486   1.00 17.46 ? 14  LEU A CD1 1 
ATOM   112 C  CD2 . LEU A 1 14  ? 13.261  7.928   11.297  1.00 14.99 ? 14  LEU A CD2 1 
ATOM   113 N  N   . ASP A 1 15  ? 8.419   10.389  10.735  1.00 24.21 ? 15  ASP A N   1 
ATOM   114 C  CA  . ASP A 1 15  ? 7.452   11.455  10.972  1.00 27.02 ? 15  ASP A CA  1 
ATOM   115 C  C   . ASP A 1 15  ? 6.658   11.217  12.252  1.00 27.61 ? 15  ASP A C   1 
ATOM   116 O  O   . ASP A 1 15  ? 6.722   10.140  12.844  1.00 27.86 ? 15  ASP A O   1 
ATOM   117 C  CB  . ASP A 1 15  ? 6.491   11.590  9.787   1.00 28.35 ? 15  ASP A CB  1 
ATOM   118 C  CG  . ASP A 1 15  ? 7.168   12.135  8.545   1.00 30.96 ? 15  ASP A CG  1 
ATOM   119 O  OD1 . ASP A 1 15  ? 7.873   13.163  8.651   1.00 32.86 ? 15  ASP A OD1 1 
ATOM   120 O  OD2 . ASP A 1 15  ? 6.992   11.545  7.460   1.00 32.31 ? 15  ASP A OD2 1 
ATOM   121 N  N   . ALA A 1 16  ? 5.903   12.230  12.662  1.00 29.10 ? 16  ALA A N   1 
ATOM   122 C  CA  . ALA A 1 16  ? 5.100   12.176  13.881  1.00 30.40 ? 16  ALA A CA  1 
ATOM   123 C  C   . ALA A 1 16  ? 4.204   10.947  14.027  1.00 31.29 ? 16  ALA A C   1 
ATOM   124 O  O   . ALA A 1 16  ? 4.294   10.223  15.021  1.00 33.09 ? 16  ALA A O   1 
ATOM   125 C  CB  . ALA A 1 16  ? 4.259   13.442  13.993  1.00 30.75 ? 16  ALA A CB  1 
ATOM   126 N  N   . ASN A 1 17  ? 3.340   10.713  13.045  1.00 31.57 ? 17  ASN A N   1 
ATOM   127 C  CA  . ASN A 1 17  ? 2.420   9.581   13.094  1.00 31.29 ? 17  ASN A CA  1 
ATOM   128 C  C   . ASN A 1 17  ? 2.633   8.592   11.953  1.00 29.92 ? 17  ASN A C   1 
ATOM   129 O  O   . ASN A 1 17  ? 3.070   8.968   10.867  1.00 29.30 ? 17  ASN A O   1 
ATOM   130 C  CB  . ASN A 1 17  ? 0.973   10.082  13.055  1.00 33.25 ? 17  ASN A CB  1 
ATOM   131 C  CG  . ASN A 1 17  ? 0.635   10.983  14.226  1.00 34.68 ? 17  ASN A CG  1 
ATOM   132 O  OD1 . ASN A 1 17  ? 0.661   10.556  15.380  1.00 36.17 ? 17  ASN A OD1 1 
ATOM   133 N  ND2 . ASN A 1 17  ? 0.318   12.240  13.935  1.00 36.35 ? 17  ASN A ND2 1 
ATOM   134 N  N   . PRO A 1 18  ? 2.319   7.308   12.189  1.00 28.59 ? 18  PRO A N   1 
ATOM   135 C  CA  . PRO A 1 18  ? 2.483   6.284   11.154  1.00 27.10 ? 18  PRO A CA  1 
ATOM   136 C  C   . PRO A 1 18  ? 1.445   6.459   10.050  1.00 25.67 ? 18  PRO A C   1 
ATOM   137 O  O   . PRO A 1 18  ? 0.309   6.848   10.316  1.00 25.51 ? 18  PRO A O   1 
ATOM   138 C  CB  . PRO A 1 18  ? 2.295   4.982   11.928  1.00 27.64 ? 18  PRO A CB  1 
ATOM   139 C  CG  . PRO A 1 18  ? 1.295   5.370   12.975  1.00 28.71 ? 18  PRO A CG  1 
ATOM   140 C  CD  . PRO A 1 18  ? 1.819   6.712   13.441  1.00 28.72 ? 18  PRO A CD  1 
ATOM   141 N  N   . VAL A 1 19  ? 1.838   6.183   8.813   1.00 23.44 ? 19  VAL A N   1 
ATOM   142 C  CA  . VAL A 1 19  ? 0.920   6.312   7.688   1.00 21.26 ? 19  VAL A CA  1 
ATOM   143 C  C   . VAL A 1 19  ? 0.158   5.015   7.453   1.00 19.66 ? 19  VAL A C   1 
ATOM   144 O  O   . VAL A 1 19  ? 0.583   3.941   7.888   1.00 20.01 ? 19  VAL A O   1 
ATOM   145 C  CB  . VAL A 1 19  ? 1.663   6.686   6.387   1.00 21.61 ? 19  VAL A CB  1 
ATOM   146 C  CG1 . VAL A 1 19  ? 2.319   8.050   6.533   1.00 22.21 ? 19  VAL A CG1 1 
ATOM   147 C  CG2 . VAL A 1 19  ? 2.697   5.619   6.055   1.00 21.27 ? 19  VAL A CG2 1 
ATOM   148 N  N   . ASN A 1 20  ? -0.976  5.129   6.768   1.00 16.59 ? 20  ASN A N   1 
ATOM   149 C  CA  . ASN A 1 20  ? -1.808  3.974   6.452   1.00 15.33 ? 20  ASN A CA  1 
ATOM   150 C  C   . ASN A 1 20  ? -1.261  3.299   5.201   1.00 14.94 ? 20  ASN A C   1 
ATOM   151 O  O   . ASN A 1 20  ? -1.215  3.912   4.137   1.00 14.74 ? 20  ASN A O   1 
ATOM   152 C  CB  . ASN A 1 20  ? -3.243  4.415   6.173   1.00 16.20 ? 20  ASN A CB  1 
ATOM   153 C  CG  . ASN A 1 20  ? -3.877  5.142   7.341   1.00 18.74 ? 20  ASN A CG  1 
ATOM   154 O  OD1 . ASN A 1 20  ? -4.693  6.042   7.148   1.00 21.49 ? 20  ASN A OD1 1 
ATOM   155 N  ND2 . ASN A 1 20  ? -3.525  4.744   8.555   1.00 17.74 ? 20  ASN A ND2 1 
ATOM   156 N  N   . ILE A 1 21  ? -0.850  2.042   5.331   1.00 12.52 ? 21  ILE A N   1 
ATOM   157 C  CA  . ILE A 1 21  ? -0.323  1.286   4.202   1.00 11.62 ? 21  ILE A CA  1 
ATOM   158 C  C   . ILE A 1 21  ? -1.216  0.078   3.943   1.00 11.22 ? 21  ILE A C   1 
ATOM   159 O  O   . ILE A 1 21  ? -1.619  -0.607  4.880   1.00 11.34 ? 21  ILE A O   1 
ATOM   160 C  CB  . ILE A 1 21  ? 1.104   0.764   4.480   1.00 12.10 ? 21  ILE A CB  1 
ATOM   161 C  CG1 . ILE A 1 21  ? 2.060   1.940   4.682   1.00 13.65 ? 21  ILE A CG1 1 
ATOM   162 C  CG2 . ILE A 1 21  ? 1.569   -0.127  3.331   1.00 13.49 ? 21  ILE A CG2 1 
ATOM   163 C  CD1 . ILE A 1 21  ? 3.446   1.522   5.128   1.00 16.59 ? 21  ILE A CD1 1 
ATOM   164 N  N   . VAL A 1 22  ? -1.529  -0.164  2.671   1.00 8.77  ? 22  VAL A N   1 
ATOM   165 C  CA  . VAL A 1 22  ? -2.341  -1.308  2.270   1.00 10.85 ? 22  VAL A CA  1 
ATOM   166 C  C   . VAL A 1 22  ? -1.539  -2.122  1.252   1.00 9.87  ? 22  VAL A C   1 
ATOM   167 O  O   . VAL A 1 22  ? -1.195  -1.629  0.171   1.00 10.26 ? 22  VAL A O   1 
ATOM   168 C  CB  . VAL A 1 22  ? -3.688  -0.879  1.631   1.00 9.14  ? 22  VAL A CB  1 
ATOM   169 C  CG1 . VAL A 1 22  ? -4.471  -2.110  1.190   1.00 11.21 ? 22  VAL A CG1 1 
ATOM   170 C  CG2 . VAL A 1 22  ? -4.505  -0.064  2.627   1.00 12.22 ? 22  VAL A CG2 1 
ATOM   171 N  N   . ASP A 1 23  ? -1.231  -3.358  1.636   1.00 9.64  ? 23  ASP A N   1 
ATOM   172 C  CA  . ASP A 1 23  ? -0.468  -4.318  0.837   1.00 10.23 ? 23  ASP A CA  1 
ATOM   173 C  C   . ASP A 1 23  ? -1.497  -5.140  0.056   1.00 10.36 ? 23  ASP A C   1 
ATOM   174 O  O   . ASP A 1 23  ? -2.262  -5.893  0.652   1.00 10.60 ? 23  ASP A O   1 
ATOM   175 C  CB  . ASP A 1 23  ? 0.316   -5.225  1.794   1.00 11.35 ? 23  ASP A CB  1 
ATOM   176 C  CG  . ASP A 1 23  ? 1.265   -6.172  1.083   1.00 11.91 ? 23  ASP A CG  1 
ATOM   177 O  OD1 . ASP A 1 23  ? 0.987   -6.589  -0.061  1.00 10.55 ? 23  ASP A OD1 1 
ATOM   178 O  OD2 . ASP A 1 23  ? 2.297   -6.524  1.697   1.00 13.85 ? 23  ASP A OD2 1 
ATOM   179 N  N   . VAL A 1 24  ? -1.510  -5.006  -1.270  1.00 8.66  ? 24  VAL A N   1 
ATOM   180 C  CA  . VAL A 1 24  ? -2.491  -5.717  -2.086  1.00 9.97  ? 24  VAL A CA  1 
ATOM   181 C  C   . VAL A 1 24  ? -2.004  -6.987  -2.792  1.00 10.65 ? 24  VAL A C   1 
ATOM   182 O  O   . VAL A 1 24  ? -2.645  -7.475  -3.728  1.00 11.39 ? 24  VAL A O   1 
ATOM   183 C  CB  . VAL A 1 24  ? -3.127  -4.744  -3.119  1.00 8.64  ? 24  VAL A CB  1 
ATOM   184 C  CG1 . VAL A 1 24  ? -3.793  -3.582  -2.381  1.00 8.89  ? 24  VAL A CG1 1 
ATOM   185 C  CG2 . VAL A 1 24  ? -2.062  -4.205  -4.073  1.00 10.15 ? 24  VAL A CG2 1 
ATOM   186 N  N   . ARG A 1 25  ? -0.877  -7.526  -2.342  1.00 11.00 ? 25  ARG A N   1 
ATOM   187 C  CA  . ARG A 1 25  ? -0.339  -8.752  -2.929  1.00 12.10 ? 25  ARG A CA  1 
ATOM   188 C  C   . ARG A 1 25  ? -1.181  -9.936  -2.455  1.00 13.63 ? 25  ARG A C   1 
ATOM   189 O  O   . ARG A 1 25  ? -2.088  -9.769  -1.641  1.00 13.67 ? 25  ARG A O   1 
ATOM   190 C  CB  . ARG A 1 25  ? 1.114   -8.956  -2.496  1.00 11.59 ? 25  ARG A CB  1 
ATOM   191 C  CG  . ARG A 1 25  ? 2.085   -7.885  -2.991  1.00 11.59 ? 25  ARG A CG  1 
ATOM   192 C  CD  . ARG A 1 25  ? 3.479   -8.123  -2.423  1.00 12.28 ? 25  ARG A CD  1 
ATOM   193 N  NE  . ARG A 1 25  ? 3.473   -8.016  -0.969  1.00 11.45 ? 25  ARG A NE  1 
ATOM   194 C  CZ  . ARG A 1 25  ? 4.431   -8.469  -0.168  1.00 10.45 ? 25  ARG A CZ  1 
ATOM   195 N  NH1 . ARG A 1 25  ? 5.499   -9.075  -0.675  1.00 13.85 ? 25  ARG A NH1 1 
ATOM   196 N  NH2 . ARG A 1 25  ? 4.313   -8.320  1.146   1.00 10.14 ? 25  ARG A NH2 1 
ATOM   197 N  N   . THR A 1 26  ? -0.883  -11.130 -2.959  1.00 16.89 ? 26  THR A N   1 
ATOM   198 C  CA  . THR A 1 26  ? -1.635  -12.310 -2.544  1.00 17.66 ? 26  THR A CA  1 
ATOM   199 C  C   . THR A 1 26  ? -1.052  -12.896 -1.259  1.00 19.68 ? 26  THR A C   1 
ATOM   200 O  O   . THR A 1 26  ? 0.070   -12.574 -0.870  1.00 17.91 ? 26  THR A O   1 
ATOM   201 C  CB  . THR A 1 26  ? -1.656  -13.395 -3.648  1.00 19.62 ? 26  THR A CB  1 
ATOM   202 O  OG1 . THR A 1 26  ? -0.318  -13.780 -3.981  1.00 21.67 ? 26  THR A OG1 1 
ATOM   203 C  CG2 . THR A 1 26  ? -2.359  -12.871 -4.892  1.00 20.43 ? 26  THR A CG2 1 
ATOM   204 N  N   . ASP A 1 27  ? -1.832  -13.756 -0.610  1.00 20.25 ? 27  ASP A N   1 
ATOM   205 C  CA  . ASP A 1 27  ? -1.456  -14.395 0.649   1.00 22.41 ? 27  ASP A CA  1 
ATOM   206 C  C   . ASP A 1 27  ? -0.043  -14.980 0.744   1.00 22.03 ? 27  ASP A C   1 
ATOM   207 O  O   . ASP A 1 27  ? 0.707   -14.636 1.658   1.00 21.65 ? 27  ASP A O   1 
ATOM   208 C  CB  . ASP A 1 27  ? -2.480  -15.485 0.987   1.00 25.93 ? 27  ASP A CB  1 
ATOM   209 C  CG  . ASP A 1 27  ? -2.198  -16.165 2.315   1.00 28.57 ? 27  ASP A CG  1 
ATOM   210 O  OD1 . ASP A 1 27  ? -1.114  -16.769 2.465   1.00 32.23 ? 27  ASP A OD1 1 
ATOM   211 O  OD2 . ASP A 1 27  ? -3.065  -16.099 3.211   1.00 31.74 ? 27  ASP A OD2 1 
ATOM   212 N  N   . GLN A 1 28  ? 0.321   -15.869 -0.175  1.00 20.75 ? 28  GLN A N   1 
ATOM   213 C  CA  . GLN A 1 28  ? 1.644   -16.483 -0.122  1.00 20.41 ? 28  GLN A CA  1 
ATOM   214 C  C   . GLN A 1 28  ? 2.760   -15.450 -0.231  1.00 18.92 ? 28  GLN A C   1 
ATOM   215 O  O   . GLN A 1 28  ? 3.847   -15.642 0.311   1.00 19.34 ? 28  GLN A O   1 
ATOM   216 C  CB  . GLN A 1 28  ? 1.800   -17.538 -1.222  1.00 21.04 ? 28  GLN A CB  1 
ATOM   217 C  CG  . GLN A 1 28  ? 3.151   -18.257 -1.211  1.00 22.41 ? 28  GLN A CG  1 
ATOM   218 C  CD  . GLN A 1 28  ? 3.364   -19.137 0.014   1.00 22.68 ? 28  GLN A CD  1 
ATOM   219 O  OE1 . GLN A 1 28  ? 4.464   -19.656 0.232   1.00 23.28 ? 28  GLN A OE1 1 
ATOM   220 N  NE2 . GLN A 1 28  ? 2.317   -19.315 0.813   1.00 22.13 ? 28  GLN A NE2 1 
ATOM   221 N  N   . GLU A 1 29  ? 2.491   -14.354 -0.935  1.00 17.90 ? 29  GLU A N   1 
ATOM   222 C  CA  . GLU A 1 29  ? 3.482   -13.298 -1.088  1.00 17.16 ? 29  GLU A CA  1 
ATOM   223 C  C   . GLU A 1 29  ? 3.659   -12.532 0.220   1.00 15.48 ? 29  GLU A C   1 
ATOM   224 O  O   . GLU A 1 29  ? 4.785   -12.270 0.647   1.00 15.50 ? 29  GLU A O   1 
ATOM   225 C  CB  . GLU A 1 29  ? 3.064   -12.340 -2.206  1.00 18.13 ? 29  GLU A CB  1 
ATOM   226 C  CG  . GLU A 1 29  ? 3.087   -12.972 -3.589  1.00 22.23 ? 29  GLU A CG  1 
ATOM   227 C  CD  . GLU A 1 29  ? 2.590   -12.034 -4.671  1.00 23.69 ? 29  GLU A CD  1 
ATOM   228 O  OE1 . GLU A 1 29  ? 1.364   -11.797 -4.740  1.00 25.90 ? 29  GLU A OE1 1 
ATOM   229 O  OE2 . GLU A 1 29  ? 3.425   -11.526 -5.450  1.00 26.40 ? 29  GLU A OE2 1 
ATOM   230 N  N   . THR A 1 30  ? 2.550   -12.174 0.863   1.00 14.39 ? 30  THR A N   1 
ATOM   231 C  CA  . THR A 1 30  ? 2.635   -11.446 2.121   1.00 13.00 ? 30  THR A CA  1 
ATOM   232 C  C   . THR A 1 30  ? 3.200   -12.361 3.202   1.00 12.80 ? 30  THR A C   1 
ATOM   233 O  O   . THR A 1 30  ? 3.745   -11.891 4.203   1.00 12.85 ? 30  THR A O   1 
ATOM   234 C  CB  . THR A 1 30  ? 1.257   -10.894 2.574   1.00 13.53 ? 30  THR A CB  1 
ATOM   235 O  OG1 . THR A 1 30  ? 0.324   -11.972 2.736   1.00 14.80 ? 30  THR A OG1 1 
ATOM   236 C  CG2 . THR A 1 30  ? 0.717   -9.903  1.547   1.00 12.63 ? 30  THR A CG2 1 
ATOM   237 N  N   . ALA A 1 31  ? 3.082   -13.669 2.986   1.00 12.63 ? 31  ALA A N   1 
ATOM   238 C  CA  . ALA A 1 31  ? 3.600   -14.652 3.930   1.00 14.36 ? 31  ALA A CA  1 
ATOM   239 C  C   . ALA A 1 31  ? 5.125   -14.556 4.020   1.00 14.24 ? 31  ALA A C   1 
ATOM   240 O  O   . ALA A 1 31  ? 5.729   -15.014 4.991   1.00 15.19 ? 31  ALA A O   1 
ATOM   241 C  CB  . ALA A 1 31  ? 3.186   -16.059 3.502   1.00 14.67 ? 31  ALA A CB  1 
HETATM 242 N  N   . MSE A 1 32  ? 5.747   -13.967 3.003   1.00 14.19 ? 32  MSE A N   1 
HETATM 243 C  CA  . MSE A 1 32  ? 7.200   -13.813 2.994   1.00 15.12 ? 32  MSE A CA  1 
HETATM 244 C  C   . MSE A 1 32  ? 7.638   -12.569 3.773   1.00 14.47 ? 32  MSE A C   1 
HETATM 245 O  O   . MSE A 1 32  ? 8.831   -12.317 3.944   1.00 14.81 ? 32  MSE A O   1 
HETATM 246 C  CB  . MSE A 1 32  ? 7.718   -13.739 1.554   1.00 18.66 ? 32  MSE A CB  1 
HETATM 247 C  CG  . MSE A 1 32  ? 7.415   -14.982 0.723   1.00 20.75 ? 32  MSE A CG  1 
HETATM 248 SE SE  . MSE A 1 32  ? 8.208   -16.610 1.431   1.00 29.46 ? 32  MSE A SE  1 
HETATM 249 C  CE  . MSE A 1 32  ? 6.706   -17.256 2.453   1.00 25.05 ? 32  MSE A CE  1 
ATOM   250 N  N   . GLY A 1 33  ? 6.669   -11.791 4.246   1.00 12.88 ? 33  GLY A N   1 
ATOM   251 C  CA  . GLY A 1 33  ? 7.001   -10.602 5.009   1.00 13.34 ? 33  GLY A CA  1 
ATOM   252 C  C   . GLY A 1 33  ? 6.301   -9.341  4.544   1.00 12.34 ? 33  GLY A C   1 
ATOM   253 O  O   . GLY A 1 33  ? 6.190   -9.091  3.345   1.00 13.86 ? 33  GLY A O   1 
ATOM   254 N  N   . ILE A 1 34  ? 5.836   -8.542  5.499   1.00 12.04 ? 34  ILE A N   1 
ATOM   255 C  CA  . ILE A 1 34  ? 5.150   -7.298  5.176   1.00 10.70 ? 34  ILE A CA  1 
ATOM   256 C  C   . ILE A 1 34  ? 5.774   -6.118  5.909   1.00 9.88  ? 34  ILE A C   1 
ATOM   257 O  O   . ILE A 1 34  ? 6.528   -6.288  6.869   1.00 11.40 ? 34  ILE A O   1 
ATOM   258 C  CB  . ILE A 1 34  ? 3.644   -7.350  5.559   1.00 12.81 ? 34  ILE A CB  1 
ATOM   259 C  CG1 . ILE A 1 34  ? 3.486   -7.486  7.077   1.00 12.98 ? 34  ILE A CG1 1 
ATOM   260 C  CG2 . ILE A 1 34  ? 2.959   -8.516  4.856   1.00 11.46 ? 34  ILE A CG2 1 
ATOM   261 C  CD1 . ILE A 1 34  ? 2.055   -7.335  7.547   1.00 15.30 ? 34  ILE A CD1 1 
ATOM   262 N  N   . ILE A 1 35  ? 5.460   -4.917  5.440   1.00 9.53  ? 35  ILE A N   1 
ATOM   263 C  CA  . ILE A 1 35  ? 5.947   -3.704  6.079   1.00 11.20 ? 35  ILE A CA  1 
ATOM   264 C  C   . ILE A 1 35  ? 5.213   -3.624  7.415   1.00 11.41 ? 35  ILE A C   1 
ATOM   265 O  O   . ILE A 1 35  ? 3.993   -3.794  7.468   1.00 11.78 ? 35  ILE A O   1 
ATOM   266 C  CB  . ILE A 1 35  ? 5.600   -2.464  5.235   1.00 11.24 ? 35  ILE A CB  1 
ATOM   267 C  CG1 . ILE A 1 35  ? 6.376   -2.500  3.917   1.00 12.31 ? 35  ILE A CG1 1 
ATOM   268 C  CG2 . ILE A 1 35  ? 5.879   -1.199  6.031   1.00 10.62 ? 35  ILE A CG2 1 
ATOM   269 C  CD1 . ILE A 1 35  ? 5.970   -1.417  2.932   1.00 11.67 ? 35  ILE A CD1 1 
ATOM   270 N  N   . PRO A 1 36  ? 5.943   -3.387  8.517   1.00 11.45 ? 36  PRO A N   1 
ATOM   271 C  CA  . PRO A 1 36  ? 5.266   -3.305  9.816   1.00 11.74 ? 36  PRO A CA  1 
ATOM   272 C  C   . PRO A 1 36  ? 4.100   -2.317  9.781   1.00 11.88 ? 36  PRO A C   1 
ATOM   273 O  O   . PRO A 1 36  ? 4.234   -1.202  9.267   1.00 12.76 ? 36  PRO A O   1 
ATOM   274 C  CB  . PRO A 1 36  ? 6.381   -2.855  10.757  1.00 12.05 ? 36  PRO A CB  1 
ATOM   275 C  CG  . PRO A 1 36  ? 7.608   -3.470  10.133  1.00 12.90 ? 36  PRO A CG  1 
ATOM   276 C  CD  . PRO A 1 36  ? 7.395   -3.185  8.664   1.00 12.51 ? 36  PRO A CD  1 
ATOM   277 N  N   . GLY A 1 37  ? 2.953   -2.744  10.302  1.00 12.20 ? 37  GLY A N   1 
ATOM   278 C  CA  . GLY A 1 37  ? 1.779   -1.887  10.339  1.00 11.91 ? 37  GLY A CA  1 
ATOM   279 C  C   . GLY A 1 37  ? 0.860   -1.932  9.128   1.00 11.91 ? 37  GLY A C   1 
ATOM   280 O  O   . GLY A 1 37  ? -0.226  -1.357  9.154   1.00 14.07 ? 37  GLY A O   1 
ATOM   281 N  N   . ALA A 1 38  ? 1.279   -2.616  8.071   1.00 11.89 ? 38  ALA A N   1 
ATOM   282 C  CA  . ALA A 1 38  ? 0.475   -2.691  6.858   1.00 10.96 ? 38  ALA A CA  1 
ATOM   283 C  C   . ALA A 1 38  ? -0.746  -3.598  6.981   1.00 12.67 ? 38  ALA A C   1 
ATOM   284 O  O   . ALA A 1 38  ? -0.712  -4.622  7.665   1.00 13.01 ? 38  ALA A O   1 
ATOM   285 C  CB  . ALA A 1 38  ? 1.343   -3.156  5.688   1.00 12.53 ? 38  ALA A CB  1 
ATOM   286 N  N   . GLU A 1 39  ? -1.825  -3.196  6.315   1.00 11.61 ? 39  GLU A N   1 
ATOM   287 C  CA  . GLU A 1 39  ? -3.062  -3.968  6.280   1.00 13.04 ? 39  GLU A CA  1 
ATOM   288 C  C   . GLU A 1 39  ? -2.994  -4.740  4.963   1.00 12.10 ? 39  GLU A C   1 
ATOM   289 O  O   . GLU A 1 39  ? -2.638  -4.172  3.930   1.00 13.48 ? 39  GLU A O   1 
ATOM   290 C  CB  . GLU A 1 39  ? -4.274  -3.034  6.258   1.00 14.35 ? 39  GLU A CB  1 
ATOM   291 C  CG  . GLU A 1 39  ? -5.611  -3.752  6.332   1.00 20.32 ? 39  GLU A CG  1 
ATOM   292 C  CD  . GLU A 1 39  ? -5.914  -4.261  7.728   1.00 23.82 ? 39  GLU A CD  1 
ATOM   293 O  OE1 . GLU A 1 39  ? -5.041  -4.916  8.329   1.00 29.63 ? 39  GLU A OE1 1 
ATOM   294 O  OE2 . GLU A 1 39  ? -7.032  -4.009  8.223   1.00 27.86 ? 39  GLU A OE2 1 
ATOM   295 N  N   . THR A 1 40  ? -3.324  -6.025  4.991   1.00 11.36 ? 40  THR A N   1 
ATOM   296 C  CA  . THR A 1 40  ? -3.277  -6.830  3.777   1.00 10.41 ? 40  THR A CA  1 
ATOM   297 C  C   . THR A 1 40  ? -4.665  -7.078  3.187   1.00 10.23 ? 40  THR A C   1 
ATOM   298 O  O   . THR A 1 40  ? -5.514  -7.710  3.808   1.00 12.28 ? 40  THR A O   1 
ATOM   299 C  CB  . THR A 1 40  ? -2.588  -8.199  4.028   1.00 11.69 ? 40  THR A CB  1 
ATOM   300 O  OG1 . THR A 1 40  ? -3.199  -8.852  5.146   1.00 16.01 ? 40  THR A OG1 1 
ATOM   301 C  CG2 . THR A 1 40  ? -1.105  -8.014  4.318   1.00 12.27 ? 40  THR A CG2 1 
ATOM   302 N  N   . ILE A 1 41  ? -4.907  -6.552  1.995   1.00 10.44 ? 41  ILE A N   1 
ATOM   303 C  CA  . ILE A 1 41  ? -6.182  -6.769  1.320   1.00 10.27 ? 41  ILE A CA  1 
ATOM   304 C  C   . ILE A 1 41  ? -5.826  -7.034  -0.137  1.00 9.82  ? 41  ILE A C   1 
ATOM   305 O  O   . ILE A 1 41  ? -5.442  -6.119  -0.856  1.00 8.93  ? 41  ILE A O   1 
ATOM   306 C  CB  . ILE A 1 41  ? -7.097  -5.532  1.394   1.00 9.43  ? 41  ILE A CB  1 
ATOM   307 C  CG1 . ILE A 1 41  ? -7.384  -5.182  2.856   1.00 10.27 ? 41  ILE A CG1 1 
ATOM   308 C  CG2 . ILE A 1 41  ? -8.397  -5.815  0.635   1.00 11.25 ? 41  ILE A CG2 1 
ATOM   309 C  CD1 . ILE A 1 41  ? -8.195  -3.908  3.037   1.00 14.95 ? 41  ILE A CD1 1 
ATOM   310 N  N   . PRO A 1 42  ? -5.941  -8.294  -0.589  1.00 10.67 ? 42  PRO A N   1 
ATOM   311 C  CA  . PRO A 1 42  ? -5.614  -8.645  -1.976  1.00 12.07 ? 42  PRO A CA  1 
ATOM   312 C  C   . PRO A 1 42  ? -6.342  -7.782  -3.005  1.00 12.13 ? 42  PRO A C   1 
ATOM   313 O  O   . PRO A 1 42  ? -7.514  -7.456  -2.832  1.00 12.41 ? 42  PRO A O   1 
ATOM   314 C  CB  . PRO A 1 42  ? -6.015  -10.115 -2.063  1.00 13.02 ? 42  PRO A CB  1 
ATOM   315 C  CG  . PRO A 1 42  ? -5.834  -10.602 -0.655  1.00 15.23 ? 42  PRO A CG  1 
ATOM   316 C  CD  . PRO A 1 42  ? -6.420  -9.474  0.150   1.00 12.12 ? 42  PRO A CD  1 
HETATM 317 N  N   . MSE A 1 43  ? -5.647  -7.425  -4.080  1.00 12.81 ? 43  MSE A N   1 
HETATM 318 C  CA  . MSE A 1 43  ? -6.234  -6.587  -5.122  1.00 14.61 ? 43  MSE A CA  1 
HETATM 319 C  C   . MSE A 1 43  ? -7.618  -7.048  -5.571  1.00 15.08 ? 43  MSE A C   1 
HETATM 320 O  O   . MSE A 1 43  ? -8.539  -6.239  -5.705  1.00 13.03 ? 43  MSE A O   1 
HETATM 321 C  CB  . MSE A 1 43  ? -5.313  -6.520  -6.343  1.00 20.65 ? 43  MSE A CB  1 
HETATM 322 C  CG  . MSE A 1 43  ? -5.901  -5.698  -7.490  1.00 25.70 ? 43  MSE A CG  1 
HETATM 323 SE SE  . MSE A 1 43  ? -4.760  -5.556  -9.046  1.00 40.65 ? 43  MSE A SE  1 
HETATM 324 C  CE  . MSE A 1 43  ? -5.261  -7.187  -9.950  1.00 34.65 ? 43  MSE A CE  1 
ATOM   325 N  N   . ASN A 1 44  ? -7.760  -8.348  -5.811  1.00 14.89 ? 44  ASN A N   1 
ATOM   326 C  CA  . ASN A 1 44  ? -9.033  -8.894  -6.265  1.00 16.03 ? 44  ASN A CA  1 
ATOM   327 C  C   . ASN A 1 44  ? -10.191 -8.598  -5.322  1.00 15.31 ? 44  ASN A C   1 
ATOM   328 O  O   . ASN A 1 44  ? -11.343 -8.515  -5.750  1.00 16.95 ? 44  ASN A O   1 
ATOM   329 C  CB  . ASN A 1 44  ? -8.926  -10.410 -6.450  1.00 17.28 ? 44  ASN A CB  1 
ATOM   330 C  CG  . ASN A 1 44  ? -10.176 -11.005 -7.065  1.00 18.54 ? 44  ASN A CG  1 
ATOM   331 O  OD1 . ASN A 1 44  ? -10.473 -10.766 -8.235  1.00 20.81 ? 44  ASN A OD1 1 
ATOM   332 N  ND2 . ASN A 1 44  ? -10.926 -11.772 -6.275  1.00 18.19 ? 44  ASN A ND2 1 
ATOM   333 N  N   . SER A 1 45  ? -9.888  -8.447  -4.039  1.00 14.32 ? 45  SER A N   1 
ATOM   334 C  CA  . SER A 1 45  ? -10.922 -8.196  -3.043  0.50 12.95 ? 45  SER A CA  1 
ATOM   335 C  C   . SER A 1 45  ? -11.146 -6.727  -2.718  1.00 12.84 ? 45  SER A C   1 
ATOM   336 O  O   . SER A 1 45  ? -12.018 -6.402  -1.923  1.00 12.83 ? 45  SER A O   1 
ATOM   337 C  CB  . SER A 1 45  ? -10.591 -8.947  -1.752  0.50 12.44 ? 45  SER A CB  1 
ATOM   338 O  OG  . SER A 1 45  ? -9.351  -8.518  -1.226  0.50 14.33 ? 45  SER A OG  1 
ATOM   339 N  N   . ILE A 1 46  ? -10.365 -5.837  -3.321  1.00 12.66 ? 46  ILE A N   1 
ATOM   340 C  CA  . ILE A 1 46  ? -10.517 -4.413  -3.044  1.00 12.44 ? 46  ILE A CA  1 
ATOM   341 C  C   . ILE A 1 46  ? -11.946 -3.887  -3.268  1.00 12.52 ? 46  ILE A C   1 
ATOM   342 O  O   . ILE A 1 46  ? -12.466 -3.136  -2.443  1.00 12.58 ? 46  ILE A O   1 
ATOM   343 C  CB  . ILE A 1 46  ? -9.487  -3.581  -3.863  1.00 12.26 ? 46  ILE A CB  1 
ATOM   344 C  CG1 . ILE A 1 46  ? -8.103  -3.686  -3.204  1.00 11.65 ? 46  ILE A CG1 1 
ATOM   345 C  CG2 . ILE A 1 46  ? -9.940  -2.125  -3.968  1.00 13.00 ? 46  ILE A CG2 1 
ATOM   346 C  CD1 . ILE A 1 46  ? -7.984  -2.967  -1.865  1.00 12.26 ? 46  ILE A CD1 1 
ATOM   347 N  N   . PRO A 1 47  ? -12.603 -4.272  -4.376  1.00 12.35 ? 47  PRO A N   1 
ATOM   348 C  CA  . PRO A 1 47  ? -13.970 -3.786  -4.616  1.00 13.47 ? 47  PRO A CA  1 
ATOM   349 C  C   . PRO A 1 47  ? -14.979 -4.127  -3.517  1.00 13.95 ? 47  PRO A C   1 
ATOM   350 O  O   . PRO A 1 47  ? -15.952 -3.397  -3.308  1.00 15.48 ? 47  PRO A O   1 
ATOM   351 C  CB  . PRO A 1 47  ? -14.329 -4.426  -5.952  1.00 12.43 ? 47  PRO A CB  1 
ATOM   352 C  CG  . PRO A 1 47  ? -13.015 -4.441  -6.660  1.00 12.89 ? 47  PRO A CG  1 
ATOM   353 C  CD  . PRO A 1 47  ? -12.072 -4.936  -5.579  1.00 13.17 ? 47  PRO A CD  1 
ATOM   354 N  N   . ASP A 1 48  ? -14.749 -5.233  -2.818  1.00 13.28 ? 48  ASP A N   1 
ATOM   355 C  CA  . ASP A 1 48  ? -15.653 -5.654  -1.750  1.00 14.31 ? 48  ASP A CA  1 
ATOM   356 C  C   . ASP A 1 48  ? -15.207 -5.177  -0.373  1.00 14.37 ? 48  ASP A C   1 
ATOM   357 O  O   . ASP A 1 48  ? -15.838 -5.501  0.632   1.00 15.46 ? 48  ASP A O   1 
ATOM   358 C  CB  . ASP A 1 48  ? -15.783 -7.182  -1.732  1.00 16.39 ? 48  ASP A CB  1 
ATOM   359 C  CG  . ASP A 1 48  ? -16.683 -7.705  -2.834  1.00 20.48 ? 48  ASP A CG  1 
ATOM   360 O  OD1 . ASP A 1 48  ? -17.859 -7.287  -2.893  1.00 23.79 ? 48  ASP A OD1 1 
ATOM   361 O  OD2 . ASP A 1 48  ? -16.219 -8.541  -3.636  1.00 22.97 ? 48  ASP A OD2 1 
ATOM   362 N  N   . ASN A 1 49  ? -14.131 -4.400  -0.322  1.00 12.46 ? 49  ASN A N   1 
ATOM   363 C  CA  . ASN A 1 49  ? -13.629 -3.913  0.957   1.00 13.20 ? 49  ASN A CA  1 
ATOM   364 C  C   . ASN A 1 49  ? -13.505 -2.397  1.037   1.00 13.32 ? 49  ASN A C   1 
ATOM   365 O  O   . ASN A 1 49  ? -12.663 -1.877  1.766   1.00 14.05 ? 49  ASN A O   1 
ATOM   366 C  CB  . ASN A 1 49  ? -12.279 -4.567  1.262   1.00 14.46 ? 49  ASN A CB  1 
ATOM   367 C  CG  . ASN A 1 49  ? -12.421 -6.026  1.647   1.00 15.29 ? 49  ASN A CG  1 
ATOM   368 O  OD1 . ASN A 1 49  ? -12.661 -6.352  2.810   1.00 18.29 ? 49  ASN A OD1 1 
ATOM   369 N  ND2 . ASN A 1 49  ? -12.298 -6.911  0.667   1.00 16.20 ? 49  ASN A ND2 1 
ATOM   370 N  N   . LEU A 1 50  ? -14.353 -1.689  0.298   1.00 13.88 ? 50  LEU A N   1 
ATOM   371 C  CA  . LEU A 1 50  ? -14.317 -0.231  0.305   1.00 13.39 ? 50  LEU A CA  1 
ATOM   372 C  C   . LEU A 1 50  ? -14.670 0.357   1.673   1.00 13.70 ? 50  LEU A C   1 
ATOM   373 O  O   . LEU A 1 50  ? -14.233 1.455   2.010   1.00 15.26 ? 50  LEU A O   1 
ATOM   374 C  CB  . LEU A 1 50  ? -15.257 0.324   -0.774  1.00 13.70 ? 50  LEU A CB  1 
ATOM   375 C  CG  . LEU A 1 50  ? -14.780 0.134   -2.220  1.00 12.17 ? 50  LEU A CG  1 
ATOM   376 C  CD1 . LEU A 1 50  ? -15.835 0.632   -3.199  1.00 14.42 ? 50  LEU A CD1 1 
ATOM   377 C  CD2 . LEU A 1 50  ? -13.476 0.898   -2.419  1.00 13.75 ? 50  LEU A CD2 1 
ATOM   378 N  N   . ASN A 1 51  ? -15.443 -0.380  2.465   1.00 14.29 ? 51  ASN A N   1 
ATOM   379 C  CA  . ASN A 1 51  ? -15.839 0.090   3.792   1.00 15.74 ? 51  ASN A CA  1 
ATOM   380 C  C   . ASN A 1 51  ? -14.655 0.172   4.759   1.00 15.01 ? 51  ASN A C   1 
ATOM   381 O  O   . ASN A 1 51  ? -14.753 0.782   5.825   1.00 16.53 ? 51  ASN A O   1 
ATOM   382 C  CB  . ASN A 1 51  ? -16.938 -0.823  4.355   1.00 17.28 ? 51  ASN A CB  1 
ATOM   383 C  CG  . ASN A 1 51  ? -17.497 -0.327  5.675   1.00 20.32 ? 51  ASN A CG  1 
ATOM   384 O  OD1 . ASN A 1 51  ? -17.105 -0.792  6.744   1.00 23.08 ? 51  ASN A OD1 1 
ATOM   385 N  ND2 . ASN A 1 51  ? -18.419 0.627   5.604   1.00 23.16 ? 51  ASN A ND2 1 
ATOM   386 N  N   . TYR A 1 52  ? -13.534 -0.440  4.387   1.00 13.85 ? 52  TYR A N   1 
ATOM   387 C  CA  . TYR A 1 52  ? -12.336 -0.401  5.225   1.00 12.58 ? 52  TYR A CA  1 
ATOM   388 C  C   . TYR A 1 52  ? -11.720 0.997   5.234   1.00 11.68 ? 52  TYR A C   1 
ATOM   389 O  O   . TYR A 1 52  ? -11.178 1.444   6.246   1.00 13.32 ? 52  TYR A O   1 
ATOM   390 C  CB  . TYR A 1 52  ? -11.278 -1.384  4.705   1.00 12.79 ? 52  TYR A CB  1 
ATOM   391 C  CG  . TYR A 1 52  ? -9.920  -1.203  5.353   1.00 12.41 ? 52  TYR A CG  1 
ATOM   392 C  CD1 . TYR A 1 52  ? -9.655  -1.730  6.618   1.00 13.53 ? 52  TYR A CD1 1 
ATOM   393 C  CD2 . TYR A 1 52  ? -8.915  -0.464  4.724   1.00 13.09 ? 52  TYR A CD2 1 
ATOM   394 C  CE1 . TYR A 1 52  ? -8.427  -1.522  7.242   1.00 14.88 ? 52  TYR A CE1 1 
ATOM   395 C  CE2 . TYR A 1 52  ? -7.685  -0.252  5.342   1.00 14.56 ? 52  TYR A CE2 1 
ATOM   396 C  CZ  . TYR A 1 52  ? -7.449  -0.782  6.599   1.00 15.18 ? 52  TYR A CZ  1 
ATOM   397 O  OH  . TYR A 1 52  ? -6.238  -0.568  7.218   1.00 18.76 ? 52  TYR A OH  1 
ATOM   398 N  N   . PHE A 1 53  ? -11.812 1.673   4.092   1.00 11.89 ? 53  PHE A N   1 
ATOM   399 C  CA  . PHE A 1 53  ? -11.221 2.995   3.897   1.00 12.03 ? 53  PHE A CA  1 
ATOM   400 C  C   . PHE A 1 53  ? -11.994 4.181   4.469   1.00 12.25 ? 53  PHE A C   1 
ATOM   401 O  O   . PHE A 1 53  ? -13.150 4.417   4.113   1.00 14.80 ? 53  PHE A O   1 
ATOM   402 C  CB  . PHE A 1 53  ? -10.981 3.210   2.397   1.00 11.07 ? 53  PHE A CB  1 
ATOM   403 C  CG  . PHE A 1 53  ? -10.091 2.168   1.772   1.00 11.20 ? 53  PHE A CG  1 
ATOM   404 C  CD1 . PHE A 1 53  ? -8.706  2.315   1.779   1.00 10.51 ? 53  PHE A CD1 1 
ATOM   405 C  CD2 . PHE A 1 53  ? -10.639 1.021   1.203   1.00 11.08 ? 53  PHE A CD2 1 
ATOM   406 C  CE1 . PHE A 1 53  ? -7.878  1.330   1.236   1.00 9.51  ? 53  PHE A CE1 1 
ATOM   407 C  CE2 . PHE A 1 53  ? -9.825  0.028   0.662   1.00 11.53 ? 53  PHE A CE2 1 
ATOM   408 C  CZ  . PHE A 1 53  ? -8.439  0.184   0.674   1.00 11.04 ? 53  PHE A CZ  1 
ATOM   409 N  N   . ASN A 1 54  ? -11.334 4.920   5.356   1.00 11.55 ? 54  ASN A N   1 
ATOM   410 C  CA  . ASN A 1 54  ? -11.904 6.106   5.989   1.00 12.68 ? 54  ASN A CA  1 
ATOM   411 C  C   . ASN A 1 54  ? -11.740 7.262   5.002   1.00 13.72 ? 54  ASN A C   1 
ATOM   412 O  O   . ASN A 1 54  ? -10.623 7.594   4.608   1.00 13.64 ? 54  ASN A O   1 
ATOM   413 C  CB  . ASN A 1 54  ? -11.147 6.403   7.289   1.00 13.35 ? 54  ASN A CB  1 
ATOM   414 C  CG  . ASN A 1 54  ? -11.794 7.504   8.113   1.00 13.59 ? 54  ASN A CG  1 
ATOM   415 O  OD1 . ASN A 1 54  ? -11.958 8.631   7.650   1.00 13.71 ? 54  ASN A OD1 1 
ATOM   416 N  ND2 . ASN A 1 54  ? -12.156 7.180   9.347   1.00 14.03 ? 54  ASN A ND2 1 
ATOM   417 N  N   . ASP A 1 55  ? -12.852 7.871   4.607   1.00 13.78 ? 55  ASP A N   1 
ATOM   418 C  CA  . ASP A 1 55  ? -12.815 8.965   3.640   1.00 16.23 ? 55  ASP A CA  1 
ATOM   419 C  C   . ASP A 1 55  ? -12.032 10.196  4.086   1.00 14.92 ? 55  ASP A C   1 
ATOM   420 O  O   . ASP A 1 55  ? -11.679 11.040  3.263   1.00 17.02 ? 55  ASP A O   1 
ATOM   421 C  CB  . ASP A 1 55  ? -14.240 9.384   3.265   1.00 20.14 ? 55  ASP A CB  1 
ATOM   422 C  CG  . ASP A 1 55  ? -15.025 8.262   2.617   1.00 24.89 ? 55  ASP A CG  1 
ATOM   423 O  OD1 . ASP A 1 55  ? -14.517 7.666   1.643   1.00 29.41 ? 55  ASP A OD1 1 
ATOM   424 O  OD2 . ASP A 1 55  ? -16.151 7.977   3.076   1.00 28.89 ? 55  ASP A OD2 1 
ATOM   425 N  N   . ASN A 1 56  ? -11.752 10.297  5.380   1.00 14.42 ? 56  ASN A N   1 
ATOM   426 C  CA  . ASN A 1 56  ? -11.030 11.446  5.912   1.00 15.18 ? 56  ASN A CA  1 
ATOM   427 C  C   . ASN A 1 56  ? -9.523  11.204  5.963   1.00 14.92 ? 56  ASN A C   1 
ATOM   428 O  O   . ASN A 1 56  ? -8.754  12.094  6.327   1.00 15.07 ? 56  ASN A O   1 
ATOM   429 C  CB  . ASN A 1 56  ? -11.557 11.769  7.314   1.00 15.03 ? 56  ASN A CB  1 
ATOM   430 C  CG  . ASN A 1 56  ? -11.427 13.238  7.669   1.00 16.73 ? 56  ASN A CG  1 
ATOM   431 O  OD1 . ASN A 1 56  ? -11.859 14.114  6.914   1.00 17.97 ? 56  ASN A OD1 1 
ATOM   432 N  ND2 . ASN A 1 56  ? -10.846 13.518  8.828   1.00 18.61 ? 56  ASN A ND2 1 
ATOM   433 N  N   . GLU A 1 57  ? -9.103  10.002  5.580   1.00 13.91 ? 57  GLU A N   1 
ATOM   434 C  CA  . GLU A 1 57  ? -7.691  9.642   5.616   1.00 14.40 ? 57  GLU A CA  1 
ATOM   435 C  C   . GLU A 1 57  ? -7.110  9.313   4.246   1.00 13.64 ? 57  GLU A C   1 
ATOM   436 O  O   . GLU A 1 57  ? -7.831  9.241   3.252   1.00 13.66 ? 57  GLU A O   1 
ATOM   437 C  CB  . GLU A 1 57  ? -7.495  8.450   6.552   1.00 17.00 ? 57  GLU A CB  1 
ATOM   438 C  CG  . GLU A 1 57  ? -7.994  8.706   7.968   1.00 21.46 ? 57  GLU A CG  1 
ATOM   439 C  CD  . GLU A 1 57  ? -8.010  7.455   8.820   1.00 24.35 ? 57  GLU A CD  1 
ATOM   440 O  OE1 . GLU A 1 57  ? -6.950  6.815   8.963   1.00 27.90 ? 57  GLU A OE1 1 
ATOM   441 O  OE2 . GLU A 1 57  ? -9.087  7.110   9.352   1.00 27.17 ? 57  GLU A OE2 1 
ATOM   442 N  N   . THR A 1 58  ? -5.796  9.113   4.213   1.00 12.68 ? 58  THR A N   1 
ATOM   443 C  CA  . THR A 1 58  ? -5.092  8.784   2.977   1.00 11.91 ? 58  THR A CA  1 
ATOM   444 C  C   . THR A 1 58  ? -4.408  7.432   3.125   1.00 10.51 ? 58  THR A C   1 
ATOM   445 O  O   . THR A 1 58  ? -3.899  7.097   4.192   1.00 10.81 ? 58  THR A O   1 
ATOM   446 C  CB  . THR A 1 58  ? -4.042  9.853   2.640   1.00 12.50 ? 58  THR A CB  1 
ATOM   447 O  OG1 . THR A 1 58  ? -4.691  11.124  2.522   1.00 16.43 ? 58  THR A OG1 1 
ATOM   448 C  CG2 . THR A 1 58  ? -3.341  9.525   1.323   1.00 13.58 ? 58  THR A CG2 1 
ATOM   449 N  N   . TYR A 1 59  ? -4.399  6.657   2.045   1.00 10.13 ? 59  TYR A N   1 
ATOM   450 C  CA  . TYR A 1 59  ? -3.799  5.330   2.069   1.00 9.96  ? 59  TYR A CA  1 
ATOM   451 C  C   . TYR A 1 59  ? -2.723  5.138   1.008   1.00 8.89  ? 59  TYR A C   1 
ATOM   452 O  O   . TYR A 1 59  ? -2.912  5.491   -0.157  1.00 10.56 ? 59  TYR A O   1 
ATOM   453 C  CB  . TYR A 1 59  ? -4.892  4.273   1.888   1.00 9.90  ? 59  TYR A CB  1 
ATOM   454 C  CG  . TYR A 1 59  ? -5.934  4.306   2.979   1.00 9.82  ? 59  TYR A CG  1 
ATOM   455 C  CD1 . TYR A 1 59  ? -6.958  5.260   2.977   1.00 9.57  ? 59  TYR A CD1 1 
ATOM   456 C  CD2 . TYR A 1 59  ? -5.863  3.419   4.050   1.00 10.20 ? 59  TYR A CD2 1 
ATOM   457 C  CE1 . TYR A 1 59  ? -7.880  5.323   4.024   1.00 10.31 ? 59  TYR A CE1 1 
ATOM   458 C  CE2 . TYR A 1 59  ? -6.768  3.474   5.092   1.00 10.81 ? 59  TYR A CE2 1 
ATOM   459 C  CZ  . TYR A 1 59  ? -7.773  4.425   5.079   1.00 12.17 ? 59  TYR A CZ  1 
ATOM   460 O  OH  . TYR A 1 59  ? -8.654  4.475   6.133   1.00 11.88 ? 59  TYR A OH  1 
ATOM   461 N  N   . TYR A 1 60  ? -1.595  4.573   1.432   1.00 7.94  ? 60  TYR A N   1 
ATOM   462 C  CA  . TYR A 1 60  ? -0.479  4.304   0.538   1.00 7.51  ? 60  TYR A CA  1 
ATOM   463 C  C   . TYR A 1 60  ? -0.604  2.846   0.119   1.00 7.91  ? 60  TYR A C   1 
ATOM   464 O  O   . TYR A 1 60  ? -0.629  1.953   0.959   1.00 9.38  ? 60  TYR A O   1 
ATOM   465 C  CB  . TYR A 1 60  ? 0.846   4.580   1.254   1.00 8.92  ? 60  TYR A CB  1 
ATOM   466 C  CG  . TYR A 1 60  ? 1.034   6.048   1.578   1.00 9.50  ? 60  TYR A CG  1 
ATOM   467 C  CD1 . TYR A 1 60  ? 0.443   6.622   2.704   1.00 12.61 ? 60  TYR A CD1 1 
ATOM   468 C  CD2 . TYR A 1 60  ? 1.764   6.877   0.726   1.00 10.73 ? 60  TYR A CD2 1 
ATOM   469 C  CE1 . TYR A 1 60  ? 0.573   7.997   2.970   1.00 11.21 ? 60  TYR A CE1 1 
ATOM   470 C  CE2 . TYR A 1 60  ? 1.896   8.241   0.982   1.00 11.75 ? 60  TYR A CE2 1 
ATOM   471 C  CZ  . TYR A 1 60  ? 1.303   8.793   2.098   1.00 12.19 ? 60  TYR A CZ  1 
ATOM   472 O  OH  . TYR A 1 60  ? 1.443   10.142  2.339   1.00 13.45 ? 60  TYR A OH  1 
ATOM   473 N  N   . ILE A 1 61  ? -0.684  2.618   -1.186  1.00 7.05  ? 61  ILE A N   1 
ATOM   474 C  CA  . ILE A 1 61  ? -0.886  1.279   -1.728  1.00 7.70  ? 61  ILE A CA  1 
ATOM   475 C  C   . ILE A 1 61  ? 0.382   0.670   -2.300  1.00 8.70  ? 61  ILE A C   1 
ATOM   476 O  O   . ILE A 1 61  ? 1.070   1.296   -3.102  1.00 7.54  ? 61  ILE A O   1 
ATOM   477 C  CB  . ILE A 1 61  ? -1.958  1.327   -2.835  1.00 6.73  ? 61  ILE A CB  1 
ATOM   478 C  CG1 . ILE A 1 61  ? -3.163  2.162   -2.361  1.00 7.83  ? 61  ILE A CG1 1 
ATOM   479 C  CG2 . ILE A 1 61  ? -2.355  -0.080  -3.245  1.00 8.38  ? 61  ILE A CG2 1 
ATOM   480 C  CD1 . ILE A 1 61  ? -3.826  1.682   -1.070  1.00 8.84  ? 61  ILE A CD1 1 
ATOM   481 N  N   . ILE A 1 62  ? 0.679   -0.566  -1.903  1.00 9.39  ? 62  ILE A N   1 
ATOM   482 C  CA  . ILE A 1 62  ? 1.882   -1.237  -2.389  1.00 9.75  ? 62  ILE A CA  1 
ATOM   483 C  C   . ILE A 1 62  ? 1.602   -2.674  -2.841  1.00 10.17 ? 62  ILE A C   1 
ATOM   484 O  O   . ILE A 1 62  ? 0.769   -3.368  -2.263  1.00 9.63  ? 62  ILE A O   1 
ATOM   485 C  CB  . ILE A 1 62  ? 2.991   -1.222  -1.296  1.00 9.02  ? 62  ILE A CB  1 
ATOM   486 C  CG1 . ILE A 1 62  ? 4.327   -1.633  -1.904  1.00 9.82  ? 62  ILE A CG1 1 
ATOM   487 C  CG2 . ILE A 1 62  ? 2.613   -2.140  -0.137  1.00 10.30 ? 62  ILE A CG2 1 
ATOM   488 C  CD1 . ILE A 1 62  ? 5.495   -1.444  -0.953  1.00 11.71 ? 62  ILE A CD1 1 
ATOM   489 N  N   . CYS A 1 63  ? 2.291   -3.097  -3.897  1.00 8.74  ? 63  CYS A N   1 
ATOM   490 C  CA  . CYS A 1 63  ? 2.144   -4.442  -4.432  0.50 9.29  ? 63  CYS A CA  1 
ATOM   491 C  C   . CYS A 1 63  ? 3.548   -4.966  -4.706  1.00 10.48 ? 63  CYS A C   1 
ATOM   492 O  O   . CYS A 1 63  ? 4.520   -4.425  -4.191  1.00 10.04 ? 63  CYS A O   1 
ATOM   493 C  CB  . CYS A 1 63  ? 1.320   -4.425  -5.723  0.50 8.78  ? 63  CYS A CB  1 
ATOM   494 S  SG  . CYS A 1 63  ? 2.066   -3.522  -7.095  0.50 18.91 ? 63  CYS A SG  1 
ATOM   495 N  N   . LYS A 1 64  ? 3.662   -6.020  -5.506  1.00 11.17 ? 64  LYS A N   1 
ATOM   496 C  CA  . LYS A 1 64  ? 4.974   -6.574  -5.815  1.00 13.25 ? 64  LYS A CA  1 
ATOM   497 C  C   . LYS A 1 64  ? 5.844   -5.650  -6.671  1.00 13.33 ? 64  LYS A C   1 
ATOM   498 O  O   . LYS A 1 64  ? 6.992   -5.374  -6.315  1.00 12.84 ? 64  LYS A O   1 
ATOM   499 C  CB  . LYS A 1 64  ? 4.828   -7.924  -6.529  1.00 15.23 ? 64  LYS A CB  1 
ATOM   500 C  CG  . LYS A 1 64  ? 6.141   -8.477  -7.084  1.00 19.13 ? 64  LYS A CG  1 
ATOM   501 C  CD  . LYS A 1 64  ? 5.883   -9.626  -8.050  1.00 24.12 ? 64  LYS A CD  1 
ATOM   502 C  CE  . LYS A 1 64  ? 7.144   -10.007 -8.817  1.00 26.90 ? 64  LYS A CE  1 
ATOM   503 N  NZ  . LYS A 1 64  ? 6.848   -10.974 -9.913  1.00 29.65 ? 64  LYS A NZ  1 
ATOM   504 N  N   . ALA A 1 65  ? 5.294   -5.159  -7.780  1.00 15.87 ? 65  ALA A N   1 
ATOM   505 C  CA  . ALA A 1 65  ? 6.065   -4.327  -8.705  1.00 18.36 ? 65  ALA A CA  1 
ATOM   506 C  C   . ALA A 1 65  ? 5.683   -2.862  -8.928  1.00 19.97 ? 65  ALA A C   1 
ATOM   507 O  O   . ALA A 1 65  ? 6.422   -2.141  -9.599  1.00 23.43 ? 65  ALA A O   1 
ATOM   508 C  CB  . ALA A 1 65  ? 6.146   -5.034  -10.059 1.00 17.37 ? 65  ALA A CB  1 
ATOM   509 N  N   . GLY A 1 66  ? 4.549   -2.415  -8.402  1.00 19.79 ? 66  GLY A N   1 
ATOM   510 C  CA  . GLY A 1 66  ? 4.178   -1.018  -8.585  1.00 17.98 ? 66  GLY A CA  1 
ATOM   511 C  C   . GLY A 1 66  ? 3.088   -0.705  -9.597  1.00 16.59 ? 66  GLY A C   1 
ATOM   512 O  O   . GLY A 1 66  ? 2.448   0.352   -9.528  1.00 17.21 ? 66  GLY A O   1 
ATOM   513 N  N   . GLY A 1 67  ? 2.873   -1.610  -10.545 1.00 15.77 ? 67  GLY A N   1 
ATOM   514 C  CA  . GLY A 1 67  ? 1.849   -1.396  -11.553 1.00 16.58 ? 67  GLY A CA  1 
ATOM   515 C  C   . GLY A 1 67  ? 0.447   -1.686  -11.041 1.00 16.47 ? 67  GLY A C   1 
ATOM   516 O  O   . GLY A 1 67  ? -0.454  -0.857  -11.184 1.00 16.34 ? 67  GLY A O   1 
ATOM   517 N  N   . ARG A 1 68  ? 0.265   -2.859  -10.441 1.00 16.65 ? 68  ARG A N   1 
ATOM   518 C  CA  . ARG A 1 68  ? -1.033  -3.263  -9.904  1.00 17.52 ? 68  ARG A CA  1 
ATOM   519 C  C   . ARG A 1 68  ? -1.507  -2.322  -8.805  1.00 15.08 ? 68  ARG A C   1 
ATOM   520 O  O   . ARG A 1 68  ? -2.705  -2.058  -8.679  1.00 14.88 ? 68  ARG A O   1 
ATOM   521 C  CB  . ARG A 1 68  ? -0.960  -4.688  -9.356  1.00 21.72 ? 68  ARG A CB  1 
ATOM   522 C  CG  . ARG A 1 68  ? -0.646  -5.737  -10.406 1.00 27.03 ? 68  ARG A CG  1 
ATOM   523 C  CD  . ARG A 1 68  ? -0.420  -7.097  -9.766  1.00 30.39 ? 68  ARG A CD  1 
ATOM   524 N  NE  . ARG A 1 68  ? -0.019  -8.100  -10.749 1.00 34.03 ? 68  ARG A NE  1 
ATOM   525 C  CZ  . ARG A 1 68  ? 0.435   -9.310  -10.441 1.00 35.26 ? 68  ARG A CZ  1 
ATOM   526 N  NH1 . ARG A 1 68  ? 0.549   -9.675  -9.170  1.00 36.34 ? 68  ARG A NH1 1 
ATOM   527 N  NH2 . ARG A 1 68  ? 0.778   -10.157 -11.402 1.00 37.14 ? 68  ARG A NH2 1 
ATOM   528 N  N   . SER A 1 69  ? -0.572  -1.825  -8.002  1.00 12.34 ? 69  SER A N   1 
ATOM   529 C  CA  . SER A 1 69  ? -0.928  -0.904  -6.933  1.00 10.40 ? 69  SER A CA  1 
ATOM   530 C  C   . SER A 1 69  ? -1.457  0.396   -7.536  1.00 9.92  ? 69  SER A C   1 
ATOM   531 O  O   . SER A 1 69  ? -2.379  1.005   -6.998  1.00 9.83  ? 69  SER A O   1 
ATOM   532 C  CB  . SER A 1 69  ? 0.285   -0.627  -6.042  1.00 11.00 ? 69  SER A CB  1 
ATOM   533 O  OG  . SER A 1 69  ? 1.401   -0.247  -6.822  1.00 12.77 ? 69  SER A OG  1 
ATOM   534 N  N   . ALA A 1 70  ? -0.882  0.810   -8.661  1.00 10.07 ? 70  ALA A N   1 
ATOM   535 C  CA  . ALA A 1 70  ? -1.325  2.031   -9.319  1.00 9.59  ? 70  ALA A CA  1 
ATOM   536 C  C   . ALA A 1 70  ? -2.758  1.855   -9.811  1.00 9.95  ? 70  ALA A C   1 
ATOM   537 O  O   . ALA A 1 70  ? -3.551  2.799   -9.794  1.00 10.63 ? 70  ALA A O   1 
ATOM   538 C  CB  . ALA A 1 70  ? -0.406  2.367   -10.489 1.00 10.70 ? 70  ALA A CB  1 
ATOM   539 N  N   . GLN A 1 71  ? -3.077  0.642   -10.256 1.00 10.67 ? 71  GLN A N   1 
ATOM   540 C  CA  . GLN A 1 71  ? -4.416  0.324   -10.736 1.00 11.00 ? 71  GLN A CA  1 
ATOM   541 C  C   . GLN A 1 71  ? -5.388  0.463   -9.575  1.00 10.93 ? 71  GLN A C   1 
ATOM   542 O  O   . GLN A 1 71  ? -6.475  1.026   -9.718  1.00 11.44 ? 71  GLN A O   1 
ATOM   543 C  CB  . GLN A 1 71  ? -4.458  -1.107  -11.280 1.00 11.89 ? 71  GLN A CB  1 
ATOM   544 C  CG  . GLN A 1 71  ? -3.751  -1.278  -12.615 1.00 14.46 ? 71  GLN A CG  1 
ATOM   545 C  CD  . GLN A 1 71  ? -3.678  -2.727  -13.050 1.00 15.22 ? 71  GLN A CD  1 
ATOM   546 O  OE1 . GLN A 1 71  ? -2.691  -3.417  -12.789 1.00 21.60 ? 71  GLN A OE1 1 
ATOM   547 N  NE2 . GLN A 1 71  ? -4.729  -3.202  -13.706 1.00 18.17 ? 71  GLN A NE2 1 
ATOM   548 N  N   . VAL A 1 72  ? -4.984  -0.054  -8.419  1.00 10.44 ? 72  VAL A N   1 
ATOM   549 C  CA  . VAL A 1 72  ? -5.806  0.027   -7.221  1.00 9.44  ? 72  VAL A CA  1 
ATOM   550 C  C   . VAL A 1 72  ? -5.998  1.483   -6.791  1.00 9.88  ? 72  VAL A C   1 
ATOM   551 O  O   . VAL A 1 72  ? -7.083  1.866   -6.362  1.00 9.62  ? 72  VAL A O   1 
ATOM   552 C  CB  . VAL A 1 72  ? -5.178  -0.783  -6.061  1.00 10.39 ? 72  VAL A CB  1 
ATOM   553 C  CG1 . VAL A 1 72  ? -5.901  -0.491  -4.755  1.00 9.32  ? 72  VAL A CG1 1 
ATOM   554 C  CG2 . VAL A 1 72  ? -5.254  -2.268  -6.376  1.00 12.05 ? 72  VAL A CG2 1 
ATOM   555 N  N   . VAL A 1 73  ? -4.946  2.291   -6.902  1.00 8.77  ? 73  VAL A N   1 
ATOM   556 C  CA  . VAL A 1 73  ? -5.041  3.697   -6.526  1.00 9.13  ? 73  VAL A CA  1 
ATOM   557 C  C   . VAL A 1 73  ? -6.089  4.404   -7.385  1.00 9.15  ? 73  VAL A C   1 
ATOM   558 O  O   . VAL A 1 73  ? -6.930  5.125   -6.862  1.00 9.69  ? 73  VAL A O   1 
ATOM   559 C  CB  . VAL A 1 73  ? -3.673  4.407   -6.664  1.00 8.15  ? 73  VAL A CB  1 
ATOM   560 C  CG1 . VAL A 1 73  ? -3.835  5.921   -6.499  1.00 9.94  ? 73  VAL A CG1 1 
ATOM   561 C  CG2 . VAL A 1 73  ? -2.716  3.871   -5.602  1.00 9.35  ? 73  VAL A CG2 1 
ATOM   562 N  N   . GLN A 1 74  ? -6.043  4.188   -8.696  1.00 10.10 ? 74  GLN A N   1 
ATOM   563 C  CA  . GLN A 1 74  ? -7.014  4.810   -9.593  1.00 11.68 ? 74  GLN A CA  1 
ATOM   564 C  C   . GLN A 1 74  ? -8.427  4.363   -9.234  1.00 11.56 ? 74  GLN A C   1 
ATOM   565 O  O   . GLN A 1 74  ? -9.358  5.171   -9.194  1.00 13.18 ? 74  GLN A O   1 
ATOM   566 C  CB  . GLN A 1 74  ? -6.709  4.450   -11.047 1.00 12.85 ? 74  GLN A CB  1 
ATOM   567 C  CG  . GLN A 1 74  ? -5.461  5.119   -11.600 1.00 18.52 ? 74  GLN A CG  1 
ATOM   568 C  CD  . GLN A 1 74  ? -5.303  4.908   -13.090 1.00 22.15 ? 74  GLN A CD  1 
ATOM   569 O  OE1 . GLN A 1 74  ? -5.119  3.783   -13.554 1.00 26.18 ? 74  GLN A OE1 1 
ATOM   570 N  NE2 . GLN A 1 74  ? -5.380  5.993   -13.851 1.00 23.76 ? 74  GLN A NE2 1 
ATOM   571 N  N   . TYR A 1 75  ? -8.584  3.072   -8.964  1.00 11.19 ? 75  TYR A N   1 
ATOM   572 C  CA  . TYR A 1 75  ? -9.882  2.533   -8.596  1.00 11.77 ? 75  TYR A CA  1 
ATOM   573 C  C   . TYR A 1 75  ? -10.379 3.193   -7.309  1.00 11.41 ? 75  TYR A C   1 
ATOM   574 O  O   . TYR A 1 75  ? -11.528 3.629   -7.225  1.00 12.29 ? 75  TYR A O   1 
ATOM   575 C  CB  . TYR A 1 75  ? -9.784  1.020   -8.395  1.00 11.43 ? 75  TYR A CB  1 
ATOM   576 C  CG  . TYR A 1 75  ? -11.089 0.392   -7.989  1.00 11.32 ? 75  TYR A CG  1 
ATOM   577 C  CD1 . TYR A 1 75  ? -12.094 0.150   -8.928  1.00 12.90 ? 75  TYR A CD1 1 
ATOM   578 C  CD2 . TYR A 1 75  ? -11.345 0.083   -6.657  1.00 11.30 ? 75  TYR A CD2 1 
ATOM   579 C  CE1 . TYR A 1 75  ? -13.318 -0.379  -8.545  1.00 14.50 ? 75  TYR A CE1 1 
ATOM   580 C  CE2 . TYR A 1 75  ? -12.566 -0.447  -6.263  1.00 14.39 ? 75  TYR A CE2 1 
ATOM   581 C  CZ  . TYR A 1 75  ? -13.548 -0.673  -7.210  1.00 14.82 ? 75  TYR A CZ  1 
ATOM   582 O  OH  . TYR A 1 75  ? -14.761 -1.181  -6.820  1.00 18.46 ? 75  TYR A OH  1 
ATOM   583 N  N   . LEU A 1 76  ? -9.509  3.270   -6.305  1.00 9.38  ? 76  LEU A N   1 
ATOM   584 C  CA  . LEU A 1 76  ? -9.883  3.882   -5.036  1.00 10.04 ? 76  LEU A CA  1 
ATOM   585 C  C   . LEU A 1 76  ? -10.277 5.349   -5.206  1.00 10.03 ? 76  LEU A C   1 
ATOM   586 O  O   . LEU A 1 76  ? -11.309 5.777   -4.692  1.00 10.89 ? 76  LEU A O   1 
ATOM   587 C  CB  . LEU A 1 76  ? -8.737  3.753   -4.026  1.00 10.45 ? 76  LEU A CB  1 
ATOM   588 C  CG  . LEU A 1 76  ? -8.474  2.319   -3.553  1.00 10.35 ? 76  LEU A CG  1 
ATOM   589 C  CD1 . LEU A 1 76  ? -7.252  2.303   -2.657  1.00 11.29 ? 76  LEU A CD1 1 
ATOM   590 C  CD2 . LEU A 1 76  ? -9.694  1.778   -2.804  1.00 12.95 ? 76  LEU A CD2 1 
ATOM   591 N  N   . GLU A 1 77  ? -9.468  6.116   -5.934  1.00 9.88  ? 77  GLU A N   1 
ATOM   592 C  CA  . GLU A 1 77  ? -9.774  7.530   -6.148  1.00 11.73 ? 77  GLU A CA  1 
ATOM   593 C  C   . GLU A 1 77  ? -11.116 7.717   -6.854  1.00 11.52 ? 77  GLU A C   1 
ATOM   594 O  O   . GLU A 1 77  ? -11.861 8.649   -6.550  1.00 11.94 ? 77  GLU A O   1 
ATOM   595 C  CB  . GLU A 1 77  ? -8.663  8.203   -6.965  1.00 11.43 ? 77  GLU A CB  1 
ATOM   596 C  CG  . GLU A 1 77  ? -7.370  8.483   -6.192  1.00 11.09 ? 77  GLU A CG  1 
ATOM   597 C  CD  . GLU A 1 77  ? -7.469  9.686   -5.257  1.00 11.94 ? 77  GLU A CD  1 
ATOM   598 O  OE1 . GLU A 1 77  ? -8.394  10.516  -5.416  1.00 15.21 ? 77  GLU A OE1 1 
ATOM   599 O  OE2 . GLU A 1 77  ? -6.601  9.816   -4.368  1.00 13.62 ? 77  GLU A OE2 1 
ATOM   600 N  N   . GLN A 1 78  ? -11.432 6.822   -7.784  1.00 10.92 ? 78  GLN A N   1 
ATOM   601 C  CA  . GLN A 1 78  ? -12.692 6.899   -8.518  1.00 13.10 ? 78  GLN A CA  1 
ATOM   602 C  C   . GLN A 1 78  ? -13.873 6.443   -7.663  1.00 12.93 ? 78  GLN A C   1 
ATOM   603 O  O   . GLN A 1 78  ? -15.025 6.456   -8.106  1.00 14.56 ? 78  GLN A O   1 
ATOM   604 C  CB  . GLN A 1 78  ? -12.590 6.087   -9.816  1.00 12.09 ? 78  GLN A CB  1 
ATOM   605 C  CG  . GLN A 1 78  ? -11.538 6.651   -10.772 1.00 13.28 ? 78  GLN A CG  1 
ATOM   606 C  CD  . GLN A 1 78  ? -11.401 5.877   -12.069 1.00 14.70 ? 78  GLN A CD  1 
ATOM   607 O  OE1 . GLN A 1 78  ? -10.451 6.087   -12.827 1.00 18.06 ? 78  GLN A OE1 1 
ATOM   608 N  NE2 . GLN A 1 78  ? -12.346 4.986   -12.337 1.00 17.95 ? 78  GLN A NE2 1 
ATOM   609 N  N   . ASN A 1 79  ? -13.581 6.040   -6.428  1.00 13.59 ? 79  ASN A N   1 
ATOM   610 C  CA  . ASN A 1 79  ? -14.614 5.625   -5.491  1.00 14.79 ? 79  ASN A CA  1 
ATOM   611 C  C   . ASN A 1 79  ? -14.589 6.523   -4.245  1.00 14.92 ? 79  ASN A C   1 
ATOM   612 O  O   . ASN A 1 79  ? -15.104 6.163   -3.186  1.00 16.38 ? 79  ASN A O   1 
ATOM   613 C  CB  . ASN A 1 79  ? -14.447 4.138   -5.130  1.00 15.35 ? 79  ASN A CB  1 
ATOM   614 C  CG  . ASN A 1 79  ? -15.058 3.214   -6.182  1.00 16.86 ? 79  ASN A CG  1 
ATOM   615 O  OD1 . ASN A 1 79  ? -16.281 3.073   -6.264  1.00 19.14 ? 79  ASN A OD1 1 
ATOM   616 N  ND2 . ASN A 1 79  ? -14.214 2.592   -6.997  1.00 14.52 ? 79  ASN A ND2 1 
ATOM   617 N  N   . GLY A 1 80  ? -13.973 7.697   -4.387  1.00 13.89 ? 80  GLY A N   1 
ATOM   618 C  CA  . GLY A 1 80  ? -13.921 8.664   -3.299  1.00 14.47 ? 80  GLY A CA  1 
ATOM   619 C  C   . GLY A 1 80  ? -12.887 8.485   -2.204  1.00 14.73 ? 80  GLY A C   1 
ATOM   620 O  O   . GLY A 1 80  ? -12.970 9.133   -1.163  1.00 16.12 ? 80  GLY A O   1 
ATOM   621 N  N   . VAL A 1 81  ? -11.910 7.618   -2.434  1.00 13.92 ? 81  VAL A N   1 
ATOM   622 C  CA  . VAL A 1 81  ? -10.870 7.359   -1.448  1.00 12.99 ? 81  VAL A CA  1 
ATOM   623 C  C   . VAL A 1 81  ? -9.573  8.078   -1.811  1.00 13.06 ? 81  VAL A C   1 
ATOM   624 O  O   . VAL A 1 81  ? -9.238  8.209   -2.988  1.00 14.22 ? 81  VAL A O   1 
ATOM   625 C  CB  . VAL A 1 81  ? -10.590 5.841   -1.346  1.00 12.25 ? 81  VAL A CB  1 
ATOM   626 C  CG1 . VAL A 1 81  ? -9.459  5.574   -0.361  1.00 13.17 ? 81  VAL A CG1 1 
ATOM   627 C  CG2 . VAL A 1 81  ? -11.857 5.109   -0.918  1.00 16.44 ? 81  VAL A CG2 1 
ATOM   628 N  N   . ASN A 1 82  ? -8.850  8.549   -0.799  1.00 12.83 ? 82  ASN A N   1 
ATOM   629 C  CA  . ASN A 1 82  ? -7.579  9.229   -1.026  1.00 12.60 ? 82  ASN A CA  1 
ATOM   630 C  C   . ASN A 1 82  ? -6.479  8.179   -0.999  1.00 10.81 ? 82  ASN A C   1 
ATOM   631 O  O   . ASN A 1 82  ? -6.206  7.588   0.043   1.00 11.63 ? 82  ASN A O   1 
ATOM   632 C  CB  . ASN A 1 82  ? -7.321  10.272  0.060   1.00 15.71 ? 82  ASN A CB  1 
ATOM   633 C  CG  . ASN A 1 82  ? -8.467  11.242  0.211   1.00 20.29 ? 82  ASN A CG  1 
ATOM   634 O  OD1 . ASN A 1 82  ? -9.335  11.072  1.072   1.00 23.30 ? 82  ASN A OD1 1 
ATOM   635 N  ND2 . ASN A 1 82  ? -8.493  12.259  -0.641  1.00 19.83 ? 82  ASN A ND2 1 
ATOM   636 N  N   . ALA A 1 83  ? -5.843  7.954   -2.144  1.00 10.01 ? 83  ALA A N   1 
ATOM   637 C  CA  . ALA A 1 83  ? -4.792  6.946   -2.234  1.00 9.51  ? 83  ALA A CA  1 
ATOM   638 C  C   . ALA A 1 83  ? -3.557  7.433   -2.982  1.00 10.62 ? 83  ALA A C   1 
ATOM   639 O  O   . ALA A 1 83  ? -3.646  8.266   -3.882  1.00 11.88 ? 83  ALA A O   1 
ATOM   640 C  CB  . ALA A 1 83  ? -5.339  5.694   -2.901  1.00 10.39 ? 83  ALA A CB  1 
ATOM   641 N  N   . VAL A 1 84  ? -2.409  6.887   -2.596  1.00 8.78  ? 84  VAL A N   1 
ATOM   642 C  CA  . VAL A 1 84  ? -1.125  7.234   -3.188  1.00 8.53  ? 84  VAL A CA  1 
ATOM   643 C  C   . VAL A 1 84  ? -0.382  5.948   -3.531  1.00 8.68  ? 84  VAL A C   1 
ATOM   644 O  O   . VAL A 1 84  ? -0.313  5.030   -2.717  1.00 8.25  ? 84  VAL A O   1 
ATOM   645 C  CB  . VAL A 1 84  ? -0.273  8.060   -2.203  1.00 8.22  ? 84  VAL A CB  1 
ATOM   646 C  CG1 . VAL A 1 84  ? 1.043   8.456   -2.857  1.00 8.74  ? 84  VAL A CG1 1 
ATOM   647 C  CG2 . VAL A 1 84  ? -1.051  9.294   -1.755  1.00 7.56  ? 84  VAL A CG2 1 
ATOM   648 N  N   . ASN A 1 85  ? 0.172   5.884   -4.737  1.00 7.86  ? 85  ASN A N   1 
ATOM   649 C  CA  . ASN A 1 85  ? 0.897   4.696   -5.162  1.00 9.64  ? 85  ASN A CA  1 
ATOM   650 C  C   . ASN A 1 85  ? 2.344   4.704   -4.678  1.00 9.31  ? 85  ASN A C   1 
ATOM   651 O  O   . ASN A 1 85  ? 2.988   5.750   -4.640  1.00 11.29 ? 85  ASN A O   1 
ATOM   652 C  CB  . ASN A 1 85  ? 0.878   4.594   -6.690  1.00 10.77 ? 85  ASN A CB  1 
ATOM   653 C  CG  . ASN A 1 85  ? 1.442   3.280   -7.189  1.00 12.57 ? 85  ASN A CG  1 
ATOM   654 O  OD1 . ASN A 1 85  ? 1.051   2.218   -6.717  1.00 14.33 ? 85  ASN A OD1 1 
ATOM   655 N  ND2 . ASN A 1 85  ? 2.357   3.345   -8.148  1.00 13.94 ? 85  ASN A ND2 1 
ATOM   656 N  N   . VAL A 1 86  ? 2.847   3.539   -4.282  1.00 9.45  ? 86  VAL A N   1 
ATOM   657 C  CA  . VAL A 1 86  ? 4.236   3.433   -3.857  1.00 9.16  ? 86  VAL A CA  1 
ATOM   658 C  C   . VAL A 1 86  ? 4.981   2.862   -5.063  1.00 10.43 ? 86  VAL A C   1 
ATOM   659 O  O   . VAL A 1 86  ? 4.865   1.675   -5.379  1.00 9.53  ? 86  VAL A O   1 
ATOM   660 C  CB  . VAL A 1 86  ? 4.403   2.493   -2.655  1.00 9.20  ? 86  VAL A CB  1 
ATOM   661 C  CG1 . VAL A 1 86  ? 5.873   2.431   -2.260  1.00 10.21 ? 86  VAL A CG1 1 
ATOM   662 C  CG2 . VAL A 1 86  ? 3.565   2.992   -1.486  1.00 9.12  ? 86  VAL A CG2 1 
ATOM   663 N  N   . GLU A 1 87  ? 5.732   3.720   -5.744  1.00 9.74  ? 87  GLU A N   1 
ATOM   664 C  CA  . GLU A 1 87  ? 6.457   3.315   -6.943  1.00 11.98 ? 87  GLU A CA  1 
ATOM   665 C  C   . GLU A 1 87  ? 7.468   2.194   -6.724  1.00 11.39 ? 87  GLU A C   1 
ATOM   666 O  O   . GLU A 1 87  ? 8.162   2.153   -5.710  1.00 11.18 ? 87  GLU A O   1 
ATOM   667 C  CB  . GLU A 1 87  ? 7.173   4.523   -7.554  1.00 15.28 ? 87  GLU A CB  1 
ATOM   668 C  CG  . GLU A 1 87  ? 6.304   5.770   -7.668  1.00 20.56 ? 87  GLU A CG  1 
ATOM   669 C  CD  . GLU A 1 87  ? 6.926   6.841   -8.545  1.00 23.88 ? 87  GLU A CD  1 
ATOM   670 O  OE1 . GLU A 1 87  ? 8.150   7.071   -8.433  1.00 25.78 ? 87  GLU A OE1 1 
ATOM   671 O  OE2 . GLU A 1 87  ? 6.185   7.460   -9.339  1.00 27.59 ? 87  GLU A OE2 1 
ATOM   672 N  N   . GLY A 1 88  ? 7.535   1.277   -7.684  1.00 11.12 ? 88  GLY A N   1 
ATOM   673 C  CA  . GLY A 1 88  ? 8.488   0.184   -7.596  1.00 11.86 ? 88  GLY A CA  1 
ATOM   674 C  C   . GLY A 1 88  ? 8.046   -1.052  -6.836  1.00 12.47 ? 88  GLY A C   1 
ATOM   675 O  O   . GLY A 1 88  ? 8.606   -2.129  -7.032  1.00 12.62 ? 88  GLY A O   1 
ATOM   676 N  N   . GLY A 1 89  ? 7.067   -0.898  -5.951  1.00 11.57 ? 89  GLY A N   1 
ATOM   677 C  CA  . GLY A 1 89  ? 6.566   -2.025  -5.183  1.00 11.56 ? 89  GLY A CA  1 
ATOM   678 C  C   . GLY A 1 89  ? 7.516   -2.614  -4.156  1.00 11.97 ? 89  GLY A C   1 
ATOM   679 O  O   . GLY A 1 89  ? 8.571   -2.044  -3.854  1.00 12.41 ? 89  GLY A O   1 
HETATM 680 N  N   . MSE A 1 90  ? 7.129   -3.762  -3.606  1.00 13.00 ? 90  MSE A N   1 
HETATM 681 C  CA  . MSE A 1 90  ? 7.946   -4.441  -2.610  1.00 13.41 ? 90  MSE A CA  1 
HETATM 682 C  C   . MSE A 1 90  ? 9.283   -4.878  -3.202  1.00 14.19 ? 90  MSE A C   1 
HETATM 683 O  O   . MSE A 1 90  ? 10.246  -5.101  -2.464  1.00 13.28 ? 90  MSE A O   1 
HETATM 684 C  CB  . MSE A 1 90  ? 7.192   -5.644  -2.032  1.00 15.66 ? 90  MSE A CB  1 
HETATM 685 C  CG  . MSE A 1 90  ? 6.035   -5.264  -1.103  1.00 14.60 ? 90  MSE A CG  1 
HETATM 686 SE SE  . MSE A 1 90  ? 6.605   -4.420  0.561   1.00 21.79 ? 90  MSE A SE  1 
HETATM 687 C  CE  . MSE A 1 90  ? 7.147   -6.018  1.510   1.00 16.11 ? 90  MSE A CE  1 
ATOM   688 N  N   . ASP A 1 91  ? 9.348   -5.008  -4.525  1.00 13.58 ? 91  ASP A N   1 
ATOM   689 C  CA  . ASP A 1 91  ? 10.607  -5.379  -5.169  1.00 14.51 ? 91  ASP A CA  1 
ATOM   690 C  C   . ASP A 1 91  ? 11.648  -4.328  -4.793  1.00 16.03 ? 91  ASP A C   1 
ATOM   691 O  O   . ASP A 1 91  ? 12.766  -4.656  -4.399  1.00 17.32 ? 91  ASP A O   1 
ATOM   692 C  CB  . ASP A 1 91  ? 10.485  -5.397  -6.700  1.00 16.40 ? 91  ASP A CB  1 
ATOM   693 C  CG  . ASP A 1 91  ? 9.709   -6.589  -7.220  1.00 17.95 ? 91  ASP A CG  1 
ATOM   694 O  OD1 . ASP A 1 91  ? 9.632   -7.616  -6.515  1.00 21.44 ? 91  ASP A OD1 1 
ATOM   695 O  OD2 . ASP A 1 91  ? 9.192   -6.504  -8.354  1.00 23.45 ? 91  ASP A OD2 1 
ATOM   696 N  N   . GLU A 1 92  ? 11.277  -3.059  -4.933  1.00 14.53 ? 92  GLU A N   1 
ATOM   697 C  CA  . GLU A 1 92  ? 12.190  -1.971  -4.610  1.00 15.16 ? 92  GLU A CA  1 
ATOM   698 C  C   . GLU A 1 92  ? 12.276  -1.655  -3.119  1.00 14.29 ? 92  GLU A C   1 
ATOM   699 O  O   . GLU A 1 92  ? 13.305  -1.167  -2.643  1.00 15.87 ? 92  GLU A O   1 
ATOM   700 C  CB  . GLU A 1 92  ? 11.807  -0.716  -5.401  1.00 16.74 ? 92  GLU A CB  1 
ATOM   701 C  CG  . GLU A 1 92  ? 12.304  -0.748  -6.841  1.00 20.12 ? 92  GLU A CG  1 
ATOM   702 C  CD  . GLU A 1 92  ? 11.879  0.465   -7.640  1.00 21.15 ? 92  GLU A CD  1 
ATOM   703 O  OE1 . GLU A 1 92  ? 11.871  1.578   -7.077  1.00 23.40 ? 92  GLU A OE1 1 
ATOM   704 O  OE2 . GLU A 1 92  ? 11.568  0.305   -8.839  1.00 24.60 ? 92  GLU A OE2 1 
ATOM   705 N  N   . PHE A 1 93  ? 11.210  -1.932  -2.375  1.00 13.51 ? 93  PHE A N   1 
ATOM   706 C  CA  . PHE A 1 93  ? 11.232  -1.673  -0.940  1.00 12.83 ? 93  PHE A CA  1 
ATOM   707 C  C   . PHE A 1 93  ? 12.309  -2.551  -0.302  1.00 13.66 ? 93  PHE A C   1 
ATOM   708 O  O   . PHE A 1 93  ? 13.012  -2.124  0.615   1.00 14.99 ? 93  PHE A O   1 
ATOM   709 C  CB  . PHE A 1 93  ? 9.875   -1.992  -0.306  1.00 13.37 ? 93  PHE A CB  1 
ATOM   710 C  CG  . PHE A 1 93  ? 9.765   -1.551  1.129   1.00 12.97 ? 93  PHE A CG  1 
ATOM   711 C  CD1 . PHE A 1 93  ? 9.315   -0.273  1.446   1.00 13.77 ? 93  PHE A CD1 1 
ATOM   712 C  CD2 . PHE A 1 93  ? 10.150  -2.399  2.161   1.00 13.20 ? 93  PHE A CD2 1 
ATOM   713 C  CE1 . PHE A 1 93  ? 9.251   0.155   2.774   1.00 15.07 ? 93  PHE A CE1 1 
ATOM   714 C  CE2 . PHE A 1 93  ? 10.091  -1.980  3.492   1.00 13.27 ? 93  PHE A CE2 1 
ATOM   715 C  CZ  . PHE A 1 93  ? 9.641   -0.701  3.799   1.00 13.74 ? 93  PHE A CZ  1 
ATOM   716 N  N   . GLY A 1 94  ? 12.428  -3.780  -0.795  1.00 14.54 ? 94  GLY A N   1 
ATOM   717 C  CA  . GLY A 1 94  ? 13.426  -4.695  -0.268  1.00 14.70 ? 94  GLY A CA  1 
ATOM   718 C  C   . GLY A 1 94  ? 12.874  -5.702  0.719   1.00 15.00 ? 94  GLY A C   1 
ATOM   719 O  O   . GLY A 1 94  ? 11.709  -5.628  1.112   1.00 17.79 ? 94  GLY A O   1 
ATOM   720 N  N   . ASP A 1 95  ? 13.729  -6.633  1.137   1.00 15.71 ? 95  ASP A N   1 
ATOM   721 C  CA  . ASP A 1 95  ? 13.342  -7.687  2.068   1.00 16.68 ? 95  ASP A CA  1 
ATOM   722 C  C   . ASP A 1 95  ? 13.880  -7.468  3.481   1.00 15.30 ? 95  ASP A C   1 
ATOM   723 O  O   . ASP A 1 95  ? 13.814  -8.370  4.320   1.00 16.45 ? 95  ASP A O   1 
ATOM   724 C  CB  . ASP A 1 95  ? 13.846  -9.038  1.556   1.00 19.97 ? 95  ASP A CB  1 
ATOM   725 C  CG  . ASP A 1 95  ? 13.446  -9.308  0.120   1.00 24.13 ? 95  ASP A CG  1 
ATOM   726 O  OD1 . ASP A 1 95  ? 12.235  -9.255  -0.183  1.00 27.70 ? 95  ASP A OD1 1 
ATOM   727 O  OD2 . ASP A 1 95  ? 14.346  -9.582  -0.705  1.00 27.99 ? 95  ASP A OD2 1 
ATOM   728 N  N   . GLU A 1 96  ? 14.406  -6.276  3.741   1.00 14.61 ? 96  GLU A N   1 
ATOM   729 C  CA  . GLU A 1 96  ? 14.969  -5.944  5.046   1.00 14.07 ? 96  GLU A CA  1 
ATOM   730 C  C   . GLU A 1 96  ? 13.973  -5.262  5.984   1.00 14.13 ? 96  GLU A C   1 
ATOM   731 O  O   . GLU A 1 96  ? 13.203  -4.393  5.570   1.00 13.27 ? 96  GLU A O   1 
ATOM   732 C  CB  . GLU A 1 96  ? 16.179  -5.025  4.862   1.00 15.34 ? 96  GLU A CB  1 
ATOM   733 C  CG  . GLU A 1 96  ? 17.279  -5.599  3.992   1.00 18.29 ? 96  GLU A CG  1 
ATOM   734 C  CD  . GLU A 1 96  ? 18.105  -6.636  4.715   1.00 22.95 ? 96  GLU A CD  1 
ATOM   735 O  OE1 . GLU A 1 96  ? 18.651  -6.302  5.785   1.00 22.84 ? 96  GLU A OE1 1 
ATOM   736 O  OE2 . GLU A 1 96  ? 18.210  -7.777  4.219   1.00 24.47 ? 96  GLU A OE2 1 
ATOM   737 N  N   . GLY A 1 97  ? 14.003  -5.664  7.251   1.00 13.42 ? 97  GLY A N   1 
ATOM   738 C  CA  . GLY A 1 97  ? 13.131  -5.071  8.254   1.00 14.50 ? 97  GLY A CA  1 
ATOM   739 C  C   . GLY A 1 97  ? 11.641  -5.319  8.119   1.00 13.91 ? 97  GLY A C   1 
ATOM   740 O  O   . GLY A 1 97  ? 10.833  -4.471  8.497   1.00 17.08 ? 97  GLY A O   1 
ATOM   741 N  N   . LEU A 1 98  ? 11.266  -6.482  7.601   1.00 13.22 ? 98  LEU A N   1 
ATOM   742 C  CA  . LEU A 1 98  ? 9.857   -6.801  7.431   1.00 13.94 ? 98  LEU A CA  1 
ATOM   743 C  C   . LEU A 1 98  ? 9.352   -7.651  8.592   1.00 14.91 ? 98  LEU A C   1 
ATOM   744 O  O   . LEU A 1 98  ? 10.143  -8.257  9.317   1.00 16.34 ? 98  LEU A O   1 
ATOM   745 C  CB  . LEU A 1 98  ? 9.644   -7.558  6.115   1.00 13.74 ? 98  LEU A CB  1 
ATOM   746 C  CG  . LEU A 1 98  ? 10.171  -6.913  4.826   1.00 14.89 ? 98  LEU A CG  1 
ATOM   747 C  CD1 . LEU A 1 98  ? 9.821   -7.802  3.637   1.00 14.36 ? 98  LEU A CD1 1 
ATOM   748 C  CD2 . LEU A 1 98  ? 9.570   -5.526  4.653   1.00 18.54 ? 98  LEU A CD2 1 
ATOM   749 N  N   . GLU A 1 99  ? 8.036   -7.686  8.775   1.00 15.52 ? 99  GLU A N   1 
ATOM   750 C  CA  . GLU A 1 99  ? 7.441   -8.494  9.831   1.00 17.44 ? 99  GLU A CA  1 
ATOM   751 C  C   . GLU A 1 99  ? 7.134   -9.863  9.236   1.00 18.74 ? 99  GLU A C   1 
ATOM   752 O  O   . GLU A 1 99  ? 6.485   -9.961  8.196   1.00 18.30 ? 99  GLU A O   1 
ATOM   753 C  CB  . GLU A 1 99  ? 6.143   -7.862  10.343  1.00 20.40 ? 99  GLU A CB  1 
ATOM   754 C  CG  . GLU A 1 99  ? 6.316   -6.493  10.981  1.00 27.29 ? 99  GLU A CG  1 
ATOM   755 C  CD  . GLU A 1 99  ? 5.047   -5.998  11.652  1.00 31.37 ? 99  GLU A CD  1 
ATOM   756 O  OE1 . GLU A 1 99  ? 3.986   -5.988  10.988  1.00 33.24 ? 99  GLU A OE1 1 
ATOM   757 O  OE2 . GLU A 1 99  ? 5.110   -5.615  12.840  1.00 34.44 ? 99  GLU A OE2 1 
ATOM   758 N  N   . HIS A 1 100 ? 7.606   -10.917 9.891   1.00 18.97 ? 100 HIS A N   1 
ATOM   759 C  CA  . HIS A 1 100 ? 7.375   -12.268 9.400   1.00 22.81 ? 100 HIS A CA  1 
ATOM   760 C  C   . HIS A 1 100 ? 6.296   -12.977 10.209  1.00 23.96 ? 100 HIS A C   1 
ATOM   761 O  O   . HIS A 1 100 ? 5.940   -12.468 11.290  1.00 26.77 ? 100 HIS A O   1 
ATOM   762 C  CB  . HIS A 1 100 ? 8.683   -13.060 9.447   1.00 24.99 ? 100 HIS A CB  1 
ATOM   763 C  CG  . HIS A 1 100 ? 9.770   -12.473 8.602   1.00 27.59 ? 100 HIS A CG  1 
ATOM   764 N  ND1 . HIS A 1 100 ? 9.698   -12.427 7.226   1.00 30.38 ? 100 HIS A ND1 1 
ATOM   765 C  CD2 . HIS A 1 100 ? 10.938  -11.879 8.937   1.00 30.16 ? 100 HIS A CD2 1 
ATOM   766 C  CE1 . HIS A 1 100 ? 10.775  -11.829 6.751   1.00 31.29 ? 100 HIS A CE1 1 
ATOM   767 N  NE2 . HIS A 1 100 ? 11.545  -11.485 7.769   1.00 31.79 ? 100 HIS A NE2 1 
ATOM   768 O  OXT . HIS A 1 100 ? 5.821   -14.035 9.751   1.00 26.94 ? 100 HIS A OXT 1 
HETATM 769 NA NA  . NA  B 2 .   ? -5.758  -9.225  5.735   1.00 9.21  ? 101 NA  A NA  1 
HETATM 770 O  O   . HOH C 3 .   ? -15.242 5.945   -0.387  1.00 44.98 ? 102 HOH A O   1 
HETATM 771 O  O   . HOH C 3 .   ? -0.610  -23.930 3.000   1.00 45.46 ? 103 HOH A O   1 
HETATM 772 O  O   . HOH C 3 .   ? 12.113  7.162   -8.853  1.00 39.43 ? 104 HOH A O   1 
HETATM 773 O  O   . HOH C 3 .   ? 1.924   12.607  11.428  1.00 48.26 ? 105 HOH A O   1 
HETATM 774 O  O   . HOH C 3 .   ? 3.037   1.359   -13.121 1.00 29.80 ? 106 HOH A O   1 
HETATM 775 O  O   . HOH C 3 .   ? 16.113  4.564   2.402   1.00 35.72 ? 107 HOH A O   1 
HETATM 776 O  O   . HOH C 3 .   ? 4.702   -12.325 7.024   1.00 35.73 ? 108 HOH A O   1 
HETATM 777 O  O   . HOH C 3 .   ? -18.026 6.932   5.535   1.00 43.77 ? 109 HOH A O   1 
HETATM 778 O  O   . HOH C 3 .   ? -4.527  -14.127 4.223   1.00 37.75 ? 110 HOH A O   1 
HETATM 779 O  O   . HOH C 3 .   ? -5.729  8.888   -9.447  1.00 39.09 ? 111 HOH A O   1 
HETATM 780 O  O   . HOH C 3 .   ? -10.732 0.272   8.923   1.00 31.01 ? 112 HOH A O   1 
HETATM 781 O  O   . HOH C 3 .   ? -2.854  -8.992  -9.973  1.00 38.43 ? 113 HOH A O   1 
HETATM 782 O  O   . HOH C 3 .   ? -6.879  1.105   9.345   1.00 35.11 ? 114 HOH A O   1 
HETATM 783 O  O   . HOH C 3 .   ? -15.474 -15.977 -9.211  1.00 47.54 ? 115 HOH A O   1 
HETATM 784 O  O   . HOH C 3 .   ? 10.875  12.130  8.289   1.00 46.42 ? 116 HOH A O   1 
HETATM 785 O  O   . HOH C 3 .   ? 10.999  -7.857  -2.130  1.00 37.42 ? 117 HOH A O   1 
HETATM 786 O  O   . HOH C 3 .   ? 21.190  -7.271  6.090   1.00 42.21 ? 118 HOH A O   1 
HETATM 787 O  O   . HOH C 3 .   ? 2.214   -12.181 6.603   1.00 40.47 ? 119 HOH A O   1 
HETATM 788 O  O   . HOH C 3 .   ? -9.343  4.498   9.871   1.00 46.65 ? 120 HOH A O   1 
HETATM 789 O  O   . HOH C 3 .   ? 2.566   -13.256 11.378  1.00 42.27 ? 121 HOH A O   1 
HETATM 790 O  O   . HOH C 3 .   ? -19.083 4.242   5.888   1.00 35.45 ? 122 HOH A O   1 
HETATM 791 O  O   . HOH C 3 .   ? 6.539   -14.446 -3.228  1.00 31.65 ? 123 HOH A O   1 
HETATM 792 O  O   . HOH C 3 .   ? 2.807   12.090  5.627   1.00 39.80 ? 124 HOH A O   1 
HETATM 793 O  O   . HOH C 3 .   ? 3.633   -0.867  -5.317  1.00 9.99  ? 125 HOH A O   1 
HETATM 794 O  O   . HOH C 3 .   ? 18.293  -5.064  8.659   1.00 17.48 ? 126 HOH A O   1 
HETATM 795 O  O   . HOH C 3 .   ? 3.928   -4.810  2.953   1.00 12.74 ? 127 HOH A O   1 
HETATM 796 O  O   . HOH C 3 .   ? 13.071  -8.722  6.995   1.00 17.03 ? 128 HOH A O   1 
HETATM 797 O  O   . HOH C 3 .   ? 7.422   -10.165 1.124   1.00 20.20 ? 129 HOH A O   1 
HETATM 798 O  O   . HOH C 3 .   ? -2.714  -8.755  0.611   1.00 15.39 ? 130 HOH A O   1 
HETATM 799 O  O   . HOH C 3 .   ? -0.471  -5.254  10.334  1.00 21.56 ? 131 HOH A O   1 
HETATM 800 O  O   . HOH C 3 .   ? -3.858  9.474   -6.488  1.00 15.14 ? 132 HOH A O   1 
HETATM 801 O  O   . HOH C 3 .   ? 13.913  -3.469  2.900   1.00 18.05 ? 133 HOH A O   1 
HETATM 802 O  O   . HOH C 3 .   ? -11.098 17.004  7.164   1.00 15.03 ? 134 HOH A O   1 
HETATM 803 O  O   . HOH C 3 .   ? 10.427  3.773   -5.530  1.00 15.63 ? 135 HOH A O   1 
HETATM 804 O  O   . HOH C 3 .   ? -1.550  7.746   5.721   1.00 18.64 ? 136 HOH A O   1 
HETATM 805 O  O   . HOH C 3 .   ? -17.007 -2.442  -1.056  1.00 18.23 ? 137 HOH A O   1 
HETATM 806 O  O   . HOH C 3 .   ? -6.661  12.149  -3.059  1.00 19.34 ? 138 HOH A O   1 
HETATM 807 O  O   . HOH C 3 .   ? -3.951  0.772   6.304   1.00 17.99 ? 139 HOH A O   1 
HETATM 808 O  O   . HOH C 3 .   ? 15.874  -9.909  5.497   1.00 22.01 ? 140 HOH A O   1 
HETATM 809 O  O   . HOH C 3 .   ? 1.690   -4.985  11.893  1.00 24.82 ? 141 HOH A O   1 
HETATM 810 O  O   . HOH C 3 .   ? -4.622  -13.829 -1.683  1.00 22.43 ? 142 HOH A O   1 
HETATM 811 O  O   . HOH C 3 .   ? -7.922  -7.637  5.808   1.00 20.96 ? 143 HOH A O   1 
HETATM 812 O  O   . HOH C 3 .   ? 5.766   1.990   -10.086 1.00 20.43 ? 144 HOH A O   1 
HETATM 813 O  O   . HOH C 3 .   ? -7.603  -4.713  10.507  1.00 32.79 ? 145 HOH A O   1 
HETATM 814 O  O   . HOH C 3 .   ? -4.901  -7.384  7.775   1.00 40.01 ? 146 HOH A O   1 
HETATM 815 O  O   . HOH C 3 .   ? 0.967   12.985  -1.812  1.00 17.56 ? 147 HOH A O   1 
HETATM 816 O  O   . HOH C 3 .   ? 13.316  5.162   -3.955  1.00 25.64 ? 148 HOH A O   1 
HETATM 817 O  O   . HOH C 3 .   ? -12.070 11.227  0.722   1.00 27.70 ? 149 HOH A O   1 
HETATM 818 O  O   . HOH C 3 .   ? 13.185  9.047   -3.785  1.00 28.95 ? 150 HOH A O   1 
HETATM 819 O  O   . HOH C 3 .   ? 7.344   -0.640  -11.307 1.00 48.10 ? 151 HOH A O   1 
HETATM 820 O  O   . HOH C 3 .   ? -15.026 4.070   1.504   1.00 28.69 ? 152 HOH A O   1 
HETATM 821 O  O   . HOH C 3 .   ? 6.443   4.029   6.519   1.00 27.81 ? 153 HOH A O   1 
HETATM 822 O  O   . HOH C 3 .   ? -18.073 0.309   8.745   1.00 44.23 ? 154 HOH A O   1 
HETATM 823 O  O   . HOH C 3 .   ? -1.318  0.782   7.973   1.00 27.38 ? 155 HOH A O   1 
HETATM 824 O  O   . HOH C 3 .   ? 11.248  -2.518  10.540  1.00 20.64 ? 156 HOH A O   1 
HETATM 825 O  O   . HOH C 3 .   ? -12.690 3.558   -15.033 1.00 31.33 ? 157 HOH A O   1 
HETATM 826 O  O   . HOH C 3 .   ? 2.477   11.960  0.414   1.00 28.17 ? 158 HOH A O   1 
HETATM 827 O  O   . HOH C 3 .   ? 6.414   -9.377  -3.310  1.00 20.89 ? 159 HOH A O   1 
HETATM 828 O  O   . HOH C 3 .   ? -10.996 11.675  -1.425  1.00 33.23 ? 160 HOH A O   1 
HETATM 829 O  O   . HOH C 3 .   ? 3.718   -11.407 9.169   1.00 31.15 ? 161 HOH A O   1 
HETATM 830 O  O   . HOH C 3 .   ? -9.797  8.116   1.832   1.00 29.32 ? 162 HOH A O   1 
HETATM 831 O  O   . HOH C 3 .   ? -2.832  -9.432  -5.710  1.00 23.99 ? 163 HOH A O   1 
HETATM 832 O  O   . HOH C 3 .   ? 2.737   -6.262  -8.945  1.00 27.75 ? 164 HOH A O   1 
HETATM 833 O  O   . HOH C 3 .   ? 9.072   -8.440  -3.807  1.00 34.62 ? 165 HOH A O   1 
HETATM 834 O  O   . HOH C 3 .   ? 9.174   11.319  3.204   1.00 27.67 ? 166 HOH A O   1 
HETATM 835 O  O   . HOH C 3 .   ? -17.761 -2.429  -5.316  1.00 29.76 ? 167 HOH A O   1 
HETATM 836 O  O   . HOH C 3 .   ? -15.393 7.269   5.792   1.00 24.59 ? 168 HOH A O   1 
HETATM 837 O  O   . HOH C 3 .   ? -2.372  -11.166 1.897   1.00 25.81 ? 169 HOH A O   1 
HETATM 838 O  O   . HOH C 3 .   ? 2.590   -4.335  -10.687 1.00 29.77 ? 170 HOH A O   1 
HETATM 839 O  O   . HOH C 3 .   ? 4.310   -16.256 11.840  1.00 30.40 ? 171 HOH A O   1 
HETATM 840 O  O   . HOH C 3 .   ? -7.210  5.294   11.844  1.00 41.99 ? 172 HOH A O   1 
HETATM 841 O  O   . HOH C 3 .   ? 3.774   5.371   -9.276  1.00 30.51 ? 173 HOH A O   1 
HETATM 842 O  O   . HOH C 3 .   ? -4.893  9.272   -12.547 1.00 31.33 ? 174 HOH A O   1 
HETATM 843 O  O   . HOH C 3 .   ? 6.480   5.608   12.488  1.00 28.45 ? 175 HOH A O   1 
HETATM 844 O  O   . HOH C 3 .   ? 3.410   -15.018 9.651   1.00 35.20 ? 176 HOH A O   1 
HETATM 845 O  O   . HOH C 3 .   ? -12.922 3.302   8.169   1.00 28.11 ? 177 HOH A O   1 
HETATM 846 O  O   . HOH C 3 .   ? 5.867   -11.730 -4.485  1.00 29.42 ? 178 HOH A O   1 
HETATM 847 O  O   . HOH C 3 .   ? 6.813   -12.286 13.869  1.00 43.73 ? 179 HOH A O   1 
HETATM 848 O  O   . HOH C 3 .   ? -7.359  11.384  -8.432  1.00 36.03 ? 180 HOH A O   1 
HETATM 849 O  O   . HOH C 3 .   ? -13.966 -7.654  -4.582  1.00 34.57 ? 181 HOH A O   1 
HETATM 850 O  O   . HOH C 3 .   ? 15.399  -6.840  9.453   1.00 23.59 ? 182 HOH A O   1 
HETATM 851 O  O   . HOH C 3 .   ? -8.699  2.484   7.928   1.00 32.12 ? 183 HOH A O   1 
HETATM 852 O  O   . HOH C 3 .   ? 1.839   -20.259 3.295   1.00 36.52 ? 184 HOH A O   1 
HETATM 853 O  O   . HOH C 3 .   ? -0.411  -19.506 0.855   1.00 35.44 ? 185 HOH A O   1 
HETATM 854 O  O   . HOH C 3 .   ? -13.458 -13.099 -7.708  1.00 33.60 ? 186 HOH A O   1 
HETATM 855 O  O   . HOH C 3 .   ? -3.645  13.162  -9.145  1.00 23.42 ? 187 HOH A O   1 
HETATM 856 O  O   . HOH C 3 .   ? 16.538  -5.675  0.708   1.00 53.38 ? 188 HOH A O   1 
HETATM 857 O  O   . HOH C 3 .   ? 15.744  7.358   2.822   1.00 43.85 ? 189 HOH A O   1 
HETATM 858 O  O   . HOH C 3 .   ? -17.463 -10.713 -4.399  1.00 36.09 ? 190 HOH A O   1 
HETATM 859 O  O   . HOH C 3 .   ? 11.469  -9.625  5.176   1.00 24.42 ? 191 HOH A O   1 
HETATM 860 O  O   . HOH C 3 .   ? 1.347   -7.735  -6.697  1.00 17.52 ? 192 HOH A O   1 
HETATM 861 O  O   . HOH C 3 .   ? -5.144  11.867  -7.079  1.00 18.89 ? 193 HOH A O   1 
HETATM 862 O  O   . HOH C 3 .   ? -18.792 -0.375  -0.950  1.00 24.77 ? 194 HOH A O   1 
HETATM 863 O  O   . HOH C 3 .   ? -4.553  -12.757 1.026   1.00 36.06 ? 195 HOH A O   1 
HETATM 864 O  O   . HOH C 3 .   ? -1.264  -21.904 1.277   1.00 32.52 ? 196 HOH A O   1 
HETATM 865 O  O   . HOH C 3 .   ? 6.544   -16.287 10.729  1.00 38.38 ? 197 HOH A O   1 
HETATM 866 O  O   . HOH C 3 .   ? 6.651   -12.216 -1.660  1.00 25.02 ? 198 HOH A O   1 
HETATM 867 O  O   . HOH C 3 .   ? -6.420  13.807  -5.392  1.00 26.23 ? 199 HOH A O   1 
HETATM 868 O  O   . HOH C 3 .   ? 10.160  5.442   -8.725  1.00 34.62 ? 200 HOH A O   1 
HETATM 869 O  O   . HOH C 3 .   ? 9.520   -10.732 11.826  1.00 31.10 ? 201 HOH A O   1 
HETATM 870 O  O   . HOH C 3 .   ? 14.319  7.039   -5.521  1.00 40.70 ? 202 HOH A O   1 
HETATM 871 O  O   . HOH C 3 .   ? 9.707   -7.463  0.340   1.00 29.13 ? 203 HOH A O   1 
HETATM 872 O  O   . HOH C 3 .   ? -5.785  14.148  -10.926 1.00 39.05 ? 204 HOH A O   1 
HETATM 873 O  O   . HOH C 3 .   ? -18.525 -1.104  10.854  1.00 35.72 ? 205 HOH A O   1 
HETATM 874 O  O   . HOH C 3 .   ? 9.153   13.450  13.447  1.00 38.28 ? 206 HOH A O   1 
HETATM 875 O  O   . HOH C 3 .   ? -13.630 -10.195 -3.087  1.00 28.02 ? 207 HOH A O   1 
HETATM 876 O  O   . HOH C 3 .   ? -1.334  4.461   10.648  1.00 41.73 ? 208 HOH A O   1 
HETATM 877 O  O   . HOH C 3 .   ? 8.704   -15.290 6.150   1.00 30.99 ? 209 HOH A O   1 
HETATM 878 O  O   . HOH C 3 .   ? 5.625   0.929   -12.571 1.00 35.59 ? 210 HOH A O   1 
HETATM 879 O  O   . HOH C 3 .   ? 8.558   -11.807 -5.573  1.00 43.48 ? 211 HOH A O   1 
HETATM 880 O  O   . HOH C 3 .   ? 4.097   11.096  7.743   1.00 31.24 ? 212 HOH A O   1 
HETATM 881 O  O   . HOH C 3 .   ? 14.408  8.402   -7.985  1.00 35.57 ? 213 HOH A O   1 
HETATM 882 O  O   . HOH C 3 .   ? 7.021   9.104   -6.822  1.00 43.97 ? 214 HOH A O   1 
HETATM 883 O  O   . HOH C 3 .   ? -18.522 1.295   2.618   1.00 37.33 ? 215 HOH A O   1 
HETATM 884 O  O   . HOH C 3 .   ? 6.676   0.442   9.031   1.00 31.47 ? 216 HOH A O   1 
HETATM 885 O  O   . HOH C 3 .   ? 14.044  10.429  -1.611  1.00 39.92 ? 217 HOH A O   1 
HETATM 886 O  O   . HOH C 3 .   ? 7.004   -13.438 6.690   1.00 29.21 ? 218 HOH A O   1 
HETATM 887 O  O   . HOH C 3 .   ? -15.156 -12.210 -3.484  1.00 32.59 ? 219 HOH A O   1 
HETATM 888 O  O   . HOH C 3 .   ? -16.076 -14.131 -7.457  1.00 32.03 ? 220 HOH A O   1 
HETATM 889 O  O   . HOH C 3 .   ? 3.419   2.839   -10.985 1.00 38.24 ? 221 HOH A O   1 
HETATM 890 O  O   . HOH C 3 .   ? -15.216 3.134   6.987   1.00 44.01 ? 222 HOH A O   1 
HETATM 891 O  O   . HOH C 3 .   ? 5.105   12.498  0.318   1.00 43.15 ? 223 HOH A O   1 
HETATM 892 O  O   . HOH C 3 .   ? 1.904   -15.422 13.104  1.00 41.25 ? 224 HOH A O   1 
# 
